data_5KXF
# 
_entry.id   5KXF 
# 
_audit_conform.dict_name       mmcif_pdbx.dic 
_audit_conform.dict_version    5.398 
_audit_conform.dict_location   http://mmcif.pdb.org/dictionaries/ascii/mmcif_pdbx.dic 
# 
loop_
_database_2.database_id 
_database_2.database_code 
_database_2.pdbx_database_accession 
_database_2.pdbx_DOI 
PDB   5KXF         pdb_00005kxf 10.2210/pdb5kxf/pdb 
WWPDB D_1000222871 ?            ?                   
# 
loop_
_pdbx_audit_revision_history.ordinal 
_pdbx_audit_revision_history.data_content_type 
_pdbx_audit_revision_history.major_revision 
_pdbx_audit_revision_history.minor_revision 
_pdbx_audit_revision_history.revision_date 
1 'Structure model' 1 0 2016-10-12 
2 'Structure model' 1 1 2017-09-13 
3 'Structure model' 1 2 2019-12-25 
4 'Structure model' 1 3 2024-11-06 
# 
_pdbx_audit_revision_details.ordinal             1 
_pdbx_audit_revision_details.revision_ordinal    1 
_pdbx_audit_revision_details.data_content_type   'Structure model' 
_pdbx_audit_revision_details.provider            repository 
_pdbx_audit_revision_details.type                'Initial release' 
_pdbx_audit_revision_details.description         ? 
_pdbx_audit_revision_details.details             ? 
# 
loop_
_pdbx_audit_revision_group.ordinal 
_pdbx_audit_revision_group.revision_ordinal 
_pdbx_audit_revision_group.data_content_type 
_pdbx_audit_revision_group.group 
1 2 'Structure model' 'Author supporting evidence' 
2 2 'Structure model' 'Derived calculations'       
3 3 'Structure model' 'Author supporting evidence' 
4 4 'Structure model' 'Data collection'            
5 4 'Structure model' 'Database references'        
6 4 'Structure model' 'Structure summary'          
# 
loop_
_pdbx_audit_revision_category.ordinal 
_pdbx_audit_revision_category.revision_ordinal 
_pdbx_audit_revision_category.data_content_type 
_pdbx_audit_revision_category.category 
1 2 'Structure model' pdbx_audit_support          
2 2 'Structure model' pdbx_struct_oper_list       
3 3 'Structure model' pdbx_audit_support          
4 4 'Structure model' chem_comp_atom              
5 4 'Structure model' chem_comp_bond              
6 4 'Structure model' database_2                  
7 4 'Structure model' diffrn_radiation_wavelength 
8 4 'Structure model' pdbx_entry_details          
9 4 'Structure model' pdbx_modification_feature   
# 
loop_
_pdbx_audit_revision_item.ordinal 
_pdbx_audit_revision_item.revision_ordinal 
_pdbx_audit_revision_item.data_content_type 
_pdbx_audit_revision_item.item 
1 2 'Structure model' '_pdbx_audit_support.funding_organization'  
2 2 'Structure model' '_pdbx_struct_oper_list.symmetry_operation' 
3 3 'Structure model' '_pdbx_audit_support.funding_organization'  
4 4 'Structure model' '_database_2.pdbx_DOI'                      
5 4 'Structure model' '_database_2.pdbx_database_accession'       
# 
_pdbx_database_status.status_code                     REL 
_pdbx_database_status.status_code_sf                  REL 
_pdbx_database_status.status_code_mr                  ? 
_pdbx_database_status.entry_id                        5KXF 
_pdbx_database_status.recvd_initial_deposition_date   2016-07-20 
_pdbx_database_status.SG_entry                        N 
_pdbx_database_status.deposit_site                    RCSB 
_pdbx_database_status.process_site                    RCSB 
_pdbx_database_status.status_code_cs                  ? 
_pdbx_database_status.methods_development_category    ? 
_pdbx_database_status.pdb_format_compatible           Y 
_pdbx_database_status.status_code_nmr_data            ? 
# 
loop_
_audit_author.name 
_audit_author.pdbx_ordinal 
'Zhang, Y.' 1 
'Tong, L.'  2 
# 
_citation.abstract                  ? 
_citation.abstract_id_CAS           ? 
_citation.book_id_ISBN              ? 
_citation.book_publisher            ? 
_citation.book_publisher_city       ? 
_citation.book_title                ? 
_citation.coordinate_linkage        ? 
_citation.country                   US 
_citation.database_id_Medline       ? 
_citation.details                   ? 
_citation.id                        primary 
_citation.journal_abbrev            'Plos One' 
_citation.journal_id_ASTM           ? 
_citation.journal_id_CSD            ? 
_citation.journal_id_ISSN           1932-6203 
_citation.journal_full              ? 
_citation.journal_issue             ? 
_citation.journal_volume            11 
_citation.language                  ? 
_citation.page_first                e0160694 
_citation.page_last                 e0160694 
_citation.title                     'Crystal Structure of the SPOC Domain of the Arabidopsis Flowering Regulator FPA.' 
_citation.year                      2016 
_citation.database_id_CSD           ? 
_citation.pdbx_database_id_DOI      10.1371/journal.pone.0160694 
_citation.pdbx_database_id_PubMed   27513867 
_citation.unpublished_flag          ? 
# 
loop_
_citation_author.citation_id 
_citation_author.name 
_citation_author.ordinal 
_citation_author.identifier_ORCID 
primary 'Zhang, Y.'     1 ? 
primary 'Rataj, K.'     2 ? 
primary 'Simpson, G.G.' 3 ? 
primary 'Tong, L.'      4 ? 
# 
_entity.id                         1 
_entity.type                       polymer 
_entity.src_method                 man 
_entity.pdbx_description           'Flowering time control protein FPA' 
_entity.formula_weight             17328.109 
_entity.pdbx_number_of_molecules   1 
_entity.pdbx_ec                    ? 
_entity.pdbx_mutation              ? 
_entity.pdbx_fragment              'UNP residues 433-565' 
_entity.details                    ? 
# 
_entity_poly.entity_id                      1 
_entity_poly.type                           'polypeptide(L)' 
_entity_poly.nstd_linkage                   no 
_entity_poly.nstd_monomer                   yes 
_entity_poly.pdbx_seq_one_letter_code       
;(MSE)GSSHHHHHHSSGLVPRGSH(MSE)ASGPPDSDHIWRG(MSE)IAKGGTPVCCARCVP(MSE)GKGIETKLPEVVN
CSARTDLN(MSE)LAKHYAVAIGCEIVFFVPDREEDFASYTEFLRYLSSKDRAGVAKLDDGTTLFLVPPSDFLTDVLQVT
RQERLYGVVLKLPPPA
;
_entity_poly.pdbx_seq_one_letter_code_can   
;MGSSHHHHHHSSGLVPRGSHMASGPPDSDHIWRGMIAKGGTPVCCARCVPMGKGIETKLPEVVNCSARTDLNMLAKHYAV
AIGCEIVFFVPDREEDFASYTEFLRYLSSKDRAGVAKLDDGTTLFLVPPSDFLTDVLQVTRQERLYGVVLKLPPPA
;
_entity_poly.pdbx_strand_id                 A 
_entity_poly.pdbx_target_identifier         ? 
# 
loop_
_entity_poly_seq.entity_id 
_entity_poly_seq.num 
_entity_poly_seq.mon_id 
_entity_poly_seq.hetero 
1 1   MSE n 
1 2   GLY n 
1 3   SER n 
1 4   SER n 
1 5   HIS n 
1 6   HIS n 
1 7   HIS n 
1 8   HIS n 
1 9   HIS n 
1 10  HIS n 
1 11  SER n 
1 12  SER n 
1 13  GLY n 
1 14  LEU n 
1 15  VAL n 
1 16  PRO n 
1 17  ARG n 
1 18  GLY n 
1 19  SER n 
1 20  HIS n 
1 21  MSE n 
1 22  ALA n 
1 23  SER n 
1 24  GLY n 
1 25  PRO n 
1 26  PRO n 
1 27  ASP n 
1 28  SER n 
1 29  ASP n 
1 30  HIS n 
1 31  ILE n 
1 32  TRP n 
1 33  ARG n 
1 34  GLY n 
1 35  MSE n 
1 36  ILE n 
1 37  ALA n 
1 38  LYS n 
1 39  GLY n 
1 40  GLY n 
1 41  THR n 
1 42  PRO n 
1 43  VAL n 
1 44  CYS n 
1 45  CYS n 
1 46  ALA n 
1 47  ARG n 
1 48  CYS n 
1 49  VAL n 
1 50  PRO n 
1 51  MSE n 
1 52  GLY n 
1 53  LYS n 
1 54  GLY n 
1 55  ILE n 
1 56  GLU n 
1 57  THR n 
1 58  LYS n 
1 59  LEU n 
1 60  PRO n 
1 61  GLU n 
1 62  VAL n 
1 63  VAL n 
1 64  ASN n 
1 65  CYS n 
1 66  SER n 
1 67  ALA n 
1 68  ARG n 
1 69  THR n 
1 70  ASP n 
1 71  LEU n 
1 72  ASN n 
1 73  MSE n 
1 74  LEU n 
1 75  ALA n 
1 76  LYS n 
1 77  HIS n 
1 78  TYR n 
1 79  ALA n 
1 80  VAL n 
1 81  ALA n 
1 82  ILE n 
1 83  GLY n 
1 84  CYS n 
1 85  GLU n 
1 86  ILE n 
1 87  VAL n 
1 88  PHE n 
1 89  PHE n 
1 90  VAL n 
1 91  PRO n 
1 92  ASP n 
1 93  ARG n 
1 94  GLU n 
1 95  GLU n 
1 96  ASP n 
1 97  PHE n 
1 98  ALA n 
1 99  SER n 
1 100 TYR n 
1 101 THR n 
1 102 GLU n 
1 103 PHE n 
1 104 LEU n 
1 105 ARG n 
1 106 TYR n 
1 107 LEU n 
1 108 SER n 
1 109 SER n 
1 110 LYS n 
1 111 ASP n 
1 112 ARG n 
1 113 ALA n 
1 114 GLY n 
1 115 VAL n 
1 116 ALA n 
1 117 LYS n 
1 118 LEU n 
1 119 ASP n 
1 120 ASP n 
1 121 GLY n 
1 122 THR n 
1 123 THR n 
1 124 LEU n 
1 125 PHE n 
1 126 LEU n 
1 127 VAL n 
1 128 PRO n 
1 129 PRO n 
1 130 SER n 
1 131 ASP n 
1 132 PHE n 
1 133 LEU n 
1 134 THR n 
1 135 ASP n 
1 136 VAL n 
1 137 LEU n 
1 138 GLN n 
1 139 VAL n 
1 140 THR n 
1 141 ARG n 
1 142 GLN n 
1 143 GLU n 
1 144 ARG n 
1 145 LEU n 
1 146 TYR n 
1 147 GLY n 
1 148 VAL n 
1 149 VAL n 
1 150 LEU n 
1 151 LYS n 
1 152 LEU n 
1 153 PRO n 
1 154 PRO n 
1 155 PRO n 
1 156 ALA n 
# 
_entity_src_gen.entity_id                          1 
_entity_src_gen.pdbx_src_id                        1 
_entity_src_gen.pdbx_alt_source_flag               sample 
_entity_src_gen.pdbx_seq_type                      'Biological sequence' 
_entity_src_gen.pdbx_beg_seq_num                   1 
_entity_src_gen.pdbx_end_seq_num                   156 
_entity_src_gen.gene_src_common_name               'Mouse-ear cress' 
_entity_src_gen.gene_src_genus                     ? 
_entity_src_gen.pdbx_gene_src_gene                 'FPA, At2g43410, T1O24.15' 
_entity_src_gen.gene_src_species                   ? 
_entity_src_gen.gene_src_strain                    ? 
_entity_src_gen.gene_src_tissue                    ? 
_entity_src_gen.gene_src_tissue_fraction           ? 
_entity_src_gen.gene_src_details                   ? 
_entity_src_gen.pdbx_gene_src_fragment             ? 
_entity_src_gen.pdbx_gene_src_scientific_name      'Arabidopsis thaliana' 
_entity_src_gen.pdbx_gene_src_ncbi_taxonomy_id     3702 
_entity_src_gen.pdbx_gene_src_variant              ? 
_entity_src_gen.pdbx_gene_src_cell_line            ? 
_entity_src_gen.pdbx_gene_src_atcc                 ? 
_entity_src_gen.pdbx_gene_src_organ                ? 
_entity_src_gen.pdbx_gene_src_organelle            ? 
_entity_src_gen.pdbx_gene_src_cell                 ? 
_entity_src_gen.pdbx_gene_src_cellular_location    ? 
_entity_src_gen.host_org_common_name               ? 
_entity_src_gen.pdbx_host_org_scientific_name      'Escherichia coli' 
_entity_src_gen.pdbx_host_org_ncbi_taxonomy_id     562 
_entity_src_gen.host_org_genus                     ? 
_entity_src_gen.pdbx_host_org_gene                 ? 
_entity_src_gen.pdbx_host_org_organ                ? 
_entity_src_gen.host_org_species                   ? 
_entity_src_gen.pdbx_host_org_tissue               ? 
_entity_src_gen.pdbx_host_org_tissue_fraction      ? 
_entity_src_gen.pdbx_host_org_strain               ? 
_entity_src_gen.pdbx_host_org_variant              ? 
_entity_src_gen.pdbx_host_org_cell_line            ? 
_entity_src_gen.pdbx_host_org_atcc                 ? 
_entity_src_gen.pdbx_host_org_culture_collection   ? 
_entity_src_gen.pdbx_host_org_cell                 ? 
_entity_src_gen.pdbx_host_org_organelle            ? 
_entity_src_gen.pdbx_host_org_cellular_location    ? 
_entity_src_gen.pdbx_host_org_vector_type          ? 
_entity_src_gen.pdbx_host_org_vector               ? 
_entity_src_gen.host_org_details                   ? 
_entity_src_gen.expression_system_id               ? 
_entity_src_gen.plasmid_name                       ? 
_entity_src_gen.plasmid_details                    ? 
_entity_src_gen.pdbx_description                   ? 
# 
loop_
_chem_comp.id 
_chem_comp.type 
_chem_comp.mon_nstd_flag 
_chem_comp.name 
_chem_comp.pdbx_synonyms 
_chem_comp.formula 
_chem_comp.formula_weight 
ALA 'L-peptide linking' y ALANINE          ? 'C3 H7 N O2'     89.093  
ARG 'L-peptide linking' y ARGININE         ? 'C6 H15 N4 O2 1' 175.209 
ASN 'L-peptide linking' y ASPARAGINE       ? 'C4 H8 N2 O3'    132.118 
ASP 'L-peptide linking' y 'ASPARTIC ACID'  ? 'C4 H7 N O4'     133.103 
CYS 'L-peptide linking' y CYSTEINE         ? 'C3 H7 N O2 S'   121.158 
GLN 'L-peptide linking' y GLUTAMINE        ? 'C5 H10 N2 O3'   146.144 
GLU 'L-peptide linking' y 'GLUTAMIC ACID'  ? 'C5 H9 N O4'     147.129 
GLY 'peptide linking'   y GLYCINE          ? 'C2 H5 N O2'     75.067  
HIS 'L-peptide linking' y HISTIDINE        ? 'C6 H10 N3 O2 1' 156.162 
ILE 'L-peptide linking' y ISOLEUCINE       ? 'C6 H13 N O2'    131.173 
LEU 'L-peptide linking' y LEUCINE          ? 'C6 H13 N O2'    131.173 
LYS 'L-peptide linking' y LYSINE           ? 'C6 H15 N2 O2 1' 147.195 
MSE 'L-peptide linking' n SELENOMETHIONINE ? 'C5 H11 N O2 Se' 196.106 
PHE 'L-peptide linking' y PHENYLALANINE    ? 'C9 H11 N O2'    165.189 
PRO 'L-peptide linking' y PROLINE          ? 'C5 H9 N O2'     115.130 
SER 'L-peptide linking' y SERINE           ? 'C3 H7 N O3'     105.093 
THR 'L-peptide linking' y THREONINE        ? 'C4 H9 N O3'     119.119 
TRP 'L-peptide linking' y TRYPTOPHAN       ? 'C11 H12 N2 O2'  204.225 
TYR 'L-peptide linking' y TYROSINE         ? 'C9 H11 N O3'    181.189 
VAL 'L-peptide linking' y VALINE           ? 'C5 H11 N O2'    117.146 
# 
loop_
_pdbx_poly_seq_scheme.asym_id 
_pdbx_poly_seq_scheme.entity_id 
_pdbx_poly_seq_scheme.seq_id 
_pdbx_poly_seq_scheme.mon_id 
_pdbx_poly_seq_scheme.ndb_seq_num 
_pdbx_poly_seq_scheme.pdb_seq_num 
_pdbx_poly_seq_scheme.auth_seq_num 
_pdbx_poly_seq_scheme.pdb_mon_id 
_pdbx_poly_seq_scheme.auth_mon_id 
_pdbx_poly_seq_scheme.pdb_strand_id 
_pdbx_poly_seq_scheme.pdb_ins_code 
_pdbx_poly_seq_scheme.hetero 
A 1 1   MSE 1   410 ?   ?   ?   A . n 
A 1 2   GLY 2   411 ?   ?   ?   A . n 
A 1 3   SER 3   412 ?   ?   ?   A . n 
A 1 4   SER 4   413 ?   ?   ?   A . n 
A 1 5   HIS 5   414 ?   ?   ?   A . n 
A 1 6   HIS 6   415 ?   ?   ?   A . n 
A 1 7   HIS 7   416 ?   ?   ?   A . n 
A 1 8   HIS 8   417 ?   ?   ?   A . n 
A 1 9   HIS 9   418 ?   ?   ?   A . n 
A 1 10  HIS 10  419 ?   ?   ?   A . n 
A 1 11  SER 11  420 ?   ?   ?   A . n 
A 1 12  SER 12  421 ?   ?   ?   A . n 
A 1 13  GLY 13  422 ?   ?   ?   A . n 
A 1 14  LEU 14  423 ?   ?   ?   A . n 
A 1 15  VAL 15  424 ?   ?   ?   A . n 
A 1 16  PRO 16  425 ?   ?   ?   A . n 
A 1 17  ARG 17  426 ?   ?   ?   A . n 
A 1 18  GLY 18  427 ?   ?   ?   A . n 
A 1 19  SER 19  428 ?   ?   ?   A . n 
A 1 20  HIS 20  429 ?   ?   ?   A . n 
A 1 21  MSE 21  430 ?   ?   ?   A . n 
A 1 22  ALA 22  431 ?   ?   ?   A . n 
A 1 23  SER 23  432 ?   ?   ?   A . n 
A 1 24  GLY 24  433 ?   ?   ?   A . n 
A 1 25  PRO 25  434 ?   ?   ?   A . n 
A 1 26  PRO 26  435 ?   ?   ?   A . n 
A 1 27  ASP 27  436 ?   ?   ?   A . n 
A 1 28  SER 28  437 ?   ?   ?   A . n 
A 1 29  ASP 29  438 ?   ?   ?   A . n 
A 1 30  HIS 30  439 439 HIS HIS A . n 
A 1 31  ILE 31  440 440 ILE ILE A . n 
A 1 32  TRP 32  441 441 TRP TRP A . n 
A 1 33  ARG 33  442 442 ARG ARG A . n 
A 1 34  GLY 34  443 443 GLY GLY A . n 
A 1 35  MSE 35  444 444 MSE MSE A . n 
A 1 36  ILE 36  445 445 ILE ILE A . n 
A 1 37  ALA 37  446 446 ALA ALA A . n 
A 1 38  LYS 38  447 447 LYS LYS A . n 
A 1 39  GLY 39  448 448 GLY GLY A . n 
A 1 40  GLY 40  449 449 GLY GLY A . n 
A 1 41  THR 41  450 450 THR THR A . n 
A 1 42  PRO 42  451 451 PRO PRO A . n 
A 1 43  VAL 43  452 452 VAL VAL A . n 
A 1 44  CYS 44  453 453 CYS CYS A . n 
A 1 45  CYS 45  454 454 CYS CYS A . n 
A 1 46  ALA 46  455 455 ALA ALA A . n 
A 1 47  ARG 47  456 456 ARG ARG A . n 
A 1 48  CYS 48  457 457 CYS CYS A . n 
A 1 49  VAL 49  458 458 VAL VAL A . n 
A 1 50  PRO 50  459 459 PRO PRO A . n 
A 1 51  MSE 51  460 460 MSE MSE A . n 
A 1 52  GLY 52  461 ?   ?   ?   A . n 
A 1 53  LYS 53  462 ?   ?   ?   A . n 
A 1 54  GLY 54  463 ?   ?   ?   A . n 
A 1 55  ILE 55  464 ?   ?   ?   A . n 
A 1 56  GLU 56  465 465 GLU GLU A . n 
A 1 57  THR 57  466 466 THR THR A . n 
A 1 58  LYS 58  467 467 LYS LYS A . n 
A 1 59  LEU 59  468 468 LEU LEU A . n 
A 1 60  PRO 60  469 469 PRO PRO A . n 
A 1 61  GLU 61  470 470 GLU GLU A . n 
A 1 62  VAL 62  471 471 VAL VAL A . n 
A 1 63  VAL 63  472 472 VAL VAL A . n 
A 1 64  ASN 64  473 473 ASN ASN A . n 
A 1 65  CYS 65  474 474 CYS CYS A . n 
A 1 66  SER 66  475 475 SER SER A . n 
A 1 67  ALA 67  476 476 ALA ALA A . n 
A 1 68  ARG 68  477 477 ARG ARG A . n 
A 1 69  THR 69  478 478 THR THR A . n 
A 1 70  ASP 70  479 479 ASP ASP A . n 
A 1 71  LEU 71  480 480 LEU LEU A . n 
A 1 72  ASN 72  481 481 ASN ASN A . n 
A 1 73  MSE 73  482 482 MSE MSE A . n 
A 1 74  LEU 74  483 483 LEU LEU A . n 
A 1 75  ALA 75  484 484 ALA ALA A . n 
A 1 76  LYS 76  485 485 LYS LYS A . n 
A 1 77  HIS 77  486 486 HIS HIS A . n 
A 1 78  TYR 78  487 487 TYR TYR A . n 
A 1 79  ALA 79  488 488 ALA ALA A . n 
A 1 80  VAL 80  489 489 VAL VAL A . n 
A 1 81  ALA 81  490 490 ALA ALA A . n 
A 1 82  ILE 82  491 491 ILE ILE A . n 
A 1 83  GLY 83  492 492 GLY GLY A . n 
A 1 84  CYS 84  493 493 CYS CYS A . n 
A 1 85  GLU 85  494 494 GLU GLU A . n 
A 1 86  ILE 86  495 495 ILE ILE A . n 
A 1 87  VAL 87  496 496 VAL VAL A . n 
A 1 88  PHE 88  497 497 PHE PHE A . n 
A 1 89  PHE 89  498 498 PHE PHE A . n 
A 1 90  VAL 90  499 499 VAL VAL A . n 
A 1 91  PRO 91  500 500 PRO PRO A . n 
A 1 92  ASP 92  501 501 ASP ASP A . n 
A 1 93  ARG 93  502 502 ARG ARG A . n 
A 1 94  GLU 94  503 503 GLU GLU A . n 
A 1 95  GLU 95  504 504 GLU GLU A . n 
A 1 96  ASP 96  505 505 ASP ASP A . n 
A 1 97  PHE 97  506 506 PHE PHE A . n 
A 1 98  ALA 98  507 507 ALA ALA A . n 
A 1 99  SER 99  508 508 SER SER A . n 
A 1 100 TYR 100 509 509 TYR TYR A . n 
A 1 101 THR 101 510 510 THR THR A . n 
A 1 102 GLU 102 511 511 GLU GLU A . n 
A 1 103 PHE 103 512 512 PHE PHE A . n 
A 1 104 LEU 104 513 513 LEU LEU A . n 
A 1 105 ARG 105 514 514 ARG ARG A . n 
A 1 106 TYR 106 515 515 TYR TYR A . n 
A 1 107 LEU 107 516 516 LEU LEU A . n 
A 1 108 SER 108 517 517 SER SER A . n 
A 1 109 SER 109 518 518 SER SER A . n 
A 1 110 LYS 110 519 519 LYS LYS A . n 
A 1 111 ASP 111 520 520 ASP ASP A . n 
A 1 112 ARG 112 521 521 ARG ARG A . n 
A 1 113 ALA 113 522 522 ALA ALA A . n 
A 1 114 GLY 114 523 523 GLY GLY A . n 
A 1 115 VAL 115 524 524 VAL VAL A . n 
A 1 116 ALA 116 525 525 ALA ALA A . n 
A 1 117 LYS 117 526 526 LYS LYS A . n 
A 1 118 LEU 118 527 527 LEU LEU A . n 
A 1 119 ASP 119 528 528 ASP ASP A . n 
A 1 120 ASP 120 529 529 ASP ASP A . n 
A 1 121 GLY 121 530 530 GLY GLY A . n 
A 1 122 THR 122 531 531 THR THR A . n 
A 1 123 THR 123 532 532 THR THR A . n 
A 1 124 LEU 124 533 533 LEU LEU A . n 
A 1 125 PHE 125 534 534 PHE PHE A . n 
A 1 126 LEU 126 535 535 LEU LEU A . n 
A 1 127 VAL 127 536 536 VAL VAL A . n 
A 1 128 PRO 128 537 537 PRO PRO A . n 
A 1 129 PRO 129 538 538 PRO PRO A . n 
A 1 130 SER 130 539 539 SER SER A . n 
A 1 131 ASP 131 540 540 ASP ASP A . n 
A 1 132 PHE 132 541 541 PHE PHE A . n 
A 1 133 LEU 133 542 542 LEU LEU A . n 
A 1 134 THR 134 543 543 THR THR A . n 
A 1 135 ASP 135 544 544 ASP ASP A . n 
A 1 136 VAL 136 545 545 VAL VAL A . n 
A 1 137 LEU 137 546 546 LEU LEU A . n 
A 1 138 GLN 138 547 547 GLN GLN A . n 
A 1 139 VAL 139 548 548 VAL VAL A . n 
A 1 140 THR 140 549 549 THR THR A . n 
A 1 141 ARG 141 550 550 ARG ARG A . n 
A 1 142 GLN 142 551 551 GLN GLN A . n 
A 1 143 GLU 143 552 552 GLU GLU A . n 
A 1 144 ARG 144 553 553 ARG ARG A . n 
A 1 145 LEU 145 554 554 LEU LEU A . n 
A 1 146 TYR 146 555 555 TYR TYR A . n 
A 1 147 GLY 147 556 556 GLY GLY A . n 
A 1 148 VAL 148 557 557 VAL VAL A . n 
A 1 149 VAL 149 558 558 VAL VAL A . n 
A 1 150 LEU 150 559 559 LEU LEU A . n 
A 1 151 LYS 151 560 560 LYS LYS A . n 
A 1 152 LEU 152 561 561 LEU LEU A . n 
A 1 153 PRO 153 562 562 PRO PRO A . n 
A 1 154 PRO 154 563 563 PRO PRO A . n 
A 1 155 PRO 155 564 564 PRO PRO A . n 
A 1 156 ALA 156 565 565 ALA ALA A . n 
# 
loop_
_software.citation_id 
_software.classification 
_software.compiler_name 
_software.compiler_version 
_software.contact_author 
_software.contact_author_email 
_software.date 
_software.description 
_software.dependencies 
_software.hardware 
_software.language 
_software.location 
_software.mods 
_software.name 
_software.os 
_software.os_version 
_software.type 
_software.version 
_software.pdbx_ordinal 
? refinement       ? ? ? ? ? ? ? ? ? ? ? REFMAC    ? ? ? 5.7.0029 1 
? 'data reduction' ? ? ? ? ? ? ? ? ? ? ? HKL-2000  ? ? ? .        2 
? 'data scaling'   ? ? ? ? ? ? ? ? ? ? ? HKL-2000  ? ? ? .        3 
? phasing          ? ? ? ? ? ? ? ? ? ? ? autoSHARP ? ? ? .        4 
# 
_cell.angle_alpha                  90.00 
_cell.angle_alpha_esd              ? 
_cell.angle_beta                   90.00 
_cell.angle_beta_esd               ? 
_cell.angle_gamma                  120.00 
_cell.angle_gamma_esd              ? 
_cell.entry_id                     5KXF 
_cell.details                      ? 
_cell.formula_units_Z              ? 
_cell.length_a                     108.151 
_cell.length_a_esd                 ? 
_cell.length_b                     108.151 
_cell.length_b_esd                 ? 
_cell.length_c                     34.208 
_cell.length_c_esd                 ? 
_cell.volume                       ? 
_cell.volume_esd                   ? 
_cell.Z_PDB                        6 
_cell.reciprocal_angle_alpha       ? 
_cell.reciprocal_angle_beta        ? 
_cell.reciprocal_angle_gamma       ? 
_cell.reciprocal_angle_alpha_esd   ? 
_cell.reciprocal_angle_beta_esd    ? 
_cell.reciprocal_angle_gamma_esd   ? 
_cell.reciprocal_length_a          ? 
_cell.reciprocal_length_b          ? 
_cell.reciprocal_length_c          ? 
_cell.reciprocal_length_a_esd      ? 
_cell.reciprocal_length_b_esd      ? 
_cell.reciprocal_length_c_esd      ? 
_cell.pdbx_unique_axis             ? 
# 
_symmetry.entry_id                         5KXF 
_symmetry.cell_setting                     ? 
_symmetry.Int_Tables_number                170 
_symmetry.space_group_name_Hall            ? 
_symmetry.space_group_name_H-M             'P 65' 
_symmetry.pdbx_full_space_group_name_H-M   ? 
# 
_exptl.absorpt_coefficient_mu     ? 
_exptl.absorpt_correction_T_max   ? 
_exptl.absorpt_correction_T_min   ? 
_exptl.absorpt_correction_type    ? 
_exptl.absorpt_process_details    ? 
_exptl.entry_id                   5KXF 
_exptl.crystals_number            1 
_exptl.details                    ? 
_exptl.method                     'X-RAY DIFFRACTION' 
_exptl.method_details             ? 
# 
_exptl_crystal.colour                      ? 
_exptl_crystal.density_diffrn              ? 
_exptl_crystal.density_Matthews            3.33 
_exptl_crystal.density_method              ? 
_exptl_crystal.density_percent_sol         68.54 
_exptl_crystal.description                 ? 
_exptl_crystal.F_000                       ? 
_exptl_crystal.id                          1 
_exptl_crystal.preparation                 ? 
_exptl_crystal.size_max                    ? 
_exptl_crystal.size_mid                    ? 
_exptl_crystal.size_min                    ? 
_exptl_crystal.size_rad                    ? 
_exptl_crystal.colour_lustre               ? 
_exptl_crystal.colour_modifier             ? 
_exptl_crystal.colour_primary              ? 
_exptl_crystal.density_meas                ? 
_exptl_crystal.density_meas_esd            ? 
_exptl_crystal.density_meas_gt             ? 
_exptl_crystal.density_meas_lt             ? 
_exptl_crystal.density_meas_temp           ? 
_exptl_crystal.density_meas_temp_esd       ? 
_exptl_crystal.density_meas_temp_gt        ? 
_exptl_crystal.density_meas_temp_lt        ? 
_exptl_crystal.pdbx_crystal_image_url      ? 
_exptl_crystal.pdbx_crystal_image_format   ? 
_exptl_crystal.pdbx_mosaicity              ? 
_exptl_crystal.pdbx_mosaicity_esd          ? 
# 
_exptl_crystal_grow.apparatus       ? 
_exptl_crystal_grow.atmosphere      ? 
_exptl_crystal_grow.crystal_id      1 
_exptl_crystal_grow.details         ? 
_exptl_crystal_grow.method          'VAPOR DIFFUSION, SITTING DROP' 
_exptl_crystal_grow.method_ref      ? 
_exptl_crystal_grow.pH              ? 
_exptl_crystal_grow.pressure        ? 
_exptl_crystal_grow.pressure_esd    ? 
_exptl_crystal_grow.seeding         ? 
_exptl_crystal_grow.seeding_ref     ? 
_exptl_crystal_grow.temp            293 
_exptl_crystal_grow.temp_details    ? 
_exptl_crystal_grow.temp_esd        ? 
_exptl_crystal_grow.time            ? 
_exptl_crystal_grow.pdbx_details    'magnesium sulfate, PEG 3350' 
_exptl_crystal_grow.pdbx_pH_range   ? 
# 
_diffrn.ambient_environment    ? 
_diffrn.ambient_temp           100 
_diffrn.ambient_temp_details   ? 
_diffrn.ambient_temp_esd       ? 
_diffrn.crystal_id             1 
_diffrn.crystal_support        ? 
_diffrn.crystal_treatment      ? 
_diffrn.details                ? 
_diffrn.id                     1 
_diffrn.ambient_pressure       ? 
_diffrn.ambient_pressure_esd   ? 
_diffrn.ambient_pressure_gt    ? 
_diffrn.ambient_pressure_lt    ? 
_diffrn.ambient_temp_gt        ? 
_diffrn.ambient_temp_lt        ? 
# 
_diffrn_detector.details                      ? 
_diffrn_detector.detector                     CCD 
_diffrn_detector.diffrn_id                    1 
_diffrn_detector.type                         'ADSC QUANTUM 315r' 
_diffrn_detector.area_resol_mean              ? 
_diffrn_detector.dtime                        ? 
_diffrn_detector.pdbx_frames_total            ? 
_diffrn_detector.pdbx_collection_time_total   ? 
_diffrn_detector.pdbx_collection_date         2014-04-01 
# 
_diffrn_radiation.collimation                      ? 
_diffrn_radiation.diffrn_id                        1 
_diffrn_radiation.filter_edge                      ? 
_diffrn_radiation.inhomogeneity                    ? 
_diffrn_radiation.monochromator                    ? 
_diffrn_radiation.polarisn_norm                    ? 
_diffrn_radiation.polarisn_ratio                   ? 
_diffrn_radiation.probe                            ? 
_diffrn_radiation.type                             ? 
_diffrn_radiation.xray_symbol                      ? 
_diffrn_radiation.wavelength_id                    1 
_diffrn_radiation.pdbx_monochromatic_or_laue_m_l   M 
_diffrn_radiation.pdbx_wavelength_list             ? 
_diffrn_radiation.pdbx_wavelength                  ? 
_diffrn_radiation.pdbx_diffrn_protocol             'SINGLE WAVELENGTH' 
_diffrn_radiation.pdbx_analyzer                    ? 
_diffrn_radiation.pdbx_scattering_type             x-ray 
# 
_diffrn_radiation_wavelength.id           1 
_diffrn_radiation_wavelength.wavelength   1.0 
_diffrn_radiation_wavelength.wt           1.0 
# 
_diffrn_source.current                     ? 
_diffrn_source.details                     ? 
_diffrn_source.diffrn_id                   1 
_diffrn_source.power                       ? 
_diffrn_source.size                        ? 
_diffrn_source.source                      SYNCHROTRON 
_diffrn_source.target                      ? 
_diffrn_source.type                        'NSLS BEAMLINE X29A' 
_diffrn_source.voltage                     ? 
_diffrn_source.take-off_angle              ? 
_diffrn_source.pdbx_wavelength_list        1.0 
_diffrn_source.pdbx_wavelength             ? 
_diffrn_source.pdbx_synchrotron_beamline   X29A 
_diffrn_source.pdbx_synchrotron_site       NSLS 
# 
_reflns.B_iso_Wilson_estimate            ? 
_reflns.entry_id                         5KXF 
_reflns.data_reduction_details           ? 
_reflns.data_reduction_method            ? 
_reflns.d_resolution_high                2.7 
_reflns.d_resolution_low                 28.91 
_reflns.details                          ? 
_reflns.limit_h_max                      ? 
_reflns.limit_h_min                      ? 
_reflns.limit_k_max                      ? 
_reflns.limit_k_min                      ? 
_reflns.limit_l_max                      ? 
_reflns.limit_l_min                      ? 
_reflns.number_all                       ? 
_reflns.number_obs                       6505 
_reflns.observed_criterion               ? 
_reflns.observed_criterion_F_max         ? 
_reflns.observed_criterion_F_min         ? 
_reflns.observed_criterion_I_max         ? 
_reflns.observed_criterion_I_min         ? 
_reflns.observed_criterion_sigma_F       ? 
_reflns.observed_criterion_sigma_I       ? 
_reflns.percent_possible_obs             100 
_reflns.R_free_details                   ? 
_reflns.Rmerge_F_all                     ? 
_reflns.Rmerge_F_obs                     ? 
_reflns.Friedel_coverage                 ? 
_reflns.number_gt                        ? 
_reflns.threshold_expression             ? 
_reflns.pdbx_redundancy                  12 
_reflns.pdbx_Rmerge_I_obs                0.105 
_reflns.pdbx_Rmerge_I_all                ? 
_reflns.pdbx_Rsym_value                  ? 
_reflns.pdbx_netI_over_av_sigmaI         ? 
_reflns.pdbx_netI_over_sigmaI            24.11 
_reflns.pdbx_res_netI_over_av_sigmaI_2   ? 
_reflns.pdbx_res_netI_over_sigmaI_2      ? 
_reflns.pdbx_chi_squared                 ? 
_reflns.pdbx_scaling_rejects             ? 
_reflns.pdbx_d_res_high_opt              ? 
_reflns.pdbx_d_res_low_opt               ? 
_reflns.pdbx_d_res_opt_method            ? 
_reflns.phase_calculation_details        ? 
_reflns.pdbx_Rrim_I_all                  ? 
_reflns.pdbx_Rpim_I_all                  ? 
_reflns.pdbx_d_opt                       ? 
_reflns.pdbx_number_measured_all         ? 
_reflns.pdbx_diffrn_id                   1 
_reflns.pdbx_ordinal                     1 
_reflns.pdbx_CC_half                     ? 
_reflns.pdbx_R_split                     ? 
# 
_reflns_shell.d_res_high                  2.70 
_reflns_shell.d_res_low                   2.80 
_reflns_shell.meanI_over_sigI_all         ? 
_reflns_shell.meanI_over_sigI_obs         6.33 
_reflns_shell.number_measured_all         ? 
_reflns_shell.number_measured_obs         ? 
_reflns_shell.number_possible             ? 
_reflns_shell.number_unique_all           ? 
_reflns_shell.number_unique_obs           ? 
_reflns_shell.percent_possible_all        100 
_reflns_shell.percent_possible_obs        ? 
_reflns_shell.Rmerge_F_all                ? 
_reflns_shell.Rmerge_F_obs                ? 
_reflns_shell.Rmerge_I_all                ? 
_reflns_shell.Rmerge_I_obs                0.453 
_reflns_shell.meanI_over_sigI_gt          ? 
_reflns_shell.meanI_over_uI_all           ? 
_reflns_shell.meanI_over_uI_gt            ? 
_reflns_shell.number_measured_gt          ? 
_reflns_shell.number_unique_gt            ? 
_reflns_shell.percent_possible_gt         ? 
_reflns_shell.Rmerge_F_gt                 ? 
_reflns_shell.Rmerge_I_gt                 ? 
_reflns_shell.pdbx_redundancy             12.3 
_reflns_shell.pdbx_Rsym_value             ? 
_reflns_shell.pdbx_chi_squared            ? 
_reflns_shell.pdbx_netI_over_sigmaI_all   ? 
_reflns_shell.pdbx_netI_over_sigmaI_obs   ? 
_reflns_shell.pdbx_Rrim_I_all             ? 
_reflns_shell.pdbx_Rpim_I_all             ? 
_reflns_shell.pdbx_rejects                ? 
_reflns_shell.pdbx_ordinal                1 
_reflns_shell.pdbx_diffrn_id              1 
_reflns_shell.pdbx_CC_half                0.949 
_reflns_shell.pdbx_R_split                ? 
# 
_refine.aniso_B[1][1]                            -0.02 
_refine.aniso_B[1][2]                            -0.02 
_refine.aniso_B[1][3]                            -0.00 
_refine.aniso_B[2][2]                            -0.02 
_refine.aniso_B[2][3]                            -0.00 
_refine.aniso_B[3][3]                            0.08 
_refine.B_iso_max                                ? 
_refine.B_iso_mean                               36.543 
_refine.B_iso_min                                ? 
_refine.correlation_coeff_Fo_to_Fc               0.934 
_refine.correlation_coeff_Fo_to_Fc_free          0.890 
_refine.details                                  'HYDROGENS HAVE BEEN ADDED IN THE RIDING POSITIONS' 
_refine.diff_density_max                         ? 
_refine.diff_density_max_esd                     ? 
_refine.diff_density_min                         ? 
_refine.diff_density_min_esd                     ? 
_refine.diff_density_rms                         ? 
_refine.diff_density_rms_esd                     ? 
_refine.entry_id                                 5KXF 
_refine.pdbx_refine_id                           'X-RAY DIFFRACTION' 
_refine.ls_abs_structure_details                 ? 
_refine.ls_abs_structure_Flack                   ? 
_refine.ls_abs_structure_Flack_esd               ? 
_refine.ls_abs_structure_Rogers                  ? 
_refine.ls_abs_structure_Rogers_esd              ? 
_refine.ls_d_res_high                            2.70 
_refine.ls_d_res_low                             28.91 
_refine.ls_extinction_coef                       ? 
_refine.ls_extinction_coef_esd                   ? 
_refine.ls_extinction_expression                 ? 
_refine.ls_extinction_method                     ? 
_refine.ls_goodness_of_fit_all                   ? 
_refine.ls_goodness_of_fit_all_esd               ? 
_refine.ls_goodness_of_fit_obs                   ? 
_refine.ls_goodness_of_fit_obs_esd               ? 
_refine.ls_hydrogen_treatment                    ? 
_refine.ls_matrix_type                           ? 
_refine.ls_number_constraints                    ? 
_refine.ls_number_parameters                     ? 
_refine.ls_number_reflns_all                     ? 
_refine.ls_number_reflns_obs                     5847 
_refine.ls_number_reflns_R_free                  643 
_refine.ls_number_reflns_R_work                  ? 
_refine.ls_number_restraints                     ? 
_refine.ls_percent_reflns_obs                    99.89 
_refine.ls_percent_reflns_R_free                 9.9 
_refine.ls_R_factor_all                          ? 
_refine.ls_R_factor_obs                          0.19786 
_refine.ls_R_factor_R_free                       0.25395 
_refine.ls_R_factor_R_free_error                 ? 
_refine.ls_R_factor_R_free_error_details         ? 
_refine.ls_R_factor_R_work                       0.19189 
_refine.ls_R_Fsqd_factor_obs                     ? 
_refine.ls_R_I_factor_obs                        ? 
_refine.ls_redundancy_reflns_all                 ? 
_refine.ls_redundancy_reflns_obs                 ? 
_refine.ls_restrained_S_all                      ? 
_refine.ls_restrained_S_obs                      ? 
_refine.ls_shift_over_esd_max                    ? 
_refine.ls_shift_over_esd_mean                   ? 
_refine.ls_structure_factor_coef                 ? 
_refine.ls_weighting_details                     ? 
_refine.ls_weighting_scheme                      ? 
_refine.ls_wR_factor_all                         ? 
_refine.ls_wR_factor_obs                         ? 
_refine.ls_wR_factor_R_free                      ? 
_refine.ls_wR_factor_R_work                      ? 
_refine.occupancy_max                            ? 
_refine.occupancy_min                            ? 
_refine.solvent_model_details                    ? 
_refine.solvent_model_param_bsol                 ? 
_refine.solvent_model_param_ksol                 ? 
_refine.ls_R_factor_gt                           ? 
_refine.ls_goodness_of_fit_gt                    ? 
_refine.ls_goodness_of_fit_ref                   ? 
_refine.ls_shift_over_su_max                     ? 
_refine.ls_shift_over_su_max_lt                  ? 
_refine.ls_shift_over_su_mean                    ? 
_refine.ls_shift_over_su_mean_lt                 ? 
_refine.pdbx_ls_sigma_I                          ? 
_refine.pdbx_ls_sigma_F                          ? 
_refine.pdbx_ls_sigma_Fsqd                       ? 
_refine.pdbx_data_cutoff_high_absF               ? 
_refine.pdbx_data_cutoff_high_rms_absF           ? 
_refine.pdbx_data_cutoff_low_absF                ? 
_refine.pdbx_isotropic_thermal_model             ? 
_refine.pdbx_ls_cross_valid_method               THROUGHOUT 
_refine.pdbx_method_to_determine_struct          SAD 
_refine.pdbx_starting_model                      ? 
_refine.pdbx_stereochemistry_target_values       ? 
_refine.pdbx_R_Free_selection_details            RANDOM 
_refine.pdbx_stereochem_target_val_spec_case     ? 
_refine.pdbx_overall_ESU_R                       0.371 
_refine.pdbx_overall_ESU_R_Free                  0.288 
_refine.pdbx_solvent_vdw_probe_radii             1.20 
_refine.pdbx_solvent_ion_probe_radii             0.80 
_refine.pdbx_solvent_shrinkage_radii             0.80 
_refine.pdbx_real_space_R                        ? 
_refine.pdbx_density_correlation                 ? 
_refine.pdbx_pd_number_of_powder_patterns        ? 
_refine.pdbx_pd_number_of_points                 ? 
_refine.pdbx_pd_meas_number_of_points            ? 
_refine.pdbx_pd_proc_ls_prof_R_factor            ? 
_refine.pdbx_pd_proc_ls_prof_wR_factor           ? 
_refine.pdbx_pd_Marquardt_correlation_coeff      ? 
_refine.pdbx_pd_Fsqrd_R_factor                   ? 
_refine.pdbx_pd_ls_matrix_band_width             ? 
_refine.pdbx_overall_phase_error                 ? 
_refine.pdbx_overall_SU_R_free_Cruickshank_DPI   ? 
_refine.pdbx_overall_SU_R_free_Blow_DPI          ? 
_refine.pdbx_overall_SU_R_Blow_DPI               ? 
_refine.pdbx_TLS_residual_ADP_flag               ? 
_refine.pdbx_diffrn_id                           1 
_refine.overall_SU_B                             8.675 
_refine.overall_SU_ML                            0.181 
_refine.overall_SU_R_Cruickshank_DPI             ? 
_refine.overall_SU_R_free                        ? 
_refine.overall_FOM_free_R_set                   ? 
_refine.overall_FOM_work_R_set                   ? 
_refine.pdbx_average_fsc_overall                 ? 
_refine.pdbx_average_fsc_work                    ? 
_refine.pdbx_average_fsc_free                    ? 
# 
_refine_hist.pdbx_refine_id                   'X-RAY DIFFRACTION' 
_refine_hist.cycle_id                         1 
_refine_hist.pdbx_number_atoms_protein        959 
_refine_hist.pdbx_number_atoms_nucleic_acid   0 
_refine_hist.pdbx_number_atoms_ligand         0 
_refine_hist.number_atoms_solvent             0 
_refine_hist.number_atoms_total               959 
_refine_hist.d_res_high                       2.70 
_refine_hist.d_res_low                        28.91 
# 
loop_
_refine_ls_restr.pdbx_refine_id 
_refine_ls_restr.criterion 
_refine_ls_restr.dev_ideal 
_refine_ls_restr.dev_ideal_target 
_refine_ls_restr.number 
_refine_ls_restr.rejects 
_refine_ls_restr.type 
_refine_ls_restr.weight 
_refine_ls_restr.pdbx_restraint_function 
'X-RAY DIFFRACTION' ? 0.017  0.019  980  ? r_bond_refined_d             ? ? 
'X-RAY DIFFRACTION' ? 0.001  0.020  951  ? r_bond_other_d               ? ? 
'X-RAY DIFFRACTION' ? 1.927  1.995  1331 ? r_angle_refined_deg          ? ? 
'X-RAY DIFFRACTION' ? 0.821  3.000  2191 ? r_angle_other_deg            ? ? 
'X-RAY DIFFRACTION' ? 6.556  5.000  121  ? r_dihedral_angle_1_deg       ? ? 
'X-RAY DIFFRACTION' ? 31.916 22.750 40   ? r_dihedral_angle_2_deg       ? ? 
'X-RAY DIFFRACTION' ? 17.739 15.000 154  ? r_dihedral_angle_3_deg       ? ? 
'X-RAY DIFFRACTION' ? 13.684 15.000 8    ? r_dihedral_angle_4_deg       ? ? 
'X-RAY DIFFRACTION' ? 0.085  0.200  154  ? r_chiral_restr               ? ? 
'X-RAY DIFFRACTION' ? 0.009  0.021  1076 ? r_gen_planes_refined         ? ? 
'X-RAY DIFFRACTION' ? 0.001  0.020  212  ? r_gen_planes_other           ? ? 
'X-RAY DIFFRACTION' ? ?      ?      ?    ? r_nbd_refined                ? ? 
'X-RAY DIFFRACTION' ? ?      ?      ?    ? r_nbd_other                  ? ? 
'X-RAY DIFFRACTION' ? ?      ?      ?    ? r_nbtor_refined              ? ? 
'X-RAY DIFFRACTION' ? ?      ?      ?    ? r_nbtor_other                ? ? 
'X-RAY DIFFRACTION' ? ?      ?      ?    ? r_xyhbond_nbd_refined        ? ? 
'X-RAY DIFFRACTION' ? ?      ?      ?    ? r_xyhbond_nbd_other          ? ? 
'X-RAY DIFFRACTION' ? ?      ?      ?    ? r_metal_ion_refined          ? ? 
'X-RAY DIFFRACTION' ? ?      ?      ?    ? r_metal_ion_other            ? ? 
'X-RAY DIFFRACTION' ? ?      ?      ?    ? r_symmetry_vdw_refined       ? ? 
'X-RAY DIFFRACTION' ? ?      ?      ?    ? r_symmetry_vdw_other         ? ? 
'X-RAY DIFFRACTION' ? ?      ?      ?    ? r_symmetry_hbond_refined     ? ? 
'X-RAY DIFFRACTION' ? ?      ?      ?    ? r_symmetry_hbond_other       ? ? 
'X-RAY DIFFRACTION' ? ?      ?      ?    ? r_symmetry_metal_ion_refined ? ? 
'X-RAY DIFFRACTION' ? ?      ?      ?    ? r_symmetry_metal_ion_other   ? ? 
'X-RAY DIFFRACTION' ? ?      ?      ?    ? r_mcbond_it                  ? ? 
'X-RAY DIFFRACTION' ? ?      ?      ?    ? r_mcbond_other               ? ? 
'X-RAY DIFFRACTION' ? ?      ?      ?    ? r_mcangle_it                 ? ? 
'X-RAY DIFFRACTION' ? ?      ?      ?    ? r_mcangle_other              ? ? 
'X-RAY DIFFRACTION' ? ?      ?      ?    ? r_scbond_it                  ? ? 
'X-RAY DIFFRACTION' ? ?      ?      ?    ? r_scbond_other               ? ? 
'X-RAY DIFFRACTION' ? ?      ?      ?    ? r_scangle_it                 ? ? 
'X-RAY DIFFRACTION' ? ?      ?      ?    ? r_scangle_other              ? ? 
'X-RAY DIFFRACTION' ? ?      ?      ?    ? r_long_range_B_refined       ? ? 
'X-RAY DIFFRACTION' ? ?      ?      ?    ? r_long_range_B_other         ? ? 
'X-RAY DIFFRACTION' ? ?      ?      ?    ? r_rigid_bond_restr           ? ? 
'X-RAY DIFFRACTION' ? ?      ?      ?    ? r_sphericity_free            ? ? 
'X-RAY DIFFRACTION' ? ?      ?      ?    ? r_sphericity_bonded          ? ? 
# 
_refine_ls_shell.pdbx_refine_id                   'X-RAY DIFFRACTION' 
_refine_ls_shell.d_res_high                       2.703 
_refine_ls_shell.d_res_low                        2.772 
_refine_ls_shell.number_reflns_all                ? 
_refine_ls_shell.number_reflns_obs                ? 
_refine_ls_shell.number_reflns_R_free             44 
_refine_ls_shell.number_reflns_R_work             431 
_refine_ls_shell.percent_reflns_obs               100.00 
_refine_ls_shell.percent_reflns_R_free            ? 
_refine_ls_shell.R_factor_all                     ? 
_refine_ls_shell.R_factor_obs                     ? 
_refine_ls_shell.R_factor_R_free                  0.354 
_refine_ls_shell.R_factor_R_free_error            ? 
_refine_ls_shell.R_factor_R_work                  0.250 
_refine_ls_shell.redundancy_reflns_all            ? 
_refine_ls_shell.redundancy_reflns_obs            ? 
_refine_ls_shell.wR_factor_all                    ? 
_refine_ls_shell.wR_factor_obs                    ? 
_refine_ls_shell.wR_factor_R_free                 ? 
_refine_ls_shell.wR_factor_R_work                 ? 
_refine_ls_shell.pdbx_total_number_of_bins_used   20 
_refine_ls_shell.pdbx_phase_error                 ? 
_refine_ls_shell.pdbx_fsc_work                    ? 
_refine_ls_shell.pdbx_fsc_free                    ? 
# 
_struct.entry_id                     5KXF 
_struct.title                        'Crystal structure of the SPOC domain of the Arabidopsis flowering regulator FPA' 
_struct.pdbx_model_details           ? 
_struct.pdbx_formula_weight          ? 
_struct.pdbx_formula_weight_method   ? 
_struct.pdbx_model_type_details      ? 
_struct.pdbx_CASP_flag               N 
# 
_struct_keywords.entry_id        5KXF 
_struct_keywords.text            'SPOC domain Arabidopsis flowering regulator, RNA BINDING PROTEIN' 
_struct_keywords.pdbx_keywords   'RNA BINDING PROTEIN' 
# 
_struct_asym.id                            A 
_struct_asym.pdbx_blank_PDB_chainid_flag   N 
_struct_asym.pdbx_modified                 N 
_struct_asym.entity_id                     1 
_struct_asym.details                       ? 
# 
_struct_ref.id                         1 
_struct_ref.db_name                    UNP 
_struct_ref.db_code                    FPA_ARATH 
_struct_ref.pdbx_db_accession          Q8LPQ9 
_struct_ref.pdbx_db_isoform            ? 
_struct_ref.entity_id                  1 
_struct_ref.pdbx_seq_one_letter_code   
;GPPDSDHIWRGMIAKGGTPVCCARCVPMGKGIETKLPEVVNCSARTDLNMLAKHYAVAIGCEIVFFVPDREEDFASYTEF
LRYLSSKDRAGVAKLDDGTTLFLVPPSDFLTDVLQVTRQERLYGVVLKLPPPA
;
_struct_ref.pdbx_align_begin           433 
# 
_struct_ref_seq.align_id                      1 
_struct_ref_seq.ref_id                        1 
_struct_ref_seq.pdbx_PDB_id_code              5KXF 
_struct_ref_seq.pdbx_strand_id                A 
_struct_ref_seq.seq_align_beg                 24 
_struct_ref_seq.pdbx_seq_align_beg_ins_code   ? 
_struct_ref_seq.seq_align_end                 156 
_struct_ref_seq.pdbx_seq_align_end_ins_code   ? 
_struct_ref_seq.pdbx_db_accession             Q8LPQ9 
_struct_ref_seq.db_align_beg                  433 
_struct_ref_seq.pdbx_db_align_beg_ins_code    ? 
_struct_ref_seq.db_align_end                  565 
_struct_ref_seq.pdbx_db_align_end_ins_code    ? 
_struct_ref_seq.pdbx_auth_seq_align_beg       433 
_struct_ref_seq.pdbx_auth_seq_align_end       565 
# 
loop_
_struct_ref_seq_dif.align_id 
_struct_ref_seq_dif.pdbx_pdb_id_code 
_struct_ref_seq_dif.mon_id 
_struct_ref_seq_dif.pdbx_pdb_strand_id 
_struct_ref_seq_dif.seq_num 
_struct_ref_seq_dif.pdbx_pdb_ins_code 
_struct_ref_seq_dif.pdbx_seq_db_name 
_struct_ref_seq_dif.pdbx_seq_db_accession_code 
_struct_ref_seq_dif.db_mon_id 
_struct_ref_seq_dif.pdbx_seq_db_seq_num 
_struct_ref_seq_dif.details 
_struct_ref_seq_dif.pdbx_auth_seq_num 
_struct_ref_seq_dif.pdbx_ordinal 
1 5KXF MSE A 1  ? UNP Q8LPQ9 ? ? 'initiating methionine' 410 1  
1 5KXF GLY A 2  ? UNP Q8LPQ9 ? ? 'expression tag'        411 2  
1 5KXF SER A 3  ? UNP Q8LPQ9 ? ? 'expression tag'        412 3  
1 5KXF SER A 4  ? UNP Q8LPQ9 ? ? 'expression tag'        413 4  
1 5KXF HIS A 5  ? UNP Q8LPQ9 ? ? 'expression tag'        414 5  
1 5KXF HIS A 6  ? UNP Q8LPQ9 ? ? 'expression tag'        415 6  
1 5KXF HIS A 7  ? UNP Q8LPQ9 ? ? 'expression tag'        416 7  
1 5KXF HIS A 8  ? UNP Q8LPQ9 ? ? 'expression tag'        417 8  
1 5KXF HIS A 9  ? UNP Q8LPQ9 ? ? 'expression tag'        418 9  
1 5KXF HIS A 10 ? UNP Q8LPQ9 ? ? 'expression tag'        419 10 
1 5KXF SER A 11 ? UNP Q8LPQ9 ? ? 'expression tag'        420 11 
1 5KXF SER A 12 ? UNP Q8LPQ9 ? ? 'expression tag'        421 12 
1 5KXF GLY A 13 ? UNP Q8LPQ9 ? ? 'expression tag'        422 13 
1 5KXF LEU A 14 ? UNP Q8LPQ9 ? ? 'expression tag'        423 14 
1 5KXF VAL A 15 ? UNP Q8LPQ9 ? ? 'expression tag'        424 15 
1 5KXF PRO A 16 ? UNP Q8LPQ9 ? ? 'expression tag'        425 16 
1 5KXF ARG A 17 ? UNP Q8LPQ9 ? ? 'expression tag'        426 17 
1 5KXF GLY A 18 ? UNP Q8LPQ9 ? ? 'expression tag'        427 18 
1 5KXF SER A 19 ? UNP Q8LPQ9 ? ? 'expression tag'        428 19 
1 5KXF HIS A 20 ? UNP Q8LPQ9 ? ? 'expression tag'        429 20 
1 5KXF MSE A 21 ? UNP Q8LPQ9 ? ? 'expression tag'        430 21 
1 5KXF ALA A 22 ? UNP Q8LPQ9 ? ? 'expression tag'        431 22 
1 5KXF SER A 23 ? UNP Q8LPQ9 ? ? 'expression tag'        432 23 
# 
_pdbx_struct_assembly.id                   1 
_pdbx_struct_assembly.details              author_defined_assembly 
_pdbx_struct_assembly.method_details       ? 
_pdbx_struct_assembly.oligomeric_details   monomeric 
_pdbx_struct_assembly.oligomeric_count     1 
# 
_pdbx_struct_assembly_gen.assembly_id       1 
_pdbx_struct_assembly_gen.oper_expression   1 
_pdbx_struct_assembly_gen.asym_id_list      A 
# 
_pdbx_struct_oper_list.id                   1 
_pdbx_struct_oper_list.type                 'identity operation' 
_pdbx_struct_oper_list.name                 1_555 
_pdbx_struct_oper_list.symmetry_operation   x,y,z 
_pdbx_struct_oper_list.matrix[1][1]         1.0000000000 
_pdbx_struct_oper_list.matrix[1][2]         0.0000000000 
_pdbx_struct_oper_list.matrix[1][3]         0.0000000000 
_pdbx_struct_oper_list.vector[1]            0.0000000000 
_pdbx_struct_oper_list.matrix[2][1]         0.0000000000 
_pdbx_struct_oper_list.matrix[2][2]         1.0000000000 
_pdbx_struct_oper_list.matrix[2][3]         0.0000000000 
_pdbx_struct_oper_list.vector[2]            0.0000000000 
_pdbx_struct_oper_list.matrix[3][1]         0.0000000000 
_pdbx_struct_oper_list.matrix[3][2]         0.0000000000 
_pdbx_struct_oper_list.matrix[3][3]         1.0000000000 
_pdbx_struct_oper_list.vector[3]            0.0000000000 
# 
loop_
_struct_conf.conf_type_id 
_struct_conf.id 
_struct_conf.pdbx_PDB_helix_id 
_struct_conf.beg_label_comp_id 
_struct_conf.beg_label_asym_id 
_struct_conf.beg_label_seq_id 
_struct_conf.pdbx_beg_PDB_ins_code 
_struct_conf.end_label_comp_id 
_struct_conf.end_label_asym_id 
_struct_conf.end_label_seq_id 
_struct_conf.pdbx_end_PDB_ins_code 
_struct_conf.beg_auth_comp_id 
_struct_conf.beg_auth_asym_id 
_struct_conf.beg_auth_seq_id 
_struct_conf.end_auth_comp_id 
_struct_conf.end_auth_asym_id 
_struct_conf.end_auth_seq_id 
_struct_conf.pdbx_PDB_helix_class 
_struct_conf.details 
_struct_conf.pdbx_PDB_helix_length 
HELX_P HELX_P1 AA1 LEU A 71  ? ALA A 81  ? LEU A 480 ALA A 490 1 ? 11 
HELX_P HELX_P2 AA2 ARG A 93  ? GLU A 95  ? ARG A 502 GLU A 504 5 ? 3  
HELX_P HELX_P3 AA3 ASP A 96  ? SER A 109 ? ASP A 505 SER A 518 1 ? 14 
HELX_P HELX_P4 AA4 ASP A 131 ? VAL A 136 ? ASP A 540 VAL A 545 1 ? 6  
# 
_struct_conf_type.id          HELX_P 
_struct_conf_type.criteria    ? 
_struct_conf_type.reference   ? 
# 
loop_
_struct_conn.id 
_struct_conn.conn_type_id 
_struct_conn.pdbx_leaving_atom_flag 
_struct_conn.pdbx_PDB_id 
_struct_conn.ptnr1_label_asym_id 
_struct_conn.ptnr1_label_comp_id 
_struct_conn.ptnr1_label_seq_id 
_struct_conn.ptnr1_label_atom_id 
_struct_conn.pdbx_ptnr1_label_alt_id 
_struct_conn.pdbx_ptnr1_PDB_ins_code 
_struct_conn.pdbx_ptnr1_standard_comp_id 
_struct_conn.ptnr1_symmetry 
_struct_conn.ptnr2_label_asym_id 
_struct_conn.ptnr2_label_comp_id 
_struct_conn.ptnr2_label_seq_id 
_struct_conn.ptnr2_label_atom_id 
_struct_conn.pdbx_ptnr2_label_alt_id 
_struct_conn.pdbx_ptnr2_PDB_ins_code 
_struct_conn.ptnr1_auth_asym_id 
_struct_conn.ptnr1_auth_comp_id 
_struct_conn.ptnr1_auth_seq_id 
_struct_conn.ptnr2_auth_asym_id 
_struct_conn.ptnr2_auth_comp_id 
_struct_conn.ptnr2_auth_seq_id 
_struct_conn.ptnr2_symmetry 
_struct_conn.pdbx_ptnr3_label_atom_id 
_struct_conn.pdbx_ptnr3_label_seq_id 
_struct_conn.pdbx_ptnr3_label_comp_id 
_struct_conn.pdbx_ptnr3_label_asym_id 
_struct_conn.pdbx_ptnr3_label_alt_id 
_struct_conn.pdbx_ptnr3_PDB_ins_code 
_struct_conn.details 
_struct_conn.pdbx_dist_value 
_struct_conn.pdbx_value_order 
_struct_conn.pdbx_role 
covale1 covale both ? A GLY 34 C ? ? ? 1_555 A MSE 35 N ? ? A GLY 443 A MSE 444 1_555 ? ? ? ? ? ? ? 1.324 ? ? 
covale2 covale both ? A MSE 35 C ? ? ? 1_555 A ILE 36 N ? ? A MSE 444 A ILE 445 1_555 ? ? ? ? ? ? ? 1.323 ? ? 
covale3 covale both ? A PRO 50 C ? ? ? 1_555 A MSE 51 N ? ? A PRO 459 A MSE 460 1_555 ? ? ? ? ? ? ? 1.340 ? ? 
covale4 covale both ? A ASN 72 C ? ? ? 1_555 A MSE 73 N ? ? A ASN 481 A MSE 482 1_555 ? ? ? ? ? ? ? 1.337 ? ? 
covale5 covale both ? A MSE 73 C ? ? ? 1_555 A LEU 74 N ? ? A MSE 482 A LEU 483 1_555 ? ? ? ? ? ? ? 1.318 ? ? 
# 
_struct_conn_type.id          covale 
_struct_conn_type.criteria    ? 
_struct_conn_type.reference   ? 
# 
loop_
_pdbx_modification_feature.ordinal 
_pdbx_modification_feature.label_comp_id 
_pdbx_modification_feature.label_asym_id 
_pdbx_modification_feature.label_seq_id 
_pdbx_modification_feature.label_alt_id 
_pdbx_modification_feature.modified_residue_label_comp_id 
_pdbx_modification_feature.modified_residue_label_asym_id 
_pdbx_modification_feature.modified_residue_label_seq_id 
_pdbx_modification_feature.modified_residue_label_alt_id 
_pdbx_modification_feature.auth_comp_id 
_pdbx_modification_feature.auth_asym_id 
_pdbx_modification_feature.auth_seq_id 
_pdbx_modification_feature.PDB_ins_code 
_pdbx_modification_feature.symmetry 
_pdbx_modification_feature.modified_residue_auth_comp_id 
_pdbx_modification_feature.modified_residue_auth_asym_id 
_pdbx_modification_feature.modified_residue_auth_seq_id 
_pdbx_modification_feature.modified_residue_PDB_ins_code 
_pdbx_modification_feature.modified_residue_symmetry 
_pdbx_modification_feature.comp_id_linking_atom 
_pdbx_modification_feature.modified_residue_id_linking_atom 
_pdbx_modification_feature.modified_residue_id 
_pdbx_modification_feature.ref_pcm_id 
_pdbx_modification_feature.ref_comp_id 
_pdbx_modification_feature.type 
_pdbx_modification_feature.category 
1 MSE A 35 ? . . . . MSE A 444 ? 1_555 . . . . . . . MET 1 MSE Selenomethionine 'Named protein modification' 
2 MSE A 51 ? . . . . MSE A 460 ? 1_555 . . . . . . . MET 1 MSE Selenomethionine 'Named protein modification' 
3 MSE A 73 ? . . . . MSE A 482 ? 1_555 . . . . . . . MET 1 MSE Selenomethionine 'Named protein modification' 
# 
_struct_sheet.id               AA1 
_struct_sheet.type             ? 
_struct_sheet.number_strands   8 
_struct_sheet.details          ? 
# 
loop_
_struct_sheet_order.sheet_id 
_struct_sheet_order.range_id_1 
_struct_sheet_order.range_id_2 
_struct_sheet_order.offset 
_struct_sheet_order.sense 
AA1 1 2 ? parallel      
AA1 2 3 ? anti-parallel 
AA1 3 4 ? anti-parallel 
AA1 4 5 ? anti-parallel 
AA1 5 6 ? anti-parallel 
AA1 6 7 ? anti-parallel 
AA1 7 8 ? anti-parallel 
# 
loop_
_struct_sheet_range.sheet_id 
_struct_sheet_range.id 
_struct_sheet_range.beg_label_comp_id 
_struct_sheet_range.beg_label_asym_id 
_struct_sheet_range.beg_label_seq_id 
_struct_sheet_range.pdbx_beg_PDB_ins_code 
_struct_sheet_range.end_label_comp_id 
_struct_sheet_range.end_label_asym_id 
_struct_sheet_range.end_label_seq_id 
_struct_sheet_range.pdbx_end_PDB_ins_code 
_struct_sheet_range.beg_auth_comp_id 
_struct_sheet_range.beg_auth_asym_id 
_struct_sheet_range.beg_auth_seq_id 
_struct_sheet_range.end_auth_comp_id 
_struct_sheet_range.end_auth_asym_id 
_struct_sheet_range.end_auth_seq_id 
AA1 1 VAL A 62  ? CYS A 65  ? VAL A 471 CYS A 474 
AA1 2 ARG A 33  ? LYS A 38  ? ARG A 442 LYS A 447 
AA1 3 THR A 41  ? PRO A 50  ? THR A 450 PRO A 459 
AA1 4 GLY A 83  ? PRO A 91  ? GLY A 492 PRO A 500 
AA1 5 LEU A 145 ? LYS A 151 ? LEU A 554 LYS A 560 
AA1 6 THR A 123 ? VAL A 127 ? THR A 532 VAL A 536 
AA1 7 ARG A 112 ? LYS A 117 ? ARG A 521 LYS A 526 
AA1 8 ALA A 67  ? ASP A 70  ? ALA A 476 ASP A 479 
# 
loop_
_pdbx_struct_sheet_hbond.sheet_id 
_pdbx_struct_sheet_hbond.range_id_1 
_pdbx_struct_sheet_hbond.range_id_2 
_pdbx_struct_sheet_hbond.range_1_label_atom_id 
_pdbx_struct_sheet_hbond.range_1_label_comp_id 
_pdbx_struct_sheet_hbond.range_1_label_asym_id 
_pdbx_struct_sheet_hbond.range_1_label_seq_id 
_pdbx_struct_sheet_hbond.range_1_PDB_ins_code 
_pdbx_struct_sheet_hbond.range_1_auth_atom_id 
_pdbx_struct_sheet_hbond.range_1_auth_comp_id 
_pdbx_struct_sheet_hbond.range_1_auth_asym_id 
_pdbx_struct_sheet_hbond.range_1_auth_seq_id 
_pdbx_struct_sheet_hbond.range_2_label_atom_id 
_pdbx_struct_sheet_hbond.range_2_label_comp_id 
_pdbx_struct_sheet_hbond.range_2_label_asym_id 
_pdbx_struct_sheet_hbond.range_2_label_seq_id 
_pdbx_struct_sheet_hbond.range_2_PDB_ins_code 
_pdbx_struct_sheet_hbond.range_2_auth_atom_id 
_pdbx_struct_sheet_hbond.range_2_auth_comp_id 
_pdbx_struct_sheet_hbond.range_2_auth_asym_id 
_pdbx_struct_sheet_hbond.range_2_auth_seq_id 
AA1 1 2 O CYS A 65  ? O CYS A 474 N ALA A 37  ? N ALA A 446 
AA1 2 3 N GLY A 34  ? N GLY A 443 O ALA A 46  ? O ALA A 455 
AA1 3 4 N VAL A 49  ? N VAL A 458 O PHE A 88  ? O PHE A 497 
AA1 4 5 N VAL A 87  ? N VAL A 496 O GLY A 147 ? O GLY A 556 
AA1 5 6 O TYR A 146 ? O TYR A 555 N VAL A 127 ? N VAL A 536 
AA1 6 7 O LEU A 126 ? O LEU A 535 N GLY A 114 ? N GLY A 523 
AA1 7 8 O ALA A 113 ? O ALA A 522 N THR A 69  ? N THR A 478 
# 
_pdbx_entry_details.entry_id                   5KXF 
_pdbx_entry_details.compound_details           ? 
_pdbx_entry_details.source_details             ? 
_pdbx_entry_details.nonpolymer_details         ? 
_pdbx_entry_details.sequence_details           ? 
_pdbx_entry_details.has_ligand_of_interest     ? 
_pdbx_entry_details.has_protein_modification   Y 
# 
_pdbx_validate_torsion.id              1 
_pdbx_validate_torsion.PDB_model_num   1 
_pdbx_validate_torsion.auth_comp_id    VAL 
_pdbx_validate_torsion.auth_asym_id    A 
_pdbx_validate_torsion.auth_seq_id     545 
_pdbx_validate_torsion.PDB_ins_code    ? 
_pdbx_validate_torsion.label_alt_id    ? 
_pdbx_validate_torsion.phi             -101.93 
_pdbx_validate_torsion.psi             -65.35 
# 
loop_
_pdbx_struct_mod_residue.id 
_pdbx_struct_mod_residue.label_asym_id 
_pdbx_struct_mod_residue.label_comp_id 
_pdbx_struct_mod_residue.label_seq_id 
_pdbx_struct_mod_residue.auth_asym_id 
_pdbx_struct_mod_residue.auth_comp_id 
_pdbx_struct_mod_residue.auth_seq_id 
_pdbx_struct_mod_residue.PDB_ins_code 
_pdbx_struct_mod_residue.parent_comp_id 
_pdbx_struct_mod_residue.details 
1 A MSE 35 A MSE 444 ? MET 'modified residue' 
2 A MSE 51 A MSE 460 ? MET 'modified residue' 
3 A MSE 73 A MSE 482 ? MET 'modified residue' 
# 
loop_
_pdbx_unobs_or_zero_occ_residues.id 
_pdbx_unobs_or_zero_occ_residues.PDB_model_num 
_pdbx_unobs_or_zero_occ_residues.polymer_flag 
_pdbx_unobs_or_zero_occ_residues.occupancy_flag 
_pdbx_unobs_or_zero_occ_residues.auth_asym_id 
_pdbx_unobs_or_zero_occ_residues.auth_comp_id 
_pdbx_unobs_or_zero_occ_residues.auth_seq_id 
_pdbx_unobs_or_zero_occ_residues.PDB_ins_code 
_pdbx_unobs_or_zero_occ_residues.label_asym_id 
_pdbx_unobs_or_zero_occ_residues.label_comp_id 
_pdbx_unobs_or_zero_occ_residues.label_seq_id 
1  1 Y 1 A MSE 410 ? A MSE 1  
2  1 Y 1 A GLY 411 ? A GLY 2  
3  1 Y 1 A SER 412 ? A SER 3  
4  1 Y 1 A SER 413 ? A SER 4  
5  1 Y 1 A HIS 414 ? A HIS 5  
6  1 Y 1 A HIS 415 ? A HIS 6  
7  1 Y 1 A HIS 416 ? A HIS 7  
8  1 Y 1 A HIS 417 ? A HIS 8  
9  1 Y 1 A HIS 418 ? A HIS 9  
10 1 Y 1 A HIS 419 ? A HIS 10 
11 1 Y 1 A SER 420 ? A SER 11 
12 1 Y 1 A SER 421 ? A SER 12 
13 1 Y 1 A GLY 422 ? A GLY 13 
14 1 Y 1 A LEU 423 ? A LEU 14 
15 1 Y 1 A VAL 424 ? A VAL 15 
16 1 Y 1 A PRO 425 ? A PRO 16 
17 1 Y 1 A ARG 426 ? A ARG 17 
18 1 Y 1 A GLY 427 ? A GLY 18 
19 1 Y 1 A SER 428 ? A SER 19 
20 1 Y 1 A HIS 429 ? A HIS 20 
21 1 Y 1 A MSE 430 ? A MSE 21 
22 1 Y 1 A ALA 431 ? A ALA 22 
23 1 Y 1 A SER 432 ? A SER 23 
24 1 Y 1 A GLY 433 ? A GLY 24 
25 1 Y 1 A PRO 434 ? A PRO 25 
26 1 Y 1 A PRO 435 ? A PRO 26 
27 1 Y 1 A ASP 436 ? A ASP 27 
28 1 Y 1 A SER 437 ? A SER 28 
29 1 Y 1 A ASP 438 ? A ASP 29 
30 1 Y 1 A GLY 461 ? A GLY 52 
31 1 Y 1 A LYS 462 ? A LYS 53 
32 1 Y 1 A GLY 463 ? A GLY 54 
33 1 Y 1 A ILE 464 ? A ILE 55 
# 
loop_
_chem_comp_atom.comp_id 
_chem_comp_atom.atom_id 
_chem_comp_atom.type_symbol 
_chem_comp_atom.pdbx_aromatic_flag 
_chem_comp_atom.pdbx_stereo_config 
_chem_comp_atom.pdbx_ordinal 
ALA N    N  N N 1   
ALA CA   C  N S 2   
ALA C    C  N N 3   
ALA O    O  N N 4   
ALA CB   C  N N 5   
ALA OXT  O  N N 6   
ALA H    H  N N 7   
ALA H2   H  N N 8   
ALA HA   H  N N 9   
ALA HB1  H  N N 10  
ALA HB2  H  N N 11  
ALA HB3  H  N N 12  
ALA HXT  H  N N 13  
ARG N    N  N N 14  
ARG CA   C  N S 15  
ARG C    C  N N 16  
ARG O    O  N N 17  
ARG CB   C  N N 18  
ARG CG   C  N N 19  
ARG CD   C  N N 20  
ARG NE   N  N N 21  
ARG CZ   C  N N 22  
ARG NH1  N  N N 23  
ARG NH2  N  N N 24  
ARG OXT  O  N N 25  
ARG H    H  N N 26  
ARG H2   H  N N 27  
ARG HA   H  N N 28  
ARG HB2  H  N N 29  
ARG HB3  H  N N 30  
ARG HG2  H  N N 31  
ARG HG3  H  N N 32  
ARG HD2  H  N N 33  
ARG HD3  H  N N 34  
ARG HE   H  N N 35  
ARG HH11 H  N N 36  
ARG HH12 H  N N 37  
ARG HH21 H  N N 38  
ARG HH22 H  N N 39  
ARG HXT  H  N N 40  
ASN N    N  N N 41  
ASN CA   C  N S 42  
ASN C    C  N N 43  
ASN O    O  N N 44  
ASN CB   C  N N 45  
ASN CG   C  N N 46  
ASN OD1  O  N N 47  
ASN ND2  N  N N 48  
ASN OXT  O  N N 49  
ASN H    H  N N 50  
ASN H2   H  N N 51  
ASN HA   H  N N 52  
ASN HB2  H  N N 53  
ASN HB3  H  N N 54  
ASN HD21 H  N N 55  
ASN HD22 H  N N 56  
ASN HXT  H  N N 57  
ASP N    N  N N 58  
ASP CA   C  N S 59  
ASP C    C  N N 60  
ASP O    O  N N 61  
ASP CB   C  N N 62  
ASP CG   C  N N 63  
ASP OD1  O  N N 64  
ASP OD2  O  N N 65  
ASP OXT  O  N N 66  
ASP H    H  N N 67  
ASP H2   H  N N 68  
ASP HA   H  N N 69  
ASP HB2  H  N N 70  
ASP HB3  H  N N 71  
ASP HD2  H  N N 72  
ASP HXT  H  N N 73  
CYS N    N  N N 74  
CYS CA   C  N R 75  
CYS C    C  N N 76  
CYS O    O  N N 77  
CYS CB   C  N N 78  
CYS SG   S  N N 79  
CYS OXT  O  N N 80  
CYS H    H  N N 81  
CYS H2   H  N N 82  
CYS HA   H  N N 83  
CYS HB2  H  N N 84  
CYS HB3  H  N N 85  
CYS HG   H  N N 86  
CYS HXT  H  N N 87  
GLN N    N  N N 88  
GLN CA   C  N S 89  
GLN C    C  N N 90  
GLN O    O  N N 91  
GLN CB   C  N N 92  
GLN CG   C  N N 93  
GLN CD   C  N N 94  
GLN OE1  O  N N 95  
GLN NE2  N  N N 96  
GLN OXT  O  N N 97  
GLN H    H  N N 98  
GLN H2   H  N N 99  
GLN HA   H  N N 100 
GLN HB2  H  N N 101 
GLN HB3  H  N N 102 
GLN HG2  H  N N 103 
GLN HG3  H  N N 104 
GLN HE21 H  N N 105 
GLN HE22 H  N N 106 
GLN HXT  H  N N 107 
GLU N    N  N N 108 
GLU CA   C  N S 109 
GLU C    C  N N 110 
GLU O    O  N N 111 
GLU CB   C  N N 112 
GLU CG   C  N N 113 
GLU CD   C  N N 114 
GLU OE1  O  N N 115 
GLU OE2  O  N N 116 
GLU OXT  O  N N 117 
GLU H    H  N N 118 
GLU H2   H  N N 119 
GLU HA   H  N N 120 
GLU HB2  H  N N 121 
GLU HB3  H  N N 122 
GLU HG2  H  N N 123 
GLU HG3  H  N N 124 
GLU HE2  H  N N 125 
GLU HXT  H  N N 126 
GLY N    N  N N 127 
GLY CA   C  N N 128 
GLY C    C  N N 129 
GLY O    O  N N 130 
GLY OXT  O  N N 131 
GLY H    H  N N 132 
GLY H2   H  N N 133 
GLY HA2  H  N N 134 
GLY HA3  H  N N 135 
GLY HXT  H  N N 136 
HIS N    N  N N 137 
HIS CA   C  N S 138 
HIS C    C  N N 139 
HIS O    O  N N 140 
HIS CB   C  N N 141 
HIS CG   C  Y N 142 
HIS ND1  N  Y N 143 
HIS CD2  C  Y N 144 
HIS CE1  C  Y N 145 
HIS NE2  N  Y N 146 
HIS OXT  O  N N 147 
HIS H    H  N N 148 
HIS H2   H  N N 149 
HIS HA   H  N N 150 
HIS HB2  H  N N 151 
HIS HB3  H  N N 152 
HIS HD1  H  N N 153 
HIS HD2  H  N N 154 
HIS HE1  H  N N 155 
HIS HE2  H  N N 156 
HIS HXT  H  N N 157 
ILE N    N  N N 158 
ILE CA   C  N S 159 
ILE C    C  N N 160 
ILE O    O  N N 161 
ILE CB   C  N S 162 
ILE CG1  C  N N 163 
ILE CG2  C  N N 164 
ILE CD1  C  N N 165 
ILE OXT  O  N N 166 
ILE H    H  N N 167 
ILE H2   H  N N 168 
ILE HA   H  N N 169 
ILE HB   H  N N 170 
ILE HG12 H  N N 171 
ILE HG13 H  N N 172 
ILE HG21 H  N N 173 
ILE HG22 H  N N 174 
ILE HG23 H  N N 175 
ILE HD11 H  N N 176 
ILE HD12 H  N N 177 
ILE HD13 H  N N 178 
ILE HXT  H  N N 179 
LEU N    N  N N 180 
LEU CA   C  N S 181 
LEU C    C  N N 182 
LEU O    O  N N 183 
LEU CB   C  N N 184 
LEU CG   C  N N 185 
LEU CD1  C  N N 186 
LEU CD2  C  N N 187 
LEU OXT  O  N N 188 
LEU H    H  N N 189 
LEU H2   H  N N 190 
LEU HA   H  N N 191 
LEU HB2  H  N N 192 
LEU HB3  H  N N 193 
LEU HG   H  N N 194 
LEU HD11 H  N N 195 
LEU HD12 H  N N 196 
LEU HD13 H  N N 197 
LEU HD21 H  N N 198 
LEU HD22 H  N N 199 
LEU HD23 H  N N 200 
LEU HXT  H  N N 201 
LYS N    N  N N 202 
LYS CA   C  N S 203 
LYS C    C  N N 204 
LYS O    O  N N 205 
LYS CB   C  N N 206 
LYS CG   C  N N 207 
LYS CD   C  N N 208 
LYS CE   C  N N 209 
LYS NZ   N  N N 210 
LYS OXT  O  N N 211 
LYS H    H  N N 212 
LYS H2   H  N N 213 
LYS HA   H  N N 214 
LYS HB2  H  N N 215 
LYS HB3  H  N N 216 
LYS HG2  H  N N 217 
LYS HG3  H  N N 218 
LYS HD2  H  N N 219 
LYS HD3  H  N N 220 
LYS HE2  H  N N 221 
LYS HE3  H  N N 222 
LYS HZ1  H  N N 223 
LYS HZ2  H  N N 224 
LYS HZ3  H  N N 225 
LYS HXT  H  N N 226 
MSE N    N  N N 227 
MSE CA   C  N S 228 
MSE C    C  N N 229 
MSE O    O  N N 230 
MSE OXT  O  N N 231 
MSE CB   C  N N 232 
MSE CG   C  N N 233 
MSE SE   SE N N 234 
MSE CE   C  N N 235 
MSE H    H  N N 236 
MSE H2   H  N N 237 
MSE HA   H  N N 238 
MSE HXT  H  N N 239 
MSE HB2  H  N N 240 
MSE HB3  H  N N 241 
MSE HG2  H  N N 242 
MSE HG3  H  N N 243 
MSE HE1  H  N N 244 
MSE HE2  H  N N 245 
MSE HE3  H  N N 246 
PHE N    N  N N 247 
PHE CA   C  N S 248 
PHE C    C  N N 249 
PHE O    O  N N 250 
PHE CB   C  N N 251 
PHE CG   C  Y N 252 
PHE CD1  C  Y N 253 
PHE CD2  C  Y N 254 
PHE CE1  C  Y N 255 
PHE CE2  C  Y N 256 
PHE CZ   C  Y N 257 
PHE OXT  O  N N 258 
PHE H    H  N N 259 
PHE H2   H  N N 260 
PHE HA   H  N N 261 
PHE HB2  H  N N 262 
PHE HB3  H  N N 263 
PHE HD1  H  N N 264 
PHE HD2  H  N N 265 
PHE HE1  H  N N 266 
PHE HE2  H  N N 267 
PHE HZ   H  N N 268 
PHE HXT  H  N N 269 
PRO N    N  N N 270 
PRO CA   C  N S 271 
PRO C    C  N N 272 
PRO O    O  N N 273 
PRO CB   C  N N 274 
PRO CG   C  N N 275 
PRO CD   C  N N 276 
PRO OXT  O  N N 277 
PRO H    H  N N 278 
PRO HA   H  N N 279 
PRO HB2  H  N N 280 
PRO HB3  H  N N 281 
PRO HG2  H  N N 282 
PRO HG3  H  N N 283 
PRO HD2  H  N N 284 
PRO HD3  H  N N 285 
PRO HXT  H  N N 286 
SER N    N  N N 287 
SER CA   C  N S 288 
SER C    C  N N 289 
SER O    O  N N 290 
SER CB   C  N N 291 
SER OG   O  N N 292 
SER OXT  O  N N 293 
SER H    H  N N 294 
SER H2   H  N N 295 
SER HA   H  N N 296 
SER HB2  H  N N 297 
SER HB3  H  N N 298 
SER HG   H  N N 299 
SER HXT  H  N N 300 
THR N    N  N N 301 
THR CA   C  N S 302 
THR C    C  N N 303 
THR O    O  N N 304 
THR CB   C  N R 305 
THR OG1  O  N N 306 
THR CG2  C  N N 307 
THR OXT  O  N N 308 
THR H    H  N N 309 
THR H2   H  N N 310 
THR HA   H  N N 311 
THR HB   H  N N 312 
THR HG1  H  N N 313 
THR HG21 H  N N 314 
THR HG22 H  N N 315 
THR HG23 H  N N 316 
THR HXT  H  N N 317 
TRP N    N  N N 318 
TRP CA   C  N S 319 
TRP C    C  N N 320 
TRP O    O  N N 321 
TRP CB   C  N N 322 
TRP CG   C  Y N 323 
TRP CD1  C  Y N 324 
TRP CD2  C  Y N 325 
TRP NE1  N  Y N 326 
TRP CE2  C  Y N 327 
TRP CE3  C  Y N 328 
TRP CZ2  C  Y N 329 
TRP CZ3  C  Y N 330 
TRP CH2  C  Y N 331 
TRP OXT  O  N N 332 
TRP H    H  N N 333 
TRP H2   H  N N 334 
TRP HA   H  N N 335 
TRP HB2  H  N N 336 
TRP HB3  H  N N 337 
TRP HD1  H  N N 338 
TRP HE1  H  N N 339 
TRP HE3  H  N N 340 
TRP HZ2  H  N N 341 
TRP HZ3  H  N N 342 
TRP HH2  H  N N 343 
TRP HXT  H  N N 344 
TYR N    N  N N 345 
TYR CA   C  N S 346 
TYR C    C  N N 347 
TYR O    O  N N 348 
TYR CB   C  N N 349 
TYR CG   C  Y N 350 
TYR CD1  C  Y N 351 
TYR CD2  C  Y N 352 
TYR CE1  C  Y N 353 
TYR CE2  C  Y N 354 
TYR CZ   C  Y N 355 
TYR OH   O  N N 356 
TYR OXT  O  N N 357 
TYR H    H  N N 358 
TYR H2   H  N N 359 
TYR HA   H  N N 360 
TYR HB2  H  N N 361 
TYR HB3  H  N N 362 
TYR HD1  H  N N 363 
TYR HD2  H  N N 364 
TYR HE1  H  N N 365 
TYR HE2  H  N N 366 
TYR HH   H  N N 367 
TYR HXT  H  N N 368 
VAL N    N  N N 369 
VAL CA   C  N S 370 
VAL C    C  N N 371 
VAL O    O  N N 372 
VAL CB   C  N N 373 
VAL CG1  C  N N 374 
VAL CG2  C  N N 375 
VAL OXT  O  N N 376 
VAL H    H  N N 377 
VAL H2   H  N N 378 
VAL HA   H  N N 379 
VAL HB   H  N N 380 
VAL HG11 H  N N 381 
VAL HG12 H  N N 382 
VAL HG13 H  N N 383 
VAL HG21 H  N N 384 
VAL HG22 H  N N 385 
VAL HG23 H  N N 386 
VAL HXT  H  N N 387 
# 
loop_
_chem_comp_bond.comp_id 
_chem_comp_bond.atom_id_1 
_chem_comp_bond.atom_id_2 
_chem_comp_bond.value_order 
_chem_comp_bond.pdbx_aromatic_flag 
_chem_comp_bond.pdbx_stereo_config 
_chem_comp_bond.pdbx_ordinal 
ALA N   CA   sing N N 1   
ALA N   H    sing N N 2   
ALA N   H2   sing N N 3   
ALA CA  C    sing N N 4   
ALA CA  CB   sing N N 5   
ALA CA  HA   sing N N 6   
ALA C   O    doub N N 7   
ALA C   OXT  sing N N 8   
ALA CB  HB1  sing N N 9   
ALA CB  HB2  sing N N 10  
ALA CB  HB3  sing N N 11  
ALA OXT HXT  sing N N 12  
ARG N   CA   sing N N 13  
ARG N   H    sing N N 14  
ARG N   H2   sing N N 15  
ARG CA  C    sing N N 16  
ARG CA  CB   sing N N 17  
ARG CA  HA   sing N N 18  
ARG C   O    doub N N 19  
ARG C   OXT  sing N N 20  
ARG CB  CG   sing N N 21  
ARG CB  HB2  sing N N 22  
ARG CB  HB3  sing N N 23  
ARG CG  CD   sing N N 24  
ARG CG  HG2  sing N N 25  
ARG CG  HG3  sing N N 26  
ARG CD  NE   sing N N 27  
ARG CD  HD2  sing N N 28  
ARG CD  HD3  sing N N 29  
ARG NE  CZ   sing N N 30  
ARG NE  HE   sing N N 31  
ARG CZ  NH1  sing N N 32  
ARG CZ  NH2  doub N N 33  
ARG NH1 HH11 sing N N 34  
ARG NH1 HH12 sing N N 35  
ARG NH2 HH21 sing N N 36  
ARG NH2 HH22 sing N N 37  
ARG OXT HXT  sing N N 38  
ASN N   CA   sing N N 39  
ASN N   H    sing N N 40  
ASN N   H2   sing N N 41  
ASN CA  C    sing N N 42  
ASN CA  CB   sing N N 43  
ASN CA  HA   sing N N 44  
ASN C   O    doub N N 45  
ASN C   OXT  sing N N 46  
ASN CB  CG   sing N N 47  
ASN CB  HB2  sing N N 48  
ASN CB  HB3  sing N N 49  
ASN CG  OD1  doub N N 50  
ASN CG  ND2  sing N N 51  
ASN ND2 HD21 sing N N 52  
ASN ND2 HD22 sing N N 53  
ASN OXT HXT  sing N N 54  
ASP N   CA   sing N N 55  
ASP N   H    sing N N 56  
ASP N   H2   sing N N 57  
ASP CA  C    sing N N 58  
ASP CA  CB   sing N N 59  
ASP CA  HA   sing N N 60  
ASP C   O    doub N N 61  
ASP C   OXT  sing N N 62  
ASP CB  CG   sing N N 63  
ASP CB  HB2  sing N N 64  
ASP CB  HB3  sing N N 65  
ASP CG  OD1  doub N N 66  
ASP CG  OD2  sing N N 67  
ASP OD2 HD2  sing N N 68  
ASP OXT HXT  sing N N 69  
CYS N   CA   sing N N 70  
CYS N   H    sing N N 71  
CYS N   H2   sing N N 72  
CYS CA  C    sing N N 73  
CYS CA  CB   sing N N 74  
CYS CA  HA   sing N N 75  
CYS C   O    doub N N 76  
CYS C   OXT  sing N N 77  
CYS CB  SG   sing N N 78  
CYS CB  HB2  sing N N 79  
CYS CB  HB3  sing N N 80  
CYS SG  HG   sing N N 81  
CYS OXT HXT  sing N N 82  
GLN N   CA   sing N N 83  
GLN N   H    sing N N 84  
GLN N   H2   sing N N 85  
GLN CA  C    sing N N 86  
GLN CA  CB   sing N N 87  
GLN CA  HA   sing N N 88  
GLN C   O    doub N N 89  
GLN C   OXT  sing N N 90  
GLN CB  CG   sing N N 91  
GLN CB  HB2  sing N N 92  
GLN CB  HB3  sing N N 93  
GLN CG  CD   sing N N 94  
GLN CG  HG2  sing N N 95  
GLN CG  HG3  sing N N 96  
GLN CD  OE1  doub N N 97  
GLN CD  NE2  sing N N 98  
GLN NE2 HE21 sing N N 99  
GLN NE2 HE22 sing N N 100 
GLN OXT HXT  sing N N 101 
GLU N   CA   sing N N 102 
GLU N   H    sing N N 103 
GLU N   H2   sing N N 104 
GLU CA  C    sing N N 105 
GLU CA  CB   sing N N 106 
GLU CA  HA   sing N N 107 
GLU C   O    doub N N 108 
GLU C   OXT  sing N N 109 
GLU CB  CG   sing N N 110 
GLU CB  HB2  sing N N 111 
GLU CB  HB3  sing N N 112 
GLU CG  CD   sing N N 113 
GLU CG  HG2  sing N N 114 
GLU CG  HG3  sing N N 115 
GLU CD  OE1  doub N N 116 
GLU CD  OE2  sing N N 117 
GLU OE2 HE2  sing N N 118 
GLU OXT HXT  sing N N 119 
GLY N   CA   sing N N 120 
GLY N   H    sing N N 121 
GLY N   H2   sing N N 122 
GLY CA  C    sing N N 123 
GLY CA  HA2  sing N N 124 
GLY CA  HA3  sing N N 125 
GLY C   O    doub N N 126 
GLY C   OXT  sing N N 127 
GLY OXT HXT  sing N N 128 
HIS N   CA   sing N N 129 
HIS N   H    sing N N 130 
HIS N   H2   sing N N 131 
HIS CA  C    sing N N 132 
HIS CA  CB   sing N N 133 
HIS CA  HA   sing N N 134 
HIS C   O    doub N N 135 
HIS C   OXT  sing N N 136 
HIS CB  CG   sing N N 137 
HIS CB  HB2  sing N N 138 
HIS CB  HB3  sing N N 139 
HIS CG  ND1  sing Y N 140 
HIS CG  CD2  doub Y N 141 
HIS ND1 CE1  doub Y N 142 
HIS ND1 HD1  sing N N 143 
HIS CD2 NE2  sing Y N 144 
HIS CD2 HD2  sing N N 145 
HIS CE1 NE2  sing Y N 146 
HIS CE1 HE1  sing N N 147 
HIS NE2 HE2  sing N N 148 
HIS OXT HXT  sing N N 149 
ILE N   CA   sing N N 150 
ILE N   H    sing N N 151 
ILE N   H2   sing N N 152 
ILE CA  C    sing N N 153 
ILE CA  CB   sing N N 154 
ILE CA  HA   sing N N 155 
ILE C   O    doub N N 156 
ILE C   OXT  sing N N 157 
ILE CB  CG1  sing N N 158 
ILE CB  CG2  sing N N 159 
ILE CB  HB   sing N N 160 
ILE CG1 CD1  sing N N 161 
ILE CG1 HG12 sing N N 162 
ILE CG1 HG13 sing N N 163 
ILE CG2 HG21 sing N N 164 
ILE CG2 HG22 sing N N 165 
ILE CG2 HG23 sing N N 166 
ILE CD1 HD11 sing N N 167 
ILE CD1 HD12 sing N N 168 
ILE CD1 HD13 sing N N 169 
ILE OXT HXT  sing N N 170 
LEU N   CA   sing N N 171 
LEU N   H    sing N N 172 
LEU N   H2   sing N N 173 
LEU CA  C    sing N N 174 
LEU CA  CB   sing N N 175 
LEU CA  HA   sing N N 176 
LEU C   O    doub N N 177 
LEU C   OXT  sing N N 178 
LEU CB  CG   sing N N 179 
LEU CB  HB2  sing N N 180 
LEU CB  HB3  sing N N 181 
LEU CG  CD1  sing N N 182 
LEU CG  CD2  sing N N 183 
LEU CG  HG   sing N N 184 
LEU CD1 HD11 sing N N 185 
LEU CD1 HD12 sing N N 186 
LEU CD1 HD13 sing N N 187 
LEU CD2 HD21 sing N N 188 
LEU CD2 HD22 sing N N 189 
LEU CD2 HD23 sing N N 190 
LEU OXT HXT  sing N N 191 
LYS N   CA   sing N N 192 
LYS N   H    sing N N 193 
LYS N   H2   sing N N 194 
LYS CA  C    sing N N 195 
LYS CA  CB   sing N N 196 
LYS CA  HA   sing N N 197 
LYS C   O    doub N N 198 
LYS C   OXT  sing N N 199 
LYS CB  CG   sing N N 200 
LYS CB  HB2  sing N N 201 
LYS CB  HB3  sing N N 202 
LYS CG  CD   sing N N 203 
LYS CG  HG2  sing N N 204 
LYS CG  HG3  sing N N 205 
LYS CD  CE   sing N N 206 
LYS CD  HD2  sing N N 207 
LYS CD  HD3  sing N N 208 
LYS CE  NZ   sing N N 209 
LYS CE  HE2  sing N N 210 
LYS CE  HE3  sing N N 211 
LYS NZ  HZ1  sing N N 212 
LYS NZ  HZ2  sing N N 213 
LYS NZ  HZ3  sing N N 214 
LYS OXT HXT  sing N N 215 
MSE N   CA   sing N N 216 
MSE N   H    sing N N 217 
MSE N   H2   sing N N 218 
MSE CA  C    sing N N 219 
MSE CA  CB   sing N N 220 
MSE CA  HA   sing N N 221 
MSE C   O    doub N N 222 
MSE C   OXT  sing N N 223 
MSE OXT HXT  sing N N 224 
MSE CB  CG   sing N N 225 
MSE CB  HB2  sing N N 226 
MSE CB  HB3  sing N N 227 
MSE CG  SE   sing N N 228 
MSE CG  HG2  sing N N 229 
MSE CG  HG3  sing N N 230 
MSE SE  CE   sing N N 231 
MSE CE  HE1  sing N N 232 
MSE CE  HE2  sing N N 233 
MSE CE  HE3  sing N N 234 
PHE N   CA   sing N N 235 
PHE N   H    sing N N 236 
PHE N   H2   sing N N 237 
PHE CA  C    sing N N 238 
PHE CA  CB   sing N N 239 
PHE CA  HA   sing N N 240 
PHE C   O    doub N N 241 
PHE C   OXT  sing N N 242 
PHE CB  CG   sing N N 243 
PHE CB  HB2  sing N N 244 
PHE CB  HB3  sing N N 245 
PHE CG  CD1  doub Y N 246 
PHE CG  CD2  sing Y N 247 
PHE CD1 CE1  sing Y N 248 
PHE CD1 HD1  sing N N 249 
PHE CD2 CE2  doub Y N 250 
PHE CD2 HD2  sing N N 251 
PHE CE1 CZ   doub Y N 252 
PHE CE1 HE1  sing N N 253 
PHE CE2 CZ   sing Y N 254 
PHE CE2 HE2  sing N N 255 
PHE CZ  HZ   sing N N 256 
PHE OXT HXT  sing N N 257 
PRO N   CA   sing N N 258 
PRO N   CD   sing N N 259 
PRO N   H    sing N N 260 
PRO CA  C    sing N N 261 
PRO CA  CB   sing N N 262 
PRO CA  HA   sing N N 263 
PRO C   O    doub N N 264 
PRO C   OXT  sing N N 265 
PRO CB  CG   sing N N 266 
PRO CB  HB2  sing N N 267 
PRO CB  HB3  sing N N 268 
PRO CG  CD   sing N N 269 
PRO CG  HG2  sing N N 270 
PRO CG  HG3  sing N N 271 
PRO CD  HD2  sing N N 272 
PRO CD  HD3  sing N N 273 
PRO OXT HXT  sing N N 274 
SER N   CA   sing N N 275 
SER N   H    sing N N 276 
SER N   H2   sing N N 277 
SER CA  C    sing N N 278 
SER CA  CB   sing N N 279 
SER CA  HA   sing N N 280 
SER C   O    doub N N 281 
SER C   OXT  sing N N 282 
SER CB  OG   sing N N 283 
SER CB  HB2  sing N N 284 
SER CB  HB3  sing N N 285 
SER OG  HG   sing N N 286 
SER OXT HXT  sing N N 287 
THR N   CA   sing N N 288 
THR N   H    sing N N 289 
THR N   H2   sing N N 290 
THR CA  C    sing N N 291 
THR CA  CB   sing N N 292 
THR CA  HA   sing N N 293 
THR C   O    doub N N 294 
THR C   OXT  sing N N 295 
THR CB  OG1  sing N N 296 
THR CB  CG2  sing N N 297 
THR CB  HB   sing N N 298 
THR OG1 HG1  sing N N 299 
THR CG2 HG21 sing N N 300 
THR CG2 HG22 sing N N 301 
THR CG2 HG23 sing N N 302 
THR OXT HXT  sing N N 303 
TRP N   CA   sing N N 304 
TRP N   H    sing N N 305 
TRP N   H2   sing N N 306 
TRP CA  C    sing N N 307 
TRP CA  CB   sing N N 308 
TRP CA  HA   sing N N 309 
TRP C   O    doub N N 310 
TRP C   OXT  sing N N 311 
TRP CB  CG   sing N N 312 
TRP CB  HB2  sing N N 313 
TRP CB  HB3  sing N N 314 
TRP CG  CD1  doub Y N 315 
TRP CG  CD2  sing Y N 316 
TRP CD1 NE1  sing Y N 317 
TRP CD1 HD1  sing N N 318 
TRP CD2 CE2  doub Y N 319 
TRP CD2 CE3  sing Y N 320 
TRP NE1 CE2  sing Y N 321 
TRP NE1 HE1  sing N N 322 
TRP CE2 CZ2  sing Y N 323 
TRP CE3 CZ3  doub Y N 324 
TRP CE3 HE3  sing N N 325 
TRP CZ2 CH2  doub Y N 326 
TRP CZ2 HZ2  sing N N 327 
TRP CZ3 CH2  sing Y N 328 
TRP CZ3 HZ3  sing N N 329 
TRP CH2 HH2  sing N N 330 
TRP OXT HXT  sing N N 331 
TYR N   CA   sing N N 332 
TYR N   H    sing N N 333 
TYR N   H2   sing N N 334 
TYR CA  C    sing N N 335 
TYR CA  CB   sing N N 336 
TYR CA  HA   sing N N 337 
TYR C   O    doub N N 338 
TYR C   OXT  sing N N 339 
TYR CB  CG   sing N N 340 
TYR CB  HB2  sing N N 341 
TYR CB  HB3  sing N N 342 
TYR CG  CD1  doub Y N 343 
TYR CG  CD2  sing Y N 344 
TYR CD1 CE1  sing Y N 345 
TYR CD1 HD1  sing N N 346 
TYR CD2 CE2  doub Y N 347 
TYR CD2 HD2  sing N N 348 
TYR CE1 CZ   doub Y N 349 
TYR CE1 HE1  sing N N 350 
TYR CE2 CZ   sing Y N 351 
TYR CE2 HE2  sing N N 352 
TYR CZ  OH   sing N N 353 
TYR OH  HH   sing N N 354 
TYR OXT HXT  sing N N 355 
VAL N   CA   sing N N 356 
VAL N   H    sing N N 357 
VAL N   H2   sing N N 358 
VAL CA  C    sing N N 359 
VAL CA  CB   sing N N 360 
VAL CA  HA   sing N N 361 
VAL C   O    doub N N 362 
VAL C   OXT  sing N N 363 
VAL CB  CG1  sing N N 364 
VAL CB  CG2  sing N N 365 
VAL CB  HB   sing N N 366 
VAL CG1 HG11 sing N N 367 
VAL CG1 HG12 sing N N 368 
VAL CG1 HG13 sing N N 369 
VAL CG2 HG21 sing N N 370 
VAL CG2 HG22 sing N N 371 
VAL CG2 HG23 sing N N 372 
VAL OXT HXT  sing N N 373 
# 
_pdbx_audit_support.funding_organization   
'National Institutes of Health/National Institute of General Medical Sciences (NIH/NIGMS)' 
_pdbx_audit_support.country                'United States' 
_pdbx_audit_support.grant_number           GM077175 
_pdbx_audit_support.ordinal                1 
# 
_atom_sites.entry_id                    5KXF 
_atom_sites.fract_transf_matrix[1][1]   -0.00775985 
_atom_sites.fract_transf_matrix[1][2]   0.00293601 
_atom_sites.fract_transf_matrix[1][3]   -0.00671917 
_atom_sites.fract_transf_matrix[2][1]   0.00055489 
_atom_sites.fract_transf_matrix[2][2]   0.00941202 
_atom_sites.fract_transf_matrix[2][3]   -0.00501042 
_atom_sites.fract_transf_matrix[3][1]   0.01437087 
_atom_sites.fract_transf_matrix[3][2]   -0.01261732 
_atom_sites.fract_transf_matrix[3][3]   -0.02210994 
_atom_sites.fract_transf_vector[1]      0.421730 
_atom_sites.fract_transf_vector[2]      0.575570 
_atom_sites.fract_transf_vector[3]      0.466829 
# 
loop_
_atom_type.symbol 
C  
N  
O  
S  
SE 
# 
loop_
_atom_site.group_PDB 
_atom_site.id 
_atom_site.type_symbol 
_atom_site.label_atom_id 
_atom_site.label_alt_id 
_atom_site.label_comp_id 
_atom_site.label_asym_id 
_atom_site.label_entity_id 
_atom_site.label_seq_id 
_atom_site.pdbx_PDB_ins_code 
_atom_site.Cartn_x 
_atom_site.Cartn_y 
_atom_site.Cartn_z 
_atom_site.occupancy 
_atom_site.B_iso_or_equiv 
_atom_site.pdbx_formal_charge 
_atom_site.auth_seq_id 
_atom_site.auth_comp_id 
_atom_site.auth_asym_id 
_atom_site.auth_atom_id 
_atom_site.pdbx_PDB_model_num 
ATOM   1   N  N   . HIS A 1 30  ? -1.601  -18.998 9.928   1.00 88.09  ? 439 HIS A N   1 
ATOM   2   C  CA  . HIS A 1 30  ? -2.229  -17.704 10.335  1.00 94.97  ? 439 HIS A CA  1 
ATOM   3   C  C   . HIS A 1 30  ? -1.846  -16.590 9.316   1.00 94.20  ? 439 HIS A C   1 
ATOM   4   O  O   . HIS A 1 30  ? -0.710  -16.097 9.263   1.00 87.04  ? 439 HIS A O   1 
ATOM   5   C  CB  . HIS A 1 30  ? -1.963  -17.327 11.839  1.00 102.71 ? 439 HIS A CB  1 
ATOM   6   C  CG  . HIS A 1 30  ? -0.705  -17.916 12.449  1.00 115.87 ? 439 HIS A CG  1 
ATOM   7   N  ND1 . HIS A 1 30  ? -0.519  -19.272 12.655  1.00 117.04 ? 439 HIS A ND1 1 
ATOM   8   C  CD2 . HIS A 1 30  ? 0.408   -17.317 12.949  1.00 109.66 ? 439 HIS A CD2 1 
ATOM   9   C  CE1 . HIS A 1 30  ? 0.660   -19.483 13.214  1.00 105.55 ? 439 HIS A CE1 1 
ATOM   10  N  NE2 . HIS A 1 30  ? 1.241   -18.312 13.409  1.00 104.55 ? 439 HIS A NE2 1 
ATOM   11  N  N   . ILE A 1 31  ? -2.811  -16.234 8.475   1.00 90.99  ? 440 ILE A N   1 
ATOM   12  C  CA  . ILE A 1 31  ? -2.617  -15.217 7.437   1.00 80.37  ? 440 ILE A CA  1 
ATOM   13  C  C   . ILE A 1 31  ? -3.176  -13.923 8.027   1.00 67.20  ? 440 ILE A C   1 
ATOM   14  O  O   . ILE A 1 31  ? -3.931  -13.958 9.003   1.00 64.28  ? 440 ILE A O   1 
ATOM   15  C  CB  . ILE A 1 31  ? -3.389  -15.528 6.105   1.00 91.73  ? 440 ILE A CB  1 
ATOM   16  C  CG1 . ILE A 1 31  ? -3.906  -16.994 6.014   1.00 94.16  ? 440 ILE A CG1 1 
ATOM   17  C  CG2 . ILE A 1 31  ? -2.544  -15.142 4.879   1.00 91.80  ? 440 ILE A CG2 1 
ATOM   18  C  CD1 . ILE A 1 31  ? -5.348  -17.208 6.474   1.00 89.05  ? 440 ILE A CD1 1 
ATOM   19  N  N   . TRP A 1 32  ? -2.820  -12.778 7.461   1.00 51.36  ? 441 TRP A N   1 
ATOM   20  C  CA  . TRP A 1 32  ? -3.538  -11.571 7.815   1.00 41.89  ? 441 TRP A CA  1 
ATOM   21  C  C   . TRP A 1 32  ? -4.850  -11.549 7.005   1.00 41.27  ? 441 TRP A C   1 
ATOM   22  O  O   . TRP A 1 32  ? -4.865  -11.809 5.815   1.00 42.47  ? 441 TRP A O   1 
ATOM   23  C  CB  . TRP A 1 32  ? -2.714  -10.301 7.534   1.00 34.96  ? 441 TRP A CB  1 
ATOM   24  C  CG  . TRP A 1 32  ? -3.519  -9.063  7.847   1.00 29.86  ? 441 TRP A CG  1 
ATOM   25  C  CD1 . TRP A 1 32  ? -3.743  -8.538  9.061   1.00 28.63  ? 441 TRP A CD1 1 
ATOM   26  C  CD2 . TRP A 1 32  ? -4.269  -8.269  6.925   1.00 25.98  ? 441 TRP A CD2 1 
ATOM   27  N  NE1 . TRP A 1 32  ? -4.555  -7.433  8.957   1.00 26.65  ? 441 TRP A NE1 1 
ATOM   28  C  CE2 . TRP A 1 32  ? -4.891  -7.266  7.648   1.00 25.14  ? 441 TRP A CE2 1 
ATOM   29  C  CE3 . TRP A 1 32  ? -4.459  -8.317  5.546   1.00 27.27  ? 441 TRP A CE3 1 
ATOM   30  C  CZ2 . TRP A 1 32  ? -5.687  -6.317  7.055   1.00 25.96  ? 441 TRP A CZ2 1 
ATOM   31  C  CZ3 . TRP A 1 32  ? -5.229  -7.376  4.956   1.00 25.57  ? 441 TRP A CZ3 1 
ATOM   32  C  CH2 . TRP A 1 32  ? -5.850  -6.390  5.710   1.00 26.16  ? 441 TRP A CH2 1 
ATOM   33  N  N   . ARG A 1 33  ? -5.946  -11.237 7.661   1.00 42.64  ? 442 ARG A N   1 
ATOM   34  C  CA  . ARG A 1 33  ? -7.205  -11.033 6.979   1.00 46.39  ? 442 ARG A CA  1 
ATOM   35  C  C   . ARG A 1 33  ? -7.907  -9.876  7.688   1.00 40.54  ? 442 ARG A C   1 
ATOM   36  O  O   . ARG A 1 33  ? -8.252  -10.012 8.853   1.00 38.55  ? 442 ARG A O   1 
ATOM   37  C  CB  . ARG A 1 33  ? -8.075  -12.311 7.010   1.00 50.13  ? 442 ARG A CB  1 
ATOM   38  C  CG  . ARG A 1 33  ? -9.458  -12.168 6.362   1.00 61.50  ? 442 ARG A CG  1 
ATOM   39  C  CD  . ARG A 1 33  ? -10.407 -11.241 7.139   1.00 69.38  ? 442 ARG A CD  1 
ATOM   40  N  NE  . ARG A 1 33  ? -11.807 -11.289 6.682   1.00 74.95  ? 442 ARG A NE  1 
ATOM   41  C  CZ  . ARG A 1 33  ? -12.854 -10.862 7.393   1.00 66.72  ? 442 ARG A CZ  1 
ATOM   42  N  NH1 . ARG A 1 33  ? -12.684 -10.360 8.615   1.00 64.89  ? 442 ARG A NH1 1 
ATOM   43  N  NH2 . ARG A 1 33  ? -14.081 -10.967 6.891   1.00 58.83  ? 442 ARG A NH2 1 
ATOM   44  N  N   . GLY A 1 34  ? -8.150  -8.774  6.974   1.00 32.27  ? 443 GLY A N   1 
ATOM   45  C  CA  . GLY A 1 34  ? -8.858  -7.665  7.540   1.00 29.33  ? 443 GLY A CA  1 
ATOM   46  C  C   . GLY A 1 34  ? -9.500  -6.809  6.492   1.00 29.04  ? 443 GLY A C   1 
ATOM   47  O  O   . GLY A 1 34  ? -9.698  -7.241  5.364   1.00 29.20  ? 443 GLY A O   1 
HETATM 48  N  N   . MSE A 1 35  ? -9.806  -5.580  6.875   1.00 29.18  ? 444 MSE A N   1 
HETATM 49  C  CA  . MSE A 1 35  ? -10.480 -4.617  6.019   1.00 29.01  ? 444 MSE A CA  1 
HETATM 50  C  C   . MSE A 1 35  ? -9.582  -3.496  5.531   1.00 27.65  ? 444 MSE A C   1 
HETATM 51  O  O   . MSE A 1 35  ? -8.708  -2.983  6.242   1.00 24.20  ? 444 MSE A O   1 
HETATM 52  C  CB  . MSE A 1 35  ? -11.572 -3.962  6.858   1.00 31.24  ? 444 MSE A CB  1 
HETATM 53  C  CG  . MSE A 1 35  ? -12.083 -2.698  6.198   1.00 33.88  ? 444 MSE A CG  1 
HETATM 54  SE SE  . MSE A 1 35  ? -13.468 -1.821  7.274   1.00 44.20  ? 444 MSE A SE  1 
HETATM 55  C  CE  . MSE A 1 35  ? -14.846 -3.199  6.948   1.00 44.21  ? 444 MSE A CE  1 
ATOM   56  N  N   . ILE A 1 36  ? -9.873  -3.049  4.321   1.00 26.17  ? 445 ILE A N   1 
ATOM   57  C  CA  . ILE A 1 36  ? -9.352  -1.815  3.819   1.00 25.58  ? 445 ILE A CA  1 
ATOM   58  C  C   . ILE A 1 36  ? -10.406 -0.745  3.800   1.00 26.03  ? 445 ILE A C   1 
ATOM   59  O  O   . ILE A 1 36  ? -11.554 -1.013  3.454   1.00 30.70  ? 445 ILE A O   1 
ATOM   60  C  CB  . ILE A 1 36  ? -8.826  -2.021  2.404   1.00 26.93  ? 445 ILE A CB  1 
ATOM   61  C  CG1 . ILE A 1 36  ? -7.587  -2.899  2.478   1.00 27.12  ? 445 ILE A CG1 1 
ATOM   62  C  CG2 . ILE A 1 36  ? -8.420  -0.691  1.819   1.00 28.19  ? 445 ILE A CG2 1 
ATOM   63  C  CD1 . ILE A 1 36  ? -7.078  -3.336  1.155   1.00 28.06  ? 445 ILE A CD1 1 
ATOM   64  N  N   . ALA A 1 37  ? -10.007 0.478   4.135   1.00 27.47  ? 446 ALA A N   1 
ATOM   65  C  CA  . ALA A 1 37  ? -10.928 1.616   4.245   1.00 27.26  ? 446 ALA A CA  1 
ATOM   66  C  C   . ALA A 1 37  ? -10.342 2.874   3.679   1.00 26.90  ? 446 ALA A C   1 
ATOM   67  O  O   . ALA A 1 37  ? -9.148  3.040   3.632   1.00 27.57  ? 446 ALA A O   1 
ATOM   68  C  CB  . ALA A 1 37  ? -11.273 1.854   5.681   1.00 28.05  ? 446 ALA A CB  1 
ATOM   69  N  N   . LYS A 1 38  ? -11.200 3.770   3.247   1.00 28.60  ? 447 LYS A N   1 
ATOM   70  C  CA  . LYS A 1 38  ? -10.775 5.033   2.690   1.00 30.26  ? 447 LYS A CA  1 
ATOM   71  C  C   . LYS A 1 38  ? -11.444 6.065   3.564   1.00 30.36  ? 447 LYS A C   1 
ATOM   72  O  O   . LYS A 1 38  ? -12.672 6.160   3.585   1.00 33.49  ? 447 LYS A O   1 
ATOM   73  C  CB  . LYS A 1 38  ? -11.256 5.149   1.245   1.00 33.65  ? 447 LYS A CB  1 
ATOM   74  C  CG  . LYS A 1 38  ? -11.282 6.553   0.654   1.00 36.36  ? 447 LYS A CG  1 
ATOM   75  C  CD  . LYS A 1 38  ? -11.568 6.542   -0.844  1.00 41.34  ? 447 LYS A CD  1 
ATOM   76  C  CE  . LYS A 1 38  ? -12.976 5.993   -1.167  1.00 48.52  ? 447 LYS A CE  1 
ATOM   77  N  NZ  . LYS A 1 38  ? -13.226 5.688   -2.613  1.00 52.30  ? 447 LYS A NZ  1 
ATOM   78  N  N   . GLY A 1 39  ? -10.656 6.819   4.315   1.00 28.45  ? 448 GLY A N   1 
ATOM   79  C  CA  . GLY A 1 39  ? -11.205 7.889   5.119   1.00 28.13  ? 448 GLY A CA  1 
ATOM   80  C  C   . GLY A 1 39  ? -12.153 7.361   6.156   1.00 27.35  ? 448 GLY A C   1 
ATOM   81  O  O   . GLY A 1 39  ? -13.151 7.987   6.434   1.00 28.72  ? 448 GLY A O   1 
ATOM   82  N  N   . GLY A 1 40  ? -11.834 6.201   6.709   1.00 25.85  ? 449 GLY A N   1 
ATOM   83  C  CA  . GLY A 1 40  ? -12.736 5.495   7.609   1.00 27.48  ? 449 GLY A CA  1 
ATOM   84  C  C   . GLY A 1 40  ? -13.919 4.712   6.986   1.00 26.78  ? 449 GLY A C   1 
ATOM   85  O  O   . GLY A 1 40  ? -14.615 3.987   7.719   1.00 26.54  ? 449 GLY A O   1 
ATOM   86  N  N   . THR A 1 41  ? -14.157 4.875   5.678   1.00 24.74  ? 450 THR A N   1 
ATOM   87  C  CA  . THR A 1 41  ? -15.290 4.266   4.987   1.00 26.22  ? 450 THR A CA  1 
ATOM   88  C  C   . THR A 1 41  ? -14.857 2.922   4.375   1.00 27.27  ? 450 THR A C   1 
ATOM   89  O  O   . THR A 1 41  ? -13.952 2.881   3.518   1.00 26.08  ? 450 THR A O   1 
ATOM   90  C  CB  . THR A 1 41  ? -15.762 5.147   3.813   1.00 28.12  ? 450 THR A CB  1 
ATOM   91  O  OG1 . THR A 1 41  ? -16.321 6.377   4.290   1.00 27.88  ? 450 THR A OG1 1 
ATOM   92  C  CG2 . THR A 1 41  ? -16.803 4.424   2.986   1.00 29.38  ? 450 THR A CG2 1 
ATOM   93  N  N   . PRO A 1 42  ? -15.504 1.821   4.775   1.00 27.50  ? 451 PRO A N   1 
ATOM   94  C  CA  . PRO A 1 42  ? -14.995 0.513   4.329   1.00 29.23  ? 451 PRO A CA  1 
ATOM   95  C  C   . PRO A 1 42  ? -14.970 0.389   2.831   1.00 28.96  ? 451 PRO A C   1 
ATOM   96  O  O   . PRO A 1 42  ? -15.876 0.883   2.171   1.00 29.40  ? 451 PRO A O   1 
ATOM   97  C  CB  . PRO A 1 42  ? -15.997 -0.482  4.904   1.00 28.96  ? 451 PRO A CB  1 
ATOM   98  C  CG  . PRO A 1 42  ? -16.525 0.224   6.103   1.00 30.56  ? 451 PRO A CG  1 
ATOM   99  C  CD  . PRO A 1 42  ? -16.606 1.675   5.732   1.00 28.80  ? 451 PRO A CD  1 
ATOM   100 N  N   . VAL A 1 43  ? -13.915 -0.204  2.298   1.00 27.78  ? 452 VAL A N   1 
ATOM   101 C  CA  . VAL A 1 43  ? -13.813 -0.370  0.862   1.00 28.20  ? 452 VAL A CA  1 
ATOM   102 C  C   . VAL A 1 43  ? -14.078 -1.830  0.513   1.00 28.32  ? 452 VAL A C   1 
ATOM   103 O  O   . VAL A 1 43  ? -14.892 -2.101  -0.359  1.00 26.85  ? 452 VAL A O   1 
ATOM   104 C  CB  . VAL A 1 43  ? -12.440 0.076   0.347   1.00 28.49  ? 452 VAL A CB  1 
ATOM   105 C  CG1 . VAL A 1 43  ? -12.214 -0.389  -1.081  1.00 29.83  ? 452 VAL A CG1 1 
ATOM   106 C  CG2 . VAL A 1 43  ? -12.352 1.590   0.386   1.00 30.08  ? 452 VAL A CG2 1 
ATOM   107 N  N   . CYS A 1 44  ? -13.393 -2.748  1.206   1.00 25.48  ? 453 CYS A N   1 
ATOM   108 C  CA  . CYS A 1 44  ? -13.506 -4.148  0.950   1.00 23.53  ? 453 CYS A CA  1 
ATOM   109 C  C   . CYS A 1 44  ? -12.726 -4.895  2.010   1.00 24.37  ? 453 CYS A C   1 
ATOM   110 O  O   . CYS A 1 44  ? -12.023 -4.275  2.815   1.00 26.30  ? 453 CYS A O   1 
ATOM   111 C  CB  . CYS A 1 44  ? -12.941 -4.449  -0.422  1.00 24.33  ? 453 CYS A CB  1 
ATOM   112 S  SG  . CYS A 1 44  ? -11.148 -4.634  -0.476  1.00 27.31  ? 453 CYS A SG  1 
ATOM   113 N  N   . CYS A 1 45  ? -12.858 -6.213  2.041   1.00 24.88  ? 454 CYS A N   1 
ATOM   114 C  CA  . CYS A 1 45  ? -12.057 -7.047  2.924   1.00 27.13  ? 454 CYS A CA  1 
ATOM   115 C  C   . CYS A 1 45  ? -10.893 -7.619  2.074   1.00 27.38  ? 454 CYS A C   1 
ATOM   116 O  O   . CYS A 1 45  ? -10.985 -7.774  0.830   1.00 24.15  ? 454 CYS A O   1 
ATOM   117 C  CB  . CYS A 1 45  ? -12.891 -8.147  3.634   1.00 29.86  ? 454 CYS A CB  1 
ATOM   118 S  SG  . CYS A 1 45  ? -14.189 -7.637  4.854   1.00 37.07  ? 454 CYS A SG  1 
ATOM   119 N  N   . ALA A 1 46  ? -9.778  -7.906  2.741   1.00 26.41  ? 455 ALA A N   1 
ATOM   120 C  CA  . ALA A 1 46  ? -8.566  -8.136  2.023   1.00 26.89  ? 455 ALA A CA  1 
ATOM   121 C  C   . ALA A 1 46  ? -7.726  -9.096  2.761   1.00 27.81  ? 455 ALA A C   1 
ATOM   122 O  O   . ALA A 1 46  ? -7.909  -9.250  3.954   1.00 28.32  ? 455 ALA A O   1 
ATOM   123 C  CB  . ALA A 1 46  ? -7.825  -6.817  1.855   1.00 28.05  ? 455 ALA A CB  1 
ATOM   124 N  N   . ARG A 1 47  ? -6.802  -9.720  2.033   1.00 30.82  ? 456 ARG A N   1 
ATOM   125 C  CA  . ARG A 1 47  ? -5.793  -10.637 2.572   1.00 35.47  ? 456 ARG A CA  1 
ATOM   126 C  C   . ARG A 1 47  ? -4.446  -10.190 2.061   1.00 38.28  ? 456 ARG A C   1 
ATOM   127 O  O   . ARG A 1 47  ? -4.356  -9.273  1.242   1.00 34.42  ? 456 ARG A O   1 
ATOM   128 C  CB  . ARG A 1 47  ? -6.054  -12.107 2.138   1.00 35.74  ? 456 ARG A CB  1 
ATOM   129 C  CG  . ARG A 1 47  ? -6.618  -12.961 3.272   1.00 37.49  ? 456 ARG A CG  1 
ATOM   130 C  CD  . ARG A 1 47  ? -7.254  -14.289 2.865   1.00 38.09  ? 456 ARG A CD  1 
ATOM   131 N  NE  . ARG A 1 47  ? -7.900  -14.204 1.574   1.00 37.95  ? 456 ARG A NE  1 
ATOM   132 C  CZ  . ARG A 1 47  ? -7.360  -14.633 0.442   1.00 40.70  ? 456 ARG A CZ  1 
ATOM   133 N  NH1 . ARG A 1 47  ? -6.166  -15.204 0.443   1.00 42.19  ? 456 ARG A NH1 1 
ATOM   134 N  NH2 . ARG A 1 47  ? -8.011  -14.479 -0.704  1.00 42.78  ? 456 ARG A NH2 1 
ATOM   135 N  N   . CYS A 1 48  ? -3.403  -10.902 2.464   1.00 44.88  ? 457 CYS A N   1 
ATOM   136 C  CA  . CYS A 1 48  ? -2.075  -10.377 2.286   1.00 49.14  ? 457 CYS A CA  1 
ATOM   137 C  C   . CYS A 1 48  ? -0.978  -11.425 2.143   1.00 45.49  ? 457 CYS A C   1 
ATOM   138 O  O   . CYS A 1 48  ? -0.778  -12.211 3.027   1.00 50.25  ? 457 CYS A O   1 
ATOM   139 C  CB  . CYS A 1 48  ? -1.831  -9.523  3.513   1.00 53.80  ? 457 CYS A CB  1 
ATOM   140 S  SG  . CYS A 1 48  ? -0.155  -9.017  3.712   1.00 61.23  ? 457 CYS A SG  1 
ATOM   141 N  N   . VAL A 1 49  ? -0.264  -11.381 1.030   1.00 47.49  ? 458 VAL A N   1 
ATOM   142 C  CA  . VAL A 1 49  ? 0.868   -12.262 0.699   1.00 49.66  ? 458 VAL A CA  1 
ATOM   143 C  C   . VAL A 1 49  ? 2.211   -11.469 0.737   1.00 52.41  ? 458 VAL A C   1 
ATOM   144 O  O   . VAL A 1 49  ? 2.308   -10.414 0.083   1.00 46.93  ? 458 VAL A O   1 
ATOM   145 C  CB  . VAL A 1 49  ? 0.713   -12.778 -0.773  1.00 53.98  ? 458 VAL A CB  1 
ATOM   146 C  CG1 . VAL A 1 49  ? 1.485   -14.078 -0.999  1.00 56.19  ? 458 VAL A CG1 1 
ATOM   147 C  CG2 . VAL A 1 49  ? -0.755  -12.934 -1.190  1.00 51.09  ? 458 VAL A CG2 1 
ATOM   148 N  N   . PRO A 1 50  ? 3.258   -11.963 1.459   1.00 58.60  ? 459 PRO A N   1 
ATOM   149 C  CA  . PRO A 1 50  ? 4.546   -11.198 1.508   1.00 55.02  ? 459 PRO A CA  1 
ATOM   150 C  C   . PRO A 1 50  ? 5.423   -11.179 0.242   1.00 58.91  ? 459 PRO A C   1 
ATOM   151 O  O   . PRO A 1 50  ? 5.096   -11.825 -0.750  1.00 59.00  ? 459 PRO A O   1 
ATOM   152 C  CB  . PRO A 1 50  ? 5.298   -11.877 2.653   1.00 56.49  ? 459 PRO A CB  1 
ATOM   153 C  CG  . PRO A 1 50  ? 4.208   -12.405 3.548   1.00 58.29  ? 459 PRO A CG  1 
ATOM   154 C  CD  . PRO A 1 50  ? 3.170   -12.926 2.580   1.00 57.86  ? 459 PRO A CD  1 
HETATM 155 N  N   . MSE A 1 51  ? 6.511   -10.397 0.276   1.00 65.43  ? 460 MSE A N   1 
HETATM 156 C  CA  . MSE A 1 51  ? 7.641   -10.524 -0.689  1.00 66.76  ? 460 MSE A CA  1 
HETATM 157 C  C   . MSE A 1 51  ? 8.930   -10.436 0.129   1.00 61.10  ? 460 MSE A C   1 
HETATM 158 O  O   . MSE A 1 51  ? 8.996   -10.870 1.297   1.00 57.00  ? 460 MSE A O   1 
HETATM 159 C  CB  . MSE A 1 51  ? 7.475   -9.505  -1.856  1.00 68.98  ? 460 MSE A CB  1 
HETATM 160 C  CG  . MSE A 1 51  ? 8.731   -9.111  -2.686  1.00 70.34  ? 460 MSE A CG  1 
HETATM 161 SE SE  . MSE A 1 51  ? 8.509   -7.696  -4.109  1.00 75.73  ? 460 MSE A SE  1 
HETATM 162 C  CE  . MSE A 1 51  ? 9.307   -8.622  -5.694  1.00 76.40  ? 460 MSE A CE  1 
ATOM   163 N  N   . GLU A 1 56  ? 8.560   -7.243  8.174   1.00 65.82  ? 465 GLU A N   1 
ATOM   164 C  CA  . GLU A 1 56  ? 7.231   -6.711  8.263   1.00 67.15  ? 465 GLU A CA  1 
ATOM   165 C  C   . GLU A 1 56  ? 6.727   -6.870  9.706   1.00 77.35  ? 465 GLU A C   1 
ATOM   166 O  O   . GLU A 1 56  ? 7.045   -7.864  10.356  1.00 77.80  ? 465 GLU A O   1 
ATOM   167 C  CB  . GLU A 1 56  ? 6.338   -7.427  7.238   1.00 71.02  ? 465 GLU A CB  1 
ATOM   168 C  CG  . GLU A 1 56  ? 6.224   -6.685  5.899   1.00 73.72  ? 465 GLU A CG  1 
ATOM   169 C  CD  . GLU A 1 56  ? 5.349   -5.419  6.005   1.00 70.42  ? 465 GLU A CD  1 
ATOM   170 O  OE1 . GLU A 1 56  ? 4.854   -5.162  7.120   1.00 64.75  ? 465 GLU A OE1 1 
ATOM   171 O  OE2 . GLU A 1 56  ? 5.136   -4.680  5.004   1.00 61.07  ? 465 GLU A OE2 1 
ATOM   172 N  N   . THR A 1 57  ? 5.996   -5.865  10.217  1.00 84.27  ? 466 THR A N   1 
ATOM   173 C  CA  . THR A 1 57  ? 5.266   -5.946  11.515  1.00 80.48  ? 466 THR A CA  1 
ATOM   174 C  C   . THR A 1 57  ? 3.770   -6.275  11.249  1.00 78.45  ? 466 THR A C   1 
ATOM   175 O  O   . THR A 1 57  ? 3.358   -6.693  10.138  1.00 68.27  ? 466 THR A O   1 
ATOM   176 C  CB  . THR A 1 57  ? 5.332   -4.633  12.386  1.00 77.36  ? 466 THR A CB  1 
ATOM   177 O  OG1 . THR A 1 57  ? 6.582   -3.963  12.220  1.00 78.78  ? 466 THR A OG1 1 
ATOM   178 C  CG2 . THR A 1 57  ? 5.163   -4.924  13.891  1.00 76.40  ? 466 THR A CG2 1 
ATOM   179 N  N   . LYS A 1 58  ? 2.960   -6.090  12.279  1.00 68.16  ? 467 LYS A N   1 
ATOM   180 C  CA  . LYS A 1 58  ? 1.620   -6.521  12.211  1.00 64.58  ? 467 LYS A CA  1 
ATOM   181 C  C   . LYS A 1 58  ? 0.809   -5.397  11.596  1.00 56.00  ? 467 LYS A C   1 
ATOM   182 O  O   . LYS A 1 58  ? 0.985   -4.181  11.877  1.00 42.53  ? 467 LYS A O   1 
ATOM   183 C  CB  . LYS A 1 58  ? 1.081   -6.909  13.594  1.00 76.90  ? 467 LYS A CB  1 
ATOM   184 C  CG  . LYS A 1 58  ? 1.389   -8.336  14.050  1.00 77.86  ? 467 LYS A CG  1 
ATOM   185 C  CD  . LYS A 1 58  ? 0.716   -8.628  15.398  1.00 83.60  ? 467 LYS A CD  1 
ATOM   186 C  CE  . LYS A 1 58  ? 1.431   -7.947  16.569  1.00 86.94  ? 467 LYS A CE  1 
ATOM   187 N  NZ  . LYS A 1 58  ? 2.722   -8.611  16.911  1.00 85.00  ? 467 LYS A NZ  1 
ATOM   188 N  N   . LEU A 1 59  ? -0.084  -5.875  10.737  1.00 49.31  ? 468 LEU A N   1 
ATOM   189 C  CA  . LEU A 1 59  ? -1.058  -5.093  10.058  1.00 42.07  ? 468 LEU A CA  1 
ATOM   190 C  C   . LEU A 1 59  ? -2.220  -4.947  10.998  1.00 36.18  ? 468 LEU A C   1 
ATOM   191 O  O   . LEU A 1 59  ? -2.578  -5.870  11.679  1.00 35.58  ? 468 LEU A O   1 
ATOM   192 C  CB  . LEU A 1 59  ? -1.460  -5.839  8.795   1.00 43.15  ? 468 LEU A CB  1 
ATOM   193 C  CG  . LEU A 1 59  ? -0.318  -5.917  7.778   1.00 45.55  ? 468 LEU A CG  1 
ATOM   194 C  CD1 . LEU A 1 59  ? -0.633  -6.901  6.671   1.00 47.09  ? 468 LEU A CD1 1 
ATOM   195 C  CD2 . LEU A 1 59  ? -0.072  -4.540  7.176   1.00 44.31  ? 468 LEU A CD2 1 
ATOM   196 N  N   . PRO A 1 60  ? -2.809  -3.778  11.062  1.00 32.90  ? 469 PRO A N   1 
ATOM   197 C  CA  . PRO A 1 60  ? -3.993  -3.739  11.890  1.00 33.84  ? 469 PRO A CA  1 
ATOM   198 C  C   . PRO A 1 60  ? -5.189  -4.505  11.282  1.00 34.75  ? 469 PRO A C   1 
ATOM   199 O  O   . PRO A 1 60  ? -5.151  -4.968  10.140  1.00 34.40  ? 469 PRO A O   1 
ATOM   200 C  CB  . PRO A 1 60  ? -4.302  -2.232  11.969  1.00 35.50  ? 469 PRO A CB  1 
ATOM   201 C  CG  . PRO A 1 60  ? -3.671  -1.635  10.743  1.00 34.09  ? 469 PRO A CG  1 
ATOM   202 C  CD  . PRO A 1 60  ? -2.642  -2.575  10.228  1.00 33.57  ? 469 PRO A CD  1 
ATOM   203 N  N   . GLU A 1 61  ? -6.257  -4.615  12.052  1.00 37.49  ? 470 GLU A N   1 
ATOM   204 C  CA  . GLU A 1 61  ? -7.492  -5.202  11.576  1.00 40.75  ? 470 GLU A CA  1 
ATOM   205 C  C   . GLU A 1 61  ? -7.987  -4.369  10.386  1.00 37.94  ? 470 GLU A C   1 
ATOM   206 O  O   . GLU A 1 61  ? -8.450  -4.904  9.389   1.00 37.99  ? 470 GLU A O   1 
ATOM   207 C  CB  . GLU A 1 61  ? -8.543  -5.238  12.689  1.00 51.39  ? 470 GLU A CB  1 
ATOM   208 C  CG  . GLU A 1 61  ? -8.001  -5.114  14.131  1.00 64.77  ? 470 GLU A CG  1 
ATOM   209 C  CD  . GLU A 1 61  ? -9.011  -5.492  15.230  1.00 75.01  ? 470 GLU A CD  1 
ATOM   210 O  OE1 . GLU A 1 61  ? -10.083 -4.833  15.353  1.00 77.78  ? 470 GLU A OE1 1 
ATOM   211 O  OE2 . GLU A 1 61  ? -8.710  -6.448  15.988  1.00 69.06  ? 470 GLU A OE2 1 
ATOM   212 N  N   . VAL A 1 62  ? -7.871  -3.052  10.500  1.00 33.93  ? 471 VAL A N   1 
ATOM   213 C  CA  . VAL A 1 62  ? -8.229  -2.144  9.448   1.00 29.17  ? 471 VAL A CA  1 
ATOM   214 C  C   . VAL A 1 62  ? -7.022  -1.407  8.982   1.00 26.93  ? 471 VAL A C   1 
ATOM   215 O  O   . VAL A 1 62  ? -6.379  -0.775  9.755   1.00 27.46  ? 471 VAL A O   1 
ATOM   216 C  CB  . VAL A 1 62  ? -9.196  -1.064  9.891   1.00 29.73  ? 471 VAL A CB  1 
ATOM   217 C  CG1 . VAL A 1 62  ? -9.530  -0.160  8.705   1.00 32.86  ? 471 VAL A CG1 1 
ATOM   218 C  CG2 . VAL A 1 62  ? -10.482 -1.676  10.394  1.00 31.53  ? 471 VAL A CG2 1 
ATOM   219 N  N   . VAL A 1 63  ? -6.747  -1.511  7.697   1.00 26.24  ? 472 VAL A N   1 
ATOM   220 C  CA  . VAL A 1 63  ? -5.863  -0.641  7.011   1.00 26.56  ? 472 VAL A CA  1 
ATOM   221 C  C   . VAL A 1 63  ? -6.689  0.505   6.482   1.00 25.88  ? 472 VAL A C   1 
ATOM   222 O  O   . VAL A 1 63  ? -7.311  0.385   5.434   1.00 25.94  ? 472 VAL A O   1 
ATOM   223 C  CB  . VAL A 1 63  ? -5.220  -1.338  5.801   1.00 28.02  ? 472 VAL A CB  1 
ATOM   224 C  CG1 . VAL A 1 63  ? -4.308  -0.384  5.040   1.00 29.62  ? 472 VAL A CG1 1 
ATOM   225 C  CG2 . VAL A 1 63  ? -4.430  -2.541  6.259   1.00 29.48  ? 472 VAL A CG2 1 
ATOM   226 N  N   . ASN A 1 64  ? -6.692  1.624   7.173   1.00 23.61  ? 473 ASN A N   1 
ATOM   227 C  CA  . ASN A 1 64  ? -7.411  2.753   6.650   1.00 23.62  ? 473 ASN A CA  1 
ATOM   228 C  C   . ASN A 1 64  ? -6.552  3.698   5.859   1.00 23.50  ? 473 ASN A C   1 
ATOM   229 O  O   . ASN A 1 64  ? -5.558  4.239   6.377   1.00 26.25  ? 473 ASN A O   1 
ATOM   230 C  CB  . ASN A 1 64  ? -8.049  3.486   7.781   1.00 24.26  ? 473 ASN A CB  1 
ATOM   231 C  CG  . ASN A 1 64  ? -8.699  4.768   7.344   1.00 26.85  ? 473 ASN A CG  1 
ATOM   232 O  OD1 . ASN A 1 64  ? -9.225  4.910   6.245   1.00 25.82  ? 473 ASN A OD1 1 
ATOM   233 N  ND2 . ASN A 1 64  ? -8.646  5.741   8.232   1.00 30.31  ? 473 ASN A ND2 1 
ATOM   234 N  N   . CYS A 1 65  ? -6.936  3.924   4.609   1.00 23.47  ? 474 CYS A N   1 
ATOM   235 C  CA  . CYS A 1 65  ? -6.283  4.941   3.766   1.00 25.31  ? 474 CYS A CA  1 
ATOM   236 C  C   . CYS A 1 65  ? -6.772  6.320   4.166   1.00 25.59  ? 474 CYS A C   1 
ATOM   237 O  O   . CYS A 1 65  ? -7.757  6.795   3.673   1.00 22.49  ? 474 CYS A O   1 
ATOM   238 C  CB  . CYS A 1 65  ? -6.558  4.685   2.310   1.00 26.54  ? 474 CYS A CB  1 
ATOM   239 S  SG  . CYS A 1 65  ? -5.927  5.895   1.127   1.00 30.56  ? 474 CYS A SG  1 
ATOM   240 N  N   . SER A 1 66  ? -6.064  6.946   5.105   1.00 28.62  ? 475 SER A N   1 
ATOM   241 C  CA  . SER A 1 66  ? -6.465  8.247   5.643   1.00 29.25  ? 475 SER A CA  1 
ATOM   242 C  C   . SER A 1 66  ? -6.040  9.456   4.790   1.00 28.42  ? 475 SER A C   1 
ATOM   243 O  O   . SER A 1 66  ? -6.374  10.581  5.085   1.00 27.91  ? 475 SER A O   1 
ATOM   244 C  CB  . SER A 1 66  ? -5.867  8.409   7.016   1.00 27.59  ? 475 SER A CB  1 
ATOM   245 O  OG  . SER A 1 66  ? -4.486  8.602   6.862   1.00 30.75  ? 475 SER A OG  1 
ATOM   246 N  N   . ALA A 1 67  ? -5.257  9.225   3.760   1.00 29.39  ? 476 ALA A N   1 
ATOM   247 C  CA  . ALA A 1 67  ? -4.740  10.330  2.961   1.00 30.33  ? 476 ALA A CA  1 
ATOM   248 C  C   . ALA A 1 67  ? -4.014  9.766   1.762   1.00 32.72  ? 476 ALA A C   1 
ATOM   249 O  O   . ALA A 1 67  ? -3.719  8.546   1.691   1.00 28.35  ? 476 ALA A O   1 
ATOM   250 C  CB  . ALA A 1 67  ? -3.783  11.191  3.769   1.00 30.82  ? 476 ALA A CB  1 
ATOM   251 N  N   . ARG A 1 68  ? -3.717  10.677  0.843   1.00 34.39  ? 477 ARG A N   1 
ATOM   252 C  CA  . ARG A 1 68  ? -2.914  10.363  -0.308  1.00 36.78  ? 477 ARG A CA  1 
ATOM   253 C  C   . ARG A 1 68  ? -1.543  11.087  -0.352  1.00 34.98  ? 477 ARG A C   1 
ATOM   254 O  O   . ARG A 1 68  ? -1.290  12.039  0.358   1.00 33.08  ? 477 ARG A O   1 
ATOM   255 C  CB  . ARG A 1 68  ? -3.731  10.635  -1.544  1.00 39.40  ? 477 ARG A CB  1 
ATOM   256 C  CG  . ARG A 1 68  ? -4.919  9.693   -1.618  1.00 46.48  ? 477 ARG A CG  1 
ATOM   257 C  CD  . ARG A 1 68  ? -5.943  10.149  -2.643  1.00 51.87  ? 477 ARG A CD  1 
ATOM   258 N  NE  . ARG A 1 68  ? -6.399  11.477  -2.270  1.00 61.11  ? 477 ARG A NE  1 
ATOM   259 C  CZ  . ARG A 1 68  ? -7.274  12.191  -2.954  1.00 71.97  ? 477 ARG A CZ  1 
ATOM   260 N  NH1 . ARG A 1 68  ? -7.828  11.680  -4.056  1.00 79.10  ? 477 ARG A NH1 1 
ATOM   261 N  NH2 . ARG A 1 68  ? -7.599  13.410  -2.510  1.00 71.33  ? 477 ARG A NH2 1 
ATOM   262 N  N   . THR A 1 69  ? -0.665  10.583  -1.198  1.00 32.19  ? 478 THR A N   1 
ATOM   263 C  CA  . THR A 1 69  ? 0.615   11.167  -1.410  1.00 30.86  ? 478 THR A CA  1 
ATOM   264 C  C   . THR A 1 69  ? 0.929   11.037  -2.922  1.00 31.43  ? 478 THR A C   1 
ATOM   265 O  O   . THR A 1 69  ? 0.519   10.075  -3.563  1.00 29.58  ? 478 THR A O   1 
ATOM   266 C  CB  . THR A 1 69  ? 1.648   10.487  -0.497  1.00 30.25  ? 478 THR A CB  1 
ATOM   267 O  OG1 . THR A 1 69  ? 2.948   11.019  -0.729  1.00 30.02  ? 478 THR A OG1 1 
ATOM   268 C  CG2 . THR A 1 69  ? 1.710   8.982   -0.734  1.00 34.09  ? 478 THR A CG2 1 
ATOM   269 N  N   . ASP A 1 70  ? 1.613   12.032  -3.480  1.00 30.10  ? 479 ASP A N   1 
ATOM   270 C  CA  . ASP A 1 70  ? 1.972   12.010  -4.843  1.00 30.20  ? 479 ASP A CA  1 
ATOM   271 C  C   . ASP A 1 70  ? 3.058   10.998  -4.976  1.00 31.29  ? 479 ASP A C   1 
ATOM   272 O  O   . ASP A 1 70  ? 3.956   10.892  -4.148  1.00 31.25  ? 479 ASP A O   1 
ATOM   273 C  CB  . ASP A 1 70  ? 2.498   13.366  -5.305  1.00 34.13  ? 479 ASP A CB  1 
ATOM   274 C  CG  . ASP A 1 70  ? 1.454   14.452  -5.244  1.00 37.13  ? 479 ASP A CG  1 
ATOM   275 O  OD1 . ASP A 1 70  ? 0.241   14.168  -5.336  1.00 41.86  ? 479 ASP A OD1 1 
ATOM   276 O  OD2 . ASP A 1 70  ? 1.859   15.620  -5.118  1.00 43.05  ? 479 ASP A OD2 1 
ATOM   277 N  N   . LEU A 1 71  ? 3.009   10.248  -6.052  1.00 32.98  ? 480 LEU A N   1 
ATOM   278 C  CA  . LEU A 1 71  ? 4.088   9.350   -6.320  1.00 32.11  ? 480 LEU A CA  1 
ATOM   279 C  C   . LEU A 1 71  ? 5.439   10.051  -6.330  1.00 33.64  ? 480 LEU A C   1 
ATOM   280 O  O   . LEU A 1 71  ? 6.412   9.443   -5.908  1.00 35.43  ? 480 LEU A O   1 
ATOM   281 C  CB  . LEU A 1 71  ? 3.830   8.621   -7.613  1.00 30.86  ? 480 LEU A CB  1 
ATOM   282 C  CG  . LEU A 1 71  ? 2.626   7.688   -7.440  1.00 33.55  ? 480 LEU A CG  1 
ATOM   283 C  CD1 . LEU A 1 71  ? 2.356   7.098   -8.805  1.00 37.87  ? 480 LEU A CD1 1 
ATOM   284 C  CD2 . LEU A 1 71  ? 2.766   6.556   -6.415  1.00 32.28  ? 480 LEU A CD2 1 
ATOM   285 N  N   . ASN A 1 72  ? 5.512   11.299  -6.804  1.00 34.91  ? 481 ASN A N   1 
ATOM   286 C  CA  . ASN A 1 72  ? 6.769   12.077  -6.769  1.00 38.44  ? 481 ASN A CA  1 
ATOM   287 C  C   . ASN A 1 72  ? 7.336   12.200  -5.376  1.00 36.66  ? 481 ASN A C   1 
ATOM   288 O  O   . ASN A 1 72  ? 8.542   12.041  -5.191  1.00 33.37  ? 481 ASN A O   1 
ATOM   289 C  CB  . ASN A 1 72  ? 6.586   13.520  -7.304  1.00 46.20  ? 481 ASN A CB  1 
ATOM   290 C  CG  . ASN A 1 72  ? 6.474   13.581  -8.834  1.00 51.81  ? 481 ASN A CG  1 
ATOM   291 O  OD1 . ASN A 1 72  ? 6.637   12.572  -9.536  1.00 52.43  ? 481 ASN A OD1 1 
ATOM   292 N  ND2 . ASN A 1 72  ? 6.176   14.769  -9.353  1.00 55.33  ? 481 ASN A ND2 1 
HETATM 293 N  N   . MSE A 1 73  ? 6.463   12.521  -4.416  1.00 33.00  ? 482 MSE A N   1 
HETATM 294 C  CA  . MSE A 1 73  ? 6.832   12.676  -3.008  1.00 32.44  ? 482 MSE A CA  1 
HETATM 295 C  C   . MSE A 1 73  ? 7.340   11.384  -2.440  1.00 32.30  ? 482 MSE A C   1 
HETATM 296 O  O   . MSE A 1 73  ? 8.280   11.341  -1.673  1.00 31.80  ? 482 MSE A O   1 
HETATM 297 C  CB  . MSE A 1 73  ? 5.552   13.136  -2.307  1.00 35.45  ? 482 MSE A CB  1 
HETATM 298 C  CG  . MSE A 1 73  ? 5.616   13.458  -0.816  1.00 41.26  ? 482 MSE A CG  1 
HETATM 299 SE SE  . MSE A 1 73  ? 7.030   14.749  -0.440  1.00 53.34  ? 482 MSE A SE  1 
HETATM 300 C  CE  . MSE A 1 73  ? 7.789   13.847  1.113   1.00 54.68  ? 482 MSE A CE  1 
ATOM   301 N  N   . LEU A 1 74  ? 6.704   10.284  -2.793  1.00 32.86  ? 483 LEU A N   1 
ATOM   302 C  CA  . LEU A 1 74  ? 7.178   8.983   -2.333  1.00 31.82  ? 483 LEU A CA  1 
ATOM   303 C  C   . LEU A 1 74  ? 8.524   8.621   -3.009  1.00 28.86  ? 483 LEU A C   1 
ATOM   304 O  O   . LEU A 1 74  ? 9.372   7.957   -2.410  1.00 28.79  ? 483 LEU A O   1 
ATOM   305 C  CB  . LEU A 1 74  ? 6.104   7.950   -2.630  1.00 32.29  ? 483 LEU A CB  1 
ATOM   306 C  CG  . LEU A 1 74  ? 6.319   6.514   -2.188  1.00 35.41  ? 483 LEU A CG  1 
ATOM   307 C  CD1 . LEU A 1 74  ? 6.560   6.383   -0.676  1.00 37.13  ? 483 LEU A CD1 1 
ATOM   308 C  CD2 . LEU A 1 74  ? 5.070   5.713   -2.595  1.00 37.77  ? 483 LEU A CD2 1 
ATOM   309 N  N   . ALA A 1 75  ? 8.702   9.057   -4.254  1.00 23.56  ? 484 ALA A N   1 
ATOM   310 C  CA  . ALA A 1 75  ? 9.941   8.840   -4.959  1.00 21.89  ? 484 ALA A CA  1 
ATOM   311 C  C   . ALA A 1 75  ? 11.073  9.510   -4.224  1.00 20.80  ? 484 ALA A C   1 
ATOM   312 O  O   . ALA A 1 75  ? 12.137  8.926   -4.094  1.00 21.26  ? 484 ALA A O   1 
ATOM   313 C  CB  . ALA A 1 75  ? 9.880   9.358   -6.397  1.00 21.15  ? 484 ALA A CB  1 
ATOM   314 N  N   . LYS A 1 76  ? 10.854  10.694  -3.695  1.00 19.16  ? 485 LYS A N   1 
ATOM   315 C  CA  . LYS A 1 76  ? 11.923  11.314  -2.975  1.00 20.31  ? 485 LYS A CA  1 
ATOM   316 C  C   . LYS A 1 76  ? 12.306  10.524  -1.709  1.00 19.51  ? 485 LYS A C   1 
ATOM   317 O  O   . LYS A 1 76  ? 13.503  10.258  -1.498  1.00 19.54  ? 485 LYS A O   1 
ATOM   318 C  CB  . LYS A 1 76  ? 11.576  12.737  -2.666  1.00 21.91  ? 485 LYS A CB  1 
ATOM   319 C  CG  . LYS A 1 76  ? 11.536  13.568  -3.921  1.00 24.01  ? 485 LYS A CG  1 
ATOM   320 C  CD  . LYS A 1 76  ? 10.755  14.844  -3.719  1.00 25.65  ? 485 LYS A CD  1 
ATOM   321 C  CE  . LYS A 1 76  ? 10.109  15.230  -5.033  1.00 28.02  ? 485 LYS A CE  1 
ATOM   322 N  NZ  . LYS A 1 76  ? 10.397  16.652  -5.259  1.00 31.98  ? 485 LYS A NZ  1 
ATOM   323 N  N   . HIS A 1 77  ? 11.331  10.140  -0.882  1.00 18.37  ? 486 HIS A N   1 
ATOM   324 C  CA  . HIS A 1 77  ? 11.639  9.241   0.235   1.00 19.13  ? 486 HIS A CA  1 
ATOM   325 C  C   . HIS A 1 77  ? 12.322  7.967   -0.226  1.00 18.83  ? 486 HIS A C   1 
ATOM   326 O  O   . HIS A 1 77  ? 13.252  7.514   0.391   1.00 16.89  ? 486 HIS A O   1 
ATOM   327 C  CB  . HIS A 1 77  ? 10.438  8.864   1.089   1.00 19.67  ? 486 HIS A CB  1 
ATOM   328 C  CG  . HIS A 1 77  ? 9.796   10.018  1.784   1.00 21.34  ? 486 HIS A CG  1 
ATOM   329 N  ND1 . HIS A 1 77  ? 10.495  11.125  2.187   1.00 22.56  ? 486 HIS A ND1 1 
ATOM   330 C  CD2 . HIS A 1 77  ? 8.512   10.234  2.163   1.00 24.26  ? 486 HIS A CD2 1 
ATOM   331 C  CE1 . HIS A 1 77  ? 9.679   11.989  2.766   1.00 22.28  ? 486 HIS A CE1 1 
ATOM   332 N  NE2 . HIS A 1 77  ? 8.469   11.468  2.768   1.00 24.74  ? 486 HIS A NE2 1 
ATOM   333 N  N   . TYR A 1 78  ? 11.918  7.404   -1.350  1.00 21.15  ? 487 TYR A N   1 
ATOM   334 C  CA  . TYR A 1 78  ? 12.569  6.157   -1.756  1.00 23.64  ? 487 TYR A CA  1 
ATOM   335 C  C   . TYR A 1 78  ? 14.051  6.396   -2.062  1.00 22.99  ? 487 TYR A C   1 
ATOM   336 O  O   . TYR A 1 78  ? 14.862  5.568   -1.781  1.00 25.46  ? 487 TYR A O   1 
ATOM   337 C  CB  . TYR A 1 78  ? 11.855  5.495   -2.952  1.00 24.50  ? 487 TYR A CB  1 
ATOM   338 C  CG  . TYR A 1 78  ? 12.508  4.196   -3.385  1.00 25.91  ? 487 TYR A CG  1 
ATOM   339 C  CD1 . TYR A 1 78  ? 13.560  4.210   -4.327  1.00 27.48  ? 487 TYR A CD1 1 
ATOM   340 C  CD2 . TYR A 1 78  ? 12.103  2.960   -2.854  1.00 25.88  ? 487 TYR A CD2 1 
ATOM   341 C  CE1 . TYR A 1 78  ? 14.177  3.041   -4.737  1.00 29.40  ? 487 TYR A CE1 1 
ATOM   342 C  CE2 . TYR A 1 78  ? 12.729  1.780   -3.231  1.00 27.47  ? 487 TYR A CE2 1 
ATOM   343 C  CZ  . TYR A 1 78  ? 13.747  1.831   -4.188  1.00 31.85  ? 487 TYR A CZ  1 
ATOM   344 O  OH  . TYR A 1 78  ? 14.389  0.685   -4.588  1.00 43.48  ? 487 TYR A OH  1 
ATOM   345 N  N   . ALA A 1 79  ? 14.394  7.540   -2.627  1.00 22.23  ? 488 ALA A N   1 
ATOM   346 C  CA  . ALA A 1 79  ? 15.723  7.771   -3.125  1.00 21.50  ? 488 ALA A CA  1 
ATOM   347 C  C   . ALA A 1 79  ? 16.679  7.616   -1.997  1.00 23.10  ? 488 ALA A C   1 
ATOM   348 O  O   . ALA A 1 79  ? 17.690  7.002   -2.185  1.00 28.31  ? 488 ALA A O   1 
ATOM   349 C  CB  . ALA A 1 79  ? 15.847  9.155   -3.740  1.00 20.76  ? 488 ALA A CB  1 
ATOM   350 N  N   . VAL A 1 80  ? 16.336  8.128   -0.830  1.00 22.92  ? 489 VAL A N   1 
ATOM   351 C  CA  . VAL A 1 80  ? 17.145  8.017   0.375   1.00 23.92  ? 489 VAL A CA  1 
ATOM   352 C  C   . VAL A 1 80  ? 16.824  6.794   1.287   1.00 22.65  ? 489 VAL A C   1 
ATOM   353 O  O   . VAL A 1 80  ? 17.497  6.560   2.256   1.00 21.44  ? 489 VAL A O   1 
ATOM   354 C  CB  . VAL A 1 80  ? 17.039  9.321   1.265   1.00 27.16  ? 489 VAL A CB  1 
ATOM   355 C  CG1 . VAL A 1 80  ? 16.936  10.620  0.453   1.00 28.63  ? 489 VAL A CG1 1 
ATOM   356 C  CG2 . VAL A 1 80  ? 15.855  9.268   2.176   1.00 26.68  ? 489 VAL A CG2 1 
ATOM   357 N  N   . ALA A 1 81  ? 15.820  6.004   0.996   1.00 23.26  ? 490 ALA A N   1 
ATOM   358 C  CA  . ALA A 1 81  ? 15.480  4.900   1.904   1.00 24.96  ? 490 ALA A CA  1 
ATOM   359 C  C   . ALA A 1 81  ? 16.575  3.880   1.930   1.00 24.55  ? 490 ALA A C   1 
ATOM   360 O  O   . ALA A 1 81  ? 17.278  3.740   0.932   1.00 26.47  ? 490 ALA A O   1 
ATOM   361 C  CB  . ALA A 1 81  ? 14.195  4.208   1.480   1.00 25.33  ? 490 ALA A CB  1 
ATOM   362 N  N   . ILE A 1 82  ? 16.693  3.156   3.043   1.00 22.18  ? 491 ILE A N   1 
ATOM   363 C  CA  . ILE A 1 82  ? 17.622  2.021   3.164   1.00 22.66  ? 491 ILE A CA  1 
ATOM   364 C  C   . ILE A 1 82  ? 16.920  0.634   3.310   1.00 24.12  ? 491 ILE A C   1 
ATOM   365 O  O   . ILE A 1 82  ? 17.561  -0.393  3.279   1.00 22.52  ? 491 ILE A O   1 
ATOM   366 C  CB  . ILE A 1 82  ? 18.573  2.238   4.343   1.00 22.69  ? 491 ILE A CB  1 
ATOM   367 C  CG1 . ILE A 1 82  ? 17.785  2.506   5.615   1.00 24.13  ? 491 ILE A CG1 1 
ATOM   368 C  CG2 . ILE A 1 82  ? 19.447  3.438   4.081   1.00 22.45  ? 491 ILE A CG2 1 
ATOM   369 C  CD1 . ILE A 1 82  ? 18.439  2.063   6.880   1.00 24.64  ? 491 ILE A CD1 1 
ATOM   370 N  N   . GLY A 1 83  ? 15.606  0.640   3.532   1.00 26.03  ? 492 GLY A N   1 
ATOM   371 C  CA  . GLY A 1 83  ? 14.766  -0.543  3.471   1.00 26.34  ? 492 GLY A CA  1 
ATOM   372 C  C   . GLY A 1 83  ? 13.511  -0.253  2.670   1.00 27.52  ? 492 GLY A C   1 
ATOM   373 O  O   . GLY A 1 83  ? 13.004  0.869   2.684   1.00 28.69  ? 492 GLY A O   1 
ATOM   374 N  N   . CYS A 1 84  ? 13.026  -1.244  1.933   1.00 29.30  ? 493 CYS A N   1 
ATOM   375 C  CA  . CYS A 1 84  ? 11.745  -1.143  1.264   1.00 29.35  ? 493 CYS A CA  1 
ATOM   376 C  C   . CYS A 1 84  ? 11.093  -2.505  1.311   1.00 29.74  ? 493 CYS A C   1 
ATOM   377 O  O   . CYS A 1 84  ? 11.391  -3.336  0.508   1.00 31.42  ? 493 CYS A O   1 
ATOM   378 C  CB  . CYS A 1 84  ? 11.896  -0.681  -0.182  1.00 28.44  ? 493 CYS A CB  1 
ATOM   379 S  SG  . CYS A 1 84  ? 10.319  -0.739  -1.105  1.00 34.09  ? 493 CYS A SG  1 
ATOM   380 N  N   . GLU A 1 85  ? 10.187  -2.710  2.242   1.00 33.37  ? 494 GLU A N   1 
ATOM   381 C  CA  . GLU A 1 85  ? 9.444   -3.956  2.376   1.00 34.21  ? 494 GLU A CA  1 
ATOM   382 C  C   . GLU A 1 85  ? 8.085   -3.902  1.715   1.00 34.48  ? 494 GLU A C   1 
ATOM   383 O  O   . GLU A 1 85  ? 7.345   -2.932  1.832   1.00 30.23  ? 494 GLU A O   1 
ATOM   384 C  CB  . GLU A 1 85  ? 9.187   -4.247  3.825   1.00 36.82  ? 494 GLU A CB  1 
ATOM   385 C  CG  . GLU A 1 85  ? 10.428  -4.329  4.678   1.00 43.72  ? 494 GLU A CG  1 
ATOM   386 C  CD  . GLU A 1 85  ? 10.036  -4.625  6.108   1.00 51.23  ? 494 GLU A CD  1 
ATOM   387 O  OE1 . GLU A 1 85  ? 9.743   -5.818  6.395   1.00 68.35  ? 494 GLU A OE1 1 
ATOM   388 O  OE2 . GLU A 1 85  ? 9.946   -3.668  6.909   1.00 47.20  ? 494 GLU A OE2 1 
ATOM   389 N  N   . ILE A 1 86  ? 7.722   -5.012  1.094   1.00 36.22  ? 495 ILE A N   1 
ATOM   390 C  CA  . ILE A 1 86  ? 6.528   -5.059  0.277   1.00 35.32  ? 495 ILE A CA  1 
ATOM   391 C  C   . ILE A 1 86  ? 5.615   -6.266  0.599   1.00 33.98  ? 495 ILE A C   1 
ATOM   392 O  O   . ILE A 1 86  ? 6.075   -7.379  0.782   1.00 28.84  ? 495 ILE A O   1 
ATOM   393 C  CB  . ILE A 1 86  ? 6.954   -5.056  -1.192  1.00 31.82  ? 495 ILE A CB  1 
ATOM   394 C  CG1 . ILE A 1 86  ? 7.963   -3.912  -1.388  1.00 37.17  ? 495 ILE A CG1 1 
ATOM   395 C  CG2 . ILE A 1 86  ? 5.763   -4.935  -2.075  1.00 28.67  ? 495 ILE A CG2 1 
ATOM   396 C  CD1 . ILE A 1 86  ? 8.129   -3.353  -2.795  1.00 38.34  ? 495 ILE A CD1 1 
ATOM   397 N  N   . VAL A 1 87  ? 4.316   -5.996  0.672   1.00 31.86  ? 496 VAL A N   1 
ATOM   398 C  CA  . VAL A 1 87  ? 3.301   -7.029  0.600   1.00 30.06  ? 496 VAL A CA  1 
ATOM   399 C  C   . VAL A 1 87  ? 2.336   -6.697  -0.504  1.00 30.16  ? 496 VAL A C   1 
ATOM   400 O  O   . VAL A 1 87  ? 2.225   -5.535  -0.940  1.00 29.54  ? 496 VAL A O   1 
ATOM   401 C  CB  . VAL A 1 87  ? 2.455   -7.122  1.883   1.00 29.59  ? 496 VAL A CB  1 
ATOM   402 C  CG1 . VAL A 1 87  ? 3.362   -7.278  3.091   1.00 29.71  ? 496 VAL A CG1 1 
ATOM   403 C  CG2 . VAL A 1 87  ? 1.545   -5.896  2.016   1.00 28.26  ? 496 VAL A CG2 1 
ATOM   404 N  N   . PHE A 1 88  ? 1.606   -7.723  -0.918  1.00 32.46  ? 497 PHE A N   1 
ATOM   405 C  CA  . PHE A 1 88  ? 0.508   -7.560  -1.868  1.00 34.81  ? 497 PHE A CA  1 
ATOM   406 C  C   . PHE A 1 88  ? -0.783  -7.675  -1.087  1.00 32.97  ? 497 PHE A C   1 
ATOM   407 O  O   . PHE A 1 88  ? -0.879  -8.486  -0.147  1.00 36.78  ? 497 PHE A O   1 
ATOM   408 C  CB  . PHE A 1 88  ? 0.530   -8.642  -2.935  1.00 38.64  ? 497 PHE A CB  1 
ATOM   409 C  CG  . PHE A 1 88  ? 1.820   -8.737  -3.694  1.00 39.83  ? 497 PHE A CG  1 
ATOM   410 C  CD1 . PHE A 1 88  ? 2.046   -7.944  -4.790  1.00 44.55  ? 497 PHE A CD1 1 
ATOM   411 C  CD2 . PHE A 1 88  ? 2.778   -9.650  -3.336  1.00 39.26  ? 497 PHE A CD2 1 
ATOM   412 C  CE1 . PHE A 1 88  ? 3.234   -8.044  -5.505  1.00 48.34  ? 497 PHE A CE1 1 
ATOM   413 C  CE2 . PHE A 1 88  ? 3.967   -9.738  -4.029  1.00 43.47  ? 497 PHE A CE2 1 
ATOM   414 C  CZ  . PHE A 1 88  ? 4.205   -8.941  -5.112  1.00 44.23  ? 497 PHE A CZ  1 
ATOM   415 N  N   . PHE A 1 89  ? -1.749  -6.835  -1.419  1.00 28.06  ? 498 PHE A N   1 
ATOM   416 C  CA  . PHE A 1 89  ? -3.056  -6.986  -0.860  1.00 28.16  ? 498 PHE A CA  1 
ATOM   417 C  C   . PHE A 1 89  ? -3.917  -7.530  -1.985  1.00 30.03  ? 498 PHE A C   1 
ATOM   418 O  O   . PHE A 1 89  ? -3.911  -6.983  -3.118  1.00 27.29  ? 498 PHE A O   1 
ATOM   419 C  CB  . PHE A 1 89  ? -3.645  -5.674  -0.390  1.00 28.42  ? 498 PHE A CB  1 
ATOM   420 C  CG  . PHE A 1 89  ? -3.028  -5.135  0.870   1.00 27.95  ? 498 PHE A CG  1 
ATOM   421 C  CD1 . PHE A 1 89  ? -3.400  -5.612  2.087   1.00 28.10  ? 498 PHE A CD1 1 
ATOM   422 C  CD2 . PHE A 1 89  ? -2.120  -4.097  0.824   1.00 26.41  ? 498 PHE A CD2 1 
ATOM   423 C  CE1 . PHE A 1 89  ? -2.850  -5.098  3.235   1.00 28.30  ? 498 PHE A CE1 1 
ATOM   424 C  CE2 . PHE A 1 89  ? -1.562  -3.586  1.961   1.00 25.10  ? 498 PHE A CE2 1 
ATOM   425 C  CZ  . PHE A 1 89  ? -1.915  -4.084  3.164   1.00 26.39  ? 498 PHE A CZ  1 
ATOM   426 N  N   . VAL A 1 90  ? -4.639  -8.604  -1.659  1.00 28.75  ? 499 VAL A N   1 
ATOM   427 C  CA  . VAL A 1 90  ? -5.582  -9.205  -2.576  1.00 30.05  ? 499 VAL A CA  1 
ATOM   428 C  C   . VAL A 1 90  ? -6.965  -9.097  -1.986  1.00 27.44  ? 499 VAL A C   1 
ATOM   429 O  O   . VAL A 1 90  ? -7.118  -9.116  -0.771  1.00 24.46  ? 499 VAL A O   1 
ATOM   430 C  CB  . VAL A 1 90  ? -5.254  -10.693 -2.812  1.00 33.55  ? 499 VAL A CB  1 
ATOM   431 C  CG1 . VAL A 1 90  ? -3.755  -10.869 -3.094  1.00 33.07  ? 499 VAL A CG1 1 
ATOM   432 C  CG2 . VAL A 1 90  ? -5.667  -11.531 -1.603  1.00 34.95  ? 499 VAL A CG2 1 
ATOM   433 N  N   . PRO A 1 91  ? -7.987  -9.001  -2.847  1.00 26.92  ? 500 PRO A N   1 
ATOM   434 C  CA  . PRO A 1 91  ? -9.344  -9.021  -2.298  1.00 26.30  ? 500 PRO A CA  1 
ATOM   435 C  C   . PRO A 1 91  ? -9.615  -10.361 -1.581  1.00 24.79  ? 500 PRO A C   1 
ATOM   436 O  O   . PRO A 1 91  ? -9.222  -11.403 -2.077  1.00 27.01  ? 500 PRO A O   1 
ATOM   437 C  CB  . PRO A 1 91  ? -10.210 -8.807  -3.549  1.00 25.73  ? 500 PRO A CB  1 
ATOM   438 C  CG  . PRO A 1 91  ? -9.379  -9.337  -4.668  1.00 24.38  ? 500 PRO A CG  1 
ATOM   439 C  CD  . PRO A 1 91  ? -7.986  -8.977  -4.318  1.00 24.51  ? 500 PRO A CD  1 
ATOM   440 N  N   . ASP A 1 92  ? -10.225 -10.324 -0.409  1.00 25.14  ? 501 ASP A N   1 
ATOM   441 C  CA  . ASP A 1 92  ? -10.373 -11.535 0.445   1.00 27.08  ? 501 ASP A CA  1 
ATOM   442 C  C   . ASP A 1 92  ? -11.182 -12.632 -0.239  1.00 27.44  ? 501 ASP A C   1 
ATOM   443 O  O   . ASP A 1 92  ? -10.779 -13.820 -0.280  1.00 22.46  ? 501 ASP A O   1 
ATOM   444 C  CB  . ASP A 1 92  ? -11.095 -11.192 1.763   1.00 28.17  ? 501 ASP A CB  1 
ATOM   445 C  CG  . ASP A 1 92  ? -11.003 -12.297 2.788   1.00 30.45  ? 501 ASP A CG  1 
ATOM   446 O  OD1 . ASP A 1 92  ? -10.102 -13.150 2.661   1.00 33.06  ? 501 ASP A OD1 1 
ATOM   447 O  OD2 . ASP A 1 92  ? -11.819 -12.316 3.741   1.00 34.57  ? 501 ASP A OD2 1 
ATOM   448 N  N   . ARG A 1 93  ? -12.336 -12.199 -0.745  1.00 27.47  ? 502 ARG A N   1 
ATOM   449 C  CA  . ARG A 1 93  ? -13.247 -13.057 -1.442  1.00 29.39  ? 502 ARG A CA  1 
ATOM   450 C  C   . ARG A 1 93  ? -13.743 -12.334 -2.690  1.00 29.16  ? 502 ARG A C   1 
ATOM   451 O  O   . ARG A 1 93  ? -13.491 -11.123 -2.905  1.00 25.65  ? 502 ARG A O   1 
ATOM   452 C  CB  . ARG A 1 93  ? -14.434 -13.383 -0.552  1.00 32.98  ? 502 ARG A CB  1 
ATOM   453 C  CG  . ARG A 1 93  ? -14.094 -14.012 0.779   1.00 38.38  ? 502 ARG A CG  1 
ATOM   454 C  CD  . ARG A 1 93  ? -15.367 -14.491 1.470   1.00 47.06  ? 502 ARG A CD  1 
ATOM   455 N  NE  . ARG A 1 93  ? -15.955 -15.627 0.741   1.00 58.65  ? 502 ARG A NE  1 
ATOM   456 C  CZ  . ARG A 1 93  ? -15.419 -16.858 0.720   1.00 60.32  ? 502 ARG A CZ  1 
ATOM   457 N  NH1 . ARG A 1 93  ? -14.300 -17.150 1.409   1.00 55.96  ? 502 ARG A NH1 1 
ATOM   458 N  NH2 . ARG A 1 93  ? -16.002 -17.803 -0.004  1.00 59.40  ? 502 ARG A NH2 1 
ATOM   459 N  N   . GLU A 1 94  ? -14.485 -13.083 -3.495  1.00 26.88  ? 503 GLU A N   1 
ATOM   460 C  CA  . GLU A 1 94  ? -14.927 -12.579 -4.722  1.00 26.62  ? 503 GLU A CA  1 
ATOM   461 C  C   . GLU A 1 94  ? -15.745 -11.318 -4.604  1.00 26.76  ? 503 GLU A C   1 
ATOM   462 O  O   . GLU A 1 94  ? -15.590 -10.416 -5.437  1.00 29.63  ? 503 GLU A O   1 
ATOM   463 C  CB  . GLU A 1 94  ? -15.657 -13.652 -5.484  1.00 31.40  ? 503 GLU A CB  1 
ATOM   464 C  CG  . GLU A 1 94  ? -16.892 -14.234 -4.842  1.00 36.09  ? 503 GLU A CG  1 
ATOM   465 C  CD  . GLU A 1 94  ? -17.751 -14.982 -5.858  1.00 38.27  ? 503 GLU A CD  1 
ATOM   466 O  OE1 . GLU A 1 94  ? -18.039 -14.415 -6.930  1.00 37.66  ? 503 GLU A OE1 1 
ATOM   467 O  OE2 . GLU A 1 94  ? -18.137 -16.124 -5.582  1.00 38.32  ? 503 GLU A OE2 1 
ATOM   468 N  N   . GLU A 1 95  ? -16.599 -11.225 -3.580  1.00 25.27  ? 504 GLU A N   1 
ATOM   469 C  CA  . GLU A 1 95  ? -17.467 -10.040 -3.368  1.00 23.40  ? 504 GLU A CA  1 
ATOM   470 C  C   . GLU A 1 95  ? -16.633 -8.746  -3.073  1.00 25.94  ? 504 GLU A C   1 
ATOM   471 O  O   . GLU A 1 95  ? -17.124 -7.598  -3.188  1.00 24.39  ? 504 GLU A O   1 
ATOM   472 C  CB  . GLU A 1 95  ? -18.547 -10.311 -2.291  1.00 21.06  ? 504 GLU A CB  1 
ATOM   473 C  CG  . GLU A 1 95  ? -18.044 -10.689 -0.903  1.00 21.85  ? 504 GLU A CG  1 
ATOM   474 C  CD  . GLU A 1 95  ? -17.699 -12.178 -0.724  1.00 23.63  ? 504 GLU A CD  1 
ATOM   475 O  OE1 . GLU A 1 95  ? -17.560 -12.898 -1.734  1.00 25.32  ? 504 GLU A OE1 1 
ATOM   476 O  OE2 . GLU A 1 95  ? -17.522 -12.654 0.429   1.00 24.01  ? 504 GLU A OE2 1 
ATOM   477 N  N   . ASP A 1 96  ? -15.361 -8.937  -2.726  1.00 26.09  ? 505 ASP A N   1 
ATOM   478 C  CA  . ASP A 1 96  ? -14.456 -7.819  -2.523  1.00 25.94  ? 505 ASP A CA  1 
ATOM   479 C  C   . ASP A 1 96  ? -13.723 -7.413  -3.795  1.00 26.31  ? 505 ASP A C   1 
ATOM   480 O  O   . ASP A 1 96  ? -13.028 -6.441  -3.812  1.00 30.10  ? 505 ASP A O   1 
ATOM   481 C  CB  . ASP A 1 96  ? -13.417 -8.177  -1.449  1.00 26.51  ? 505 ASP A CB  1 
ATOM   482 C  CG  . ASP A 1 96  ? -14.048 -8.733  -0.154  1.00 24.85  ? 505 ASP A CG  1 
ATOM   483 O  OD1 . ASP A 1 96  ? -14.828 -7.999  0.442   1.00 24.48  ? 505 ASP A OD1 1 
ATOM   484 O  OD2 . ASP A 1 96  ? -13.719 -9.855  0.289   1.00 23.86  ? 505 ASP A OD2 1 
ATOM   485 N  N   . PHE A 1 97  ? -13.866 -8.133  -4.875  1.00 29.14  ? 506 PHE A N   1 
ATOM   486 C  CA  . PHE A 1 97  ? -13.115 -7.808  -6.087  1.00 29.79  ? 506 PHE A CA  1 
ATOM   487 C  C   . PHE A 1 97  ? -13.444 -6.448  -6.698  1.00 29.94  ? 506 PHE A C   1 
ATOM   488 O  O   . PHE A 1 97  ? -12.543 -5.669  -6.974  1.00 33.43  ? 506 PHE A O   1 
ATOM   489 C  CB  . PHE A 1 97  ? -13.351 -8.906  -7.136  1.00 30.65  ? 506 PHE A CB  1 
ATOM   490 C  CG  . PHE A 1 97  ? -12.516 -8.769  -8.397  1.00 31.97  ? 506 PHE A CG  1 
ATOM   491 C  CD1 . PHE A 1 97  ? -11.117 -8.606  -8.333  1.00 33.32  ? 506 PHE A CD1 1 
ATOM   492 C  CD2 . PHE A 1 97  ? -13.101 -8.882  -9.641  1.00 30.22  ? 506 PHE A CD2 1 
ATOM   493 C  CE1 . PHE A 1 97  ? -10.348 -8.519  -9.477  1.00 29.43  ? 506 PHE A CE1 1 
ATOM   494 C  CE2 . PHE A 1 97  ? -12.328 -8.804  -10.785 1.00 31.01  ? 506 PHE A CE2 1 
ATOM   495 C  CZ  . PHE A 1 97  ? -10.955 -8.603  -10.696 1.00 29.60  ? 506 PHE A CZ  1 
ATOM   496 N  N   . ALA A 1 98  ? -14.719 -6.174  -6.976  1.00 30.91  ? 507 ALA A N   1 
ATOM   497 C  CA  . ALA A 1 98  ? -15.097 -4.954  -7.752  1.00 28.25  ? 507 ALA A CA  1 
ATOM   498 C  C   . ALA A 1 98  ? -14.658 -3.679  -7.040  1.00 28.44  ? 507 ALA A C   1 
ATOM   499 O  O   . ALA A 1 98  ? -14.149 -2.731  -7.662  1.00 32.25  ? 507 ALA A O   1 
ATOM   500 C  CB  . ALA A 1 98  ? -16.594 -4.908  -8.075  1.00 25.27  ? 507 ALA A CB  1 
ATOM   501 N  N   . SER A 1 99  ? -14.844 -3.678  -5.737  1.00 27.67  ? 508 SER A N   1 
ATOM   502 C  CA  . SER A 1 99  ? -14.358 -2.608  -4.898  1.00 28.53  ? 508 SER A CA  1 
ATOM   503 C  C   . SER A 1 99  ? -12.836 -2.426  -4.899  1.00 29.20  ? 508 SER A C   1 
ATOM   504 O  O   . SER A 1 99  ? -12.335 -1.291  -4.932  1.00 29.09  ? 508 SER A O   1 
ATOM   505 C  CB  . SER A 1 99  ? -14.777 -2.899  -3.477  1.00 28.51  ? 508 SER A CB  1 
ATOM   506 O  OG  . SER A 1 99  ? -16.077 -2.455  -3.317  1.00 28.65  ? 508 SER A OG  1 
ATOM   507 N  N   . TYR A 1 100 ? -12.120 -3.539  -4.776  1.00 28.32  ? 509 TYR A N   1 
ATOM   508 C  CA  . TYR A 1 100 ? -10.660 -3.532  -4.786  1.00 26.85  ? 509 TYR A CA  1 
ATOM   509 C  C   . TYR A 1 100 ? -10.245 -2.867  -6.069  1.00 27.23  ? 509 TYR A C   1 
ATOM   510 O  O   . TYR A 1 100 ? -9.634  -1.806  -6.061  1.00 29.09  ? 509 TYR A O   1 
ATOM   511 C  CB  . TYR A 1 100 ? -10.184 -4.952  -4.655  1.00 25.77  ? 509 TYR A CB  1 
ATOM   512 C  CG  . TYR A 1 100 ? -8.745  -5.237  -4.792  1.00 27.06  ? 509 TYR A CG  1 
ATOM   513 C  CD1 . TYR A 1 100 ? -8.197  -5.574  -6.043  1.00 25.72  ? 509 TYR A CD1 1 
ATOM   514 C  CD2 . TYR A 1 100 ? -7.929  -5.296  -3.665  1.00 27.23  ? 509 TYR A CD2 1 
ATOM   515 C  CE1 . TYR A 1 100 ? -6.863  -5.888  -6.171  1.00 25.57  ? 509 TYR A CE1 1 
ATOM   516 C  CE2 . TYR A 1 100 ? -6.592  -5.610  -3.781  1.00 27.34  ? 509 TYR A CE2 1 
ATOM   517 C  CZ  . TYR A 1 100 ? -6.065  -5.893  -5.037  1.00 28.31  ? 509 TYR A CZ  1 
ATOM   518 O  OH  . TYR A 1 100 ? -4.740  -6.220  -5.137  1.00 30.67  ? 509 TYR A OH  1 
ATOM   519 N  N   . THR A 1 101 ? -10.660 -3.429  -7.181  1.00 29.69  ? 510 THR A N   1 
ATOM   520 C  CA  . THR A 1 101 ? -10.378 -2.838  -8.499  1.00 30.93  ? 510 THR A CA  1 
ATOM   521 C  C   . THR A 1 101 ? -10.664 -1.314  -8.594  1.00 31.87  ? 510 THR A C   1 
ATOM   522 O  O   . THR A 1 101 ? -9.904  -0.562  -9.213  1.00 33.65  ? 510 THR A O   1 
ATOM   523 C  CB  . THR A 1 101 ? -11.197 -3.594  -9.554  1.00 29.62  ? 510 THR A CB  1 
ATOM   524 O  OG1 . THR A 1 101 ? -10.663 -4.894  -9.643  1.00 28.61  ? 510 THR A OG1 1 
ATOM   525 C  CG2 . THR A 1 101 ? -11.073 -2.961  -10.931 1.00 32.85  ? 510 THR A CG2 1 
ATOM   526 N  N   . GLU A 1 102 ? -11.755 -0.879  -7.985  1.00 31.70  ? 511 GLU A N   1 
ATOM   527 C  CA  . GLU A 1 102 ? -12.232 0.467   -8.146  1.00 35.83  ? 511 GLU A CA  1 
ATOM   528 C  C   . GLU A 1 102 ? -11.305 1.343   -7.316  1.00 34.10  ? 511 GLU A C   1 
ATOM   529 O  O   . GLU A 1 102 ? -11.003 2.478   -7.682  1.00 34.35  ? 511 GLU A O   1 
ATOM   530 C  CB  . GLU A 1 102 ? -13.735 0.518   -7.754  1.00 41.11  ? 511 GLU A CB  1 
ATOM   531 C  CG  . GLU A 1 102 ? -14.413 1.879   -7.581  1.00 52.34  ? 511 GLU A CG  1 
ATOM   532 C  CD  . GLU A 1 102 ? -14.028 2.951   -8.613  1.00 64.46  ? 511 GLU A CD  1 
ATOM   533 O  OE1 . GLU A 1 102 ? -13.439 3.991   -8.205  1.00 67.40  ? 511 GLU A OE1 1 
ATOM   534 O  OE2 . GLU A 1 102 ? -14.328 2.785   -9.827  1.00 75.60  ? 511 GLU A OE2 1 
ATOM   535 N  N   . PHE A 1 103 ? -10.788 0.775   -6.230  1.00 31.07  ? 512 PHE A N   1 
ATOM   536 C  CA  . PHE A 1 103 ? -9.921  1.508   -5.332  1.00 30.02  ? 512 PHE A CA  1 
ATOM   537 C  C   . PHE A 1 103 ? -8.562  1.700   -5.971  1.00 31.04  ? 512 PHE A C   1 
ATOM   538 O  O   . PHE A 1 103 ? -7.937  2.722   -5.764  1.00 31.66  ? 512 PHE A O   1 
ATOM   539 C  CB  . PHE A 1 103 ? -9.819  0.755   -4.011  1.00 30.32  ? 512 PHE A CB  1 
ATOM   540 C  CG  . PHE A 1 103 ? -8.960  1.426   -2.963  1.00 31.24  ? 512 PHE A CG  1 
ATOM   541 C  CD1 . PHE A 1 103 ? -9.279  2.665   -2.471  1.00 30.66  ? 512 PHE A CD1 1 
ATOM   542 C  CD2 . PHE A 1 103 ? -7.836  0.771   -2.433  1.00 30.99  ? 512 PHE A CD2 1 
ATOM   543 C  CE1 . PHE A 1 103 ? -8.489  3.267   -1.495  1.00 31.29  ? 512 PHE A CE1 1 
ATOM   544 C  CE2 . PHE A 1 103 ? -7.052  1.363   -1.451  1.00 28.29  ? 512 PHE A CE2 1 
ATOM   545 C  CZ  . PHE A 1 103 ? -7.375  2.615   -0.989  1.00 29.96  ? 512 PHE A CZ  1 
ATOM   546 N  N   . LEU A 1 104 ? -8.103  0.704   -6.729  1.00 31.74  ? 513 LEU A N   1 
ATOM   547 C  CA  . LEU A 1 104 ? -6.922  0.835   -7.575  1.00 33.27  ? 513 LEU A CA  1 
ATOM   548 C  C   . LEU A 1 104 ? -6.999  2.006   -8.571  1.00 38.61  ? 513 LEU A C   1 
ATOM   549 O  O   . LEU A 1 104 ? -6.091  2.809   -8.626  1.00 36.97  ? 513 LEU A O   1 
ATOM   550 C  CB  . LEU A 1 104 ? -6.686  -0.442  -8.345  1.00 30.50  ? 513 LEU A CB  1 
ATOM   551 C  CG  . LEU A 1 104 ? -6.293  -1.668  -7.534  1.00 31.14  ? 513 LEU A CG  1 
ATOM   552 C  CD1 . LEU A 1 104 ? -5.725  -2.761  -8.439  1.00 31.35  ? 513 LEU A CD1 1 
ATOM   553 C  CD2 . LEU A 1 104 ? -5.273  -1.348  -6.483  1.00 30.20  ? 513 LEU A CD2 1 
ATOM   554 N  N   . ARG A 1 105 ? -8.083  2.107   -9.334  1.00 47.71  ? 514 ARG A N   1 
ATOM   555 C  CA  . ARG A 1 105 ? -8.255  3.212   -10.268 1.00 54.36  ? 514 ARG A CA  1 
ATOM   556 C  C   . ARG A 1 105 ? -8.344  4.536   -9.498  1.00 50.72  ? 514 ARG A C   1 
ATOM   557 O  O   . ARG A 1 105 ? -7.821  5.559   -9.937  1.00 52.77  ? 514 ARG A O   1 
ATOM   558 C  CB  . ARG A 1 105 ? -9.506  2.999   -11.144 1.00 69.76  ? 514 ARG A CB  1 
ATOM   559 C  CG  . ARG A 1 105 ? -9.378  1.879   -12.189 1.00 81.35  ? 514 ARG A CG  1 
ATOM   560 C  CD  . ARG A 1 105 ? -9.030  2.384   -13.604 1.00 95.49  ? 514 ARG A CD  1 
ATOM   561 N  NE  . ARG A 1 105 ? -8.113  1.460   -14.297 1.00 101.87 ? 514 ARG A NE  1 
ATOM   562 C  CZ  . ARG A 1 105 ? -6.776  1.548   -14.294 1.00 103.59 ? 514 ARG A CZ  1 
ATOM   563 N  NH1 . ARG A 1 105 ? -6.144  2.540   -13.664 1.00 104.96 ? 514 ARG A NH1 1 
ATOM   564 N  NH2 . ARG A 1 105 ? -6.052  0.635   -14.930 1.00 98.13  ? 514 ARG A NH2 1 
ATOM   565 N  N   . TYR A 1 106 ? -8.984  4.533   -8.339  1.00 46.41  ? 515 TYR A N   1 
ATOM   566 C  CA  . TYR A 1 106 ? -9.072  5.767   -7.556  1.00 47.84  ? 515 TYR A CA  1 
ATOM   567 C  C   . TYR A 1 106 ? -7.686  6.304   -7.200  1.00 50.64  ? 515 TYR A C   1 
ATOM   568 O  O   . TYR A 1 106 ? -7.495  7.513   -7.126  1.00 54.84  ? 515 TYR A O   1 
ATOM   569 C  CB  . TYR A 1 106 ? -9.889  5.532   -6.292  1.00 50.98  ? 515 TYR A CB  1 
ATOM   570 C  CG  . TYR A 1 106 ? -9.740  6.553   -5.162  1.00 54.18  ? 515 TYR A CG  1 
ATOM   571 C  CD1 . TYR A 1 106 ? -10.482 7.743   -5.146  1.00 53.40  ? 515 TYR A CD1 1 
ATOM   572 C  CD2 . TYR A 1 106 ? -8.895  6.283   -4.074  1.00 56.03  ? 515 TYR A CD2 1 
ATOM   573 C  CE1 . TYR A 1 106 ? -10.358 8.645   -4.098  1.00 57.57  ? 515 TYR A CE1 1 
ATOM   574 C  CE2 . TYR A 1 106 ? -8.767  7.162   -3.012  1.00 55.95  ? 515 TYR A CE2 1 
ATOM   575 C  CZ  . TYR A 1 106 ? -9.494  8.348   -3.020  1.00 61.52  ? 515 TYR A CZ  1 
ATOM   576 O  OH  . TYR A 1 106 ? -9.342  9.217   -1.947  1.00 57.09  ? 515 TYR A OH  1 
ATOM   577 N  N   . LEU A 1 107 ? -6.733  5.400   -6.970  1.00 47.35  ? 516 LEU A N   1 
ATOM   578 C  CA  . LEU A 1 107 ? -5.357  5.779   -6.673  1.00 42.64  ? 516 LEU A CA  1 
ATOM   579 C  C   . LEU A 1 107 ? -4.564  6.100   -7.973  1.00 40.03  ? 516 LEU A C   1 
ATOM   580 O  O   . LEU A 1 107 ? -4.023  7.198   -8.118  1.00 37.40  ? 516 LEU A O   1 
ATOM   581 C  CB  . LEU A 1 107 ? -4.682  4.688   -5.819  1.00 40.17  ? 516 LEU A CB  1 
ATOM   582 C  CG  . LEU A 1 107 ? -5.249  4.423   -4.416  1.00 38.40  ? 516 LEU A CG  1 
ATOM   583 C  CD1 . LEU A 1 107 ? -4.470  3.343   -3.703  1.00 38.24  ? 516 LEU A CD1 1 
ATOM   584 C  CD2 . LEU A 1 107 ? -5.226  5.638   -3.527  1.00 39.13  ? 516 LEU A CD2 1 
ATOM   585 N  N   . SER A 1 108 ? -4.545  5.173   -8.926  1.00 37.42  ? 517 SER A N   1 
ATOM   586 C  CA  . SER A 1 108 ? -3.732  5.349   -10.123 1.00 40.56  ? 517 SER A CA  1 
ATOM   587 C  C   . SER A 1 108 ? -4.209  6.472   -11.019 1.00 42.97  ? 517 SER A C   1 
ATOM   588 O  O   . SER A 1 108 ? -3.401  7.149   -11.627 1.00 43.25  ? 517 SER A O   1 
ATOM   589 C  CB  . SER A 1 108 ? -3.579  4.052   -10.914 1.00 43.05  ? 517 SER A CB  1 
ATOM   590 O  OG  . SER A 1 108 ? -4.816  3.370   -11.078 1.00 49.86  ? 517 SER A OG  1 
ATOM   591 N  N   . SER A 1 109 ? -5.506  6.705   -11.095 1.00 47.15  ? 518 SER A N   1 
ATOM   592 C  CA  . SER A 1 109 ? -6.006  7.835   -11.870 1.00 50.96  ? 518 SER A CA  1 
ATOM   593 C  C   . SER A 1 109 ? -5.173  9.075   -11.641 1.00 52.58  ? 518 SER A C   1 
ATOM   594 O  O   . SER A 1 109 ? -4.715  9.716   -12.572 1.00 54.22  ? 518 SER A O   1 
ATOM   595 C  CB  . SER A 1 109 ? -7.423  8.183   -11.441 1.00 50.29  ? 518 SER A CB  1 
ATOM   596 O  OG  . SER A 1 109 ? -8.298  7.282   -12.024 1.00 52.47  ? 518 SER A OG  1 
ATOM   597 N  N   . LYS A 1 110 ? -5.021  9.404   -10.374 1.00 54.75  ? 519 LYS A N   1 
ATOM   598 C  CA  . LYS A 1 110 ? -4.489  10.672  -9.970  1.00 59.90  ? 519 LYS A CA  1 
ATOM   599 C  C   . LYS A 1 110 ? -2.985  10.578  -9.709  1.00 55.96  ? 519 LYS A C   1 
ATOM   600 O  O   . LYS A 1 110 ? -2.407  11.512  -9.166  1.00 55.52  ? 519 LYS A O   1 
ATOM   601 C  CB  . LYS A 1 110 ? -5.206  11.119  -8.688  1.00 71.15  ? 519 LYS A CB  1 
ATOM   602 C  CG  . LYS A 1 110 ? -6.739  11.140  -8.753  1.00 80.81  ? 519 LYS A CG  1 
ATOM   603 C  CD  . LYS A 1 110 ? -7.311  12.527  -9.087  1.00 93.38  ? 519 LYS A CD  1 
ATOM   604 C  CE  . LYS A 1 110 ? -7.236  12.877  -10.577 1.00 100.22 ? 519 LYS A CE  1 
ATOM   605 N  NZ  . LYS A 1 110 ? -8.245  12.145  -11.403 1.00 102.87 ? 519 LYS A NZ  1 
ATOM   606 N  N   . ASP A 1 111 ? -2.354  9.462   -10.088 1.00 49.57  ? 520 ASP A N   1 
ATOM   607 C  CA  . ASP A 1 111 ? -0.936  9.239   -9.823  1.00 47.04  ? 520 ASP A CA  1 
ATOM   608 C  C   . ASP A 1 111 ? -0.626  9.469   -8.385  1.00 43.86  ? 520 ASP A C   1 
ATOM   609 O  O   . ASP A 1 111 ? 0.248   10.267  -8.052  1.00 41.92  ? 520 ASP A O   1 
ATOM   610 C  CB  . ASP A 1 111 ? -0.058  10.140  -10.678 1.00 49.70  ? 520 ASP A CB  1 
ATOM   611 C  CG  . ASP A 1 111 ? -0.047  9.703   -12.111 1.00 56.48  ? 520 ASP A CG  1 
ATOM   612 O  OD1 . ASP A 1 111 ? 0.450   8.596   -12.358 1.00 55.91  ? 520 ASP A OD1 1 
ATOM   613 O  OD2 . ASP A 1 111 ? -0.562  10.430  -12.983 1.00 65.46  ? 520 ASP A OD2 1 
ATOM   614 N  N   . ARG A 1 112 ? -1.358  8.769   -7.526  1.00 41.32  ? 521 ARG A N   1 
ATOM   615 C  CA  . ARG A 1 112 ? -1.186  8.909   -6.095  1.00 38.59  ? 521 ARG A CA  1 
ATOM   616 C  C   . ARG A 1 112 ? -0.986  7.567   -5.413  1.00 34.44  ? 521 ARG A C   1 
ATOM   617 O  O   . ARG A 1 112 ? -0.999  6.519   -6.059  1.00 33.96  ? 521 ARG A O   1 
ATOM   618 C  CB  . ARG A 1 112 ? -2.344  9.723   -5.505  1.00 44.58  ? 521 ARG A CB  1 
ATOM   619 C  CG  . ARG A 1 112 ? -2.029  11.232  -5.496  1.00 50.06  ? 521 ARG A CG  1 
ATOM   620 C  CD  . ARG A 1 112 ? -3.239  12.104  -5.793  1.00 59.42  ? 521 ARG A CD  1 
ATOM   621 N  NE  . ARG A 1 112 ? -3.179  13.411  -5.103  1.00 71.63  ? 521 ARG A NE  1 
ATOM   622 C  CZ  . ARG A 1 112 ? -4.242  14.156  -4.752  1.00 70.37  ? 521 ARG A CZ  1 
ATOM   623 N  NH1 . ARG A 1 112 ? -5.492  13.754  -5.032  1.00 73.91  ? 521 ARG A NH1 1 
ATOM   624 N  NH2 . ARG A 1 112 ? -4.058  15.315  -4.121  1.00 59.31  ? 521 ARG A NH2 1 
ATOM   625 N  N   . ALA A 1 113 ? -0.669  7.618   -4.131  1.00 31.09  ? 522 ALA A N   1 
ATOM   626 C  CA  . ALA A 1 113 ? -0.640  6.438   -3.309  1.00 30.89  ? 522 ALA A CA  1 
ATOM   627 C  C   . ALA A 1 113 ? -1.393  6.725   -2.034  1.00 31.01  ? 522 ALA A C   1 
ATOM   628 O  O   . ALA A 1 113 ? -1.474  7.874   -1.608  1.00 32.17  ? 522 ALA A O   1 
ATOM   629 C  CB  . ALA A 1 113 ? 0.775   6.047   -2.984  1.00 30.05  ? 522 ALA A CB  1 
ATOM   630 N  N   . GLY A 1 114 ? -1.927  5.689   -1.408  1.00 27.79  ? 523 GLY A N   1 
ATOM   631 C  CA  . GLY A 1 114 ? -2.674  5.887   -0.163  1.00 26.28  ? 523 GLY A CA  1 
ATOM   632 C  C   . GLY A 1 114 ? -1.701  5.853   0.996   1.00 26.61  ? 523 GLY A C   1 
ATOM   633 O  O   . GLY A 1 114 ? -0.574  5.415   0.829   1.00 28.67  ? 523 GLY A O   1 
ATOM   634 N  N   . VAL A 1 115 ? -2.157  6.315   2.157   1.00 25.03  ? 524 VAL A N   1 
ATOM   635 C  CA  . VAL A 1 115 ? -1.376  6.422   3.363   1.00 21.93  ? 524 VAL A CA  1 
ATOM   636 C  C   . VAL A 1 115 ? -2.216  5.786   4.481   1.00 21.65  ? 524 VAL A C   1 
ATOM   637 O  O   . VAL A 1 115 ? -3.393  6.106   4.672   1.00 21.70  ? 524 VAL A O   1 
ATOM   638 C  CB  . VAL A 1 115 ? -1.060  7.908   3.694   1.00 20.52  ? 524 VAL A CB  1 
ATOM   639 C  CG1 . VAL A 1 115 ? -0.253  8.029   4.965   1.00 19.82  ? 524 VAL A CG1 1 
ATOM   640 C  CG2 . VAL A 1 115 ? -0.309  8.585   2.574   1.00 20.41  ? 524 VAL A CG2 1 
ATOM   641 N  N   . ALA A 1 116 ? -1.576  4.888   5.210   1.00 22.06  ? 525 ALA A N   1 
ATOM   642 C  CA  . ALA A 1 116 ? -2.139  4.153   6.302   1.00 22.99  ? 525 ALA A CA  1 
ATOM   643 C  C   . ALA A 1 116 ? -1.006  3.942   7.277   1.00 24.74  ? 525 ALA A C   1 
ATOM   644 O  O   . ALA A 1 116 ? 0.091   4.432   7.056   1.00 22.00  ? 525 ALA A O   1 
ATOM   645 C  CB  . ALA A 1 116 ? -2.676  2.827   5.817   1.00 23.74  ? 525 ALA A CB  1 
ATOM   646 N  N   . LYS A 1 117 ? -1.283  3.201   8.348   1.00 30.17  ? 526 LYS A N   1 
ATOM   647 C  CA  . LYS A 1 117 ? -0.341  2.950   9.424   1.00 32.56  ? 526 LYS A CA  1 
ATOM   648 C  C   . LYS A 1 117 ? -0.317  1.496   9.876   1.00 35.40  ? 526 LYS A C   1 
ATOM   649 O  O   . LYS A 1 117 ? -1.341  0.820   9.951   1.00 35.56  ? 526 LYS A O   1 
ATOM   650 C  CB  . LYS A 1 117 ? -0.755  3.714   10.646  1.00 35.03  ? 526 LYS A CB  1 
ATOM   651 C  CG  . LYS A 1 117 ? -0.371  5.153   10.678  1.00 42.72  ? 526 LYS A CG  1 
ATOM   652 C  CD  . LYS A 1 117 ? -0.282  5.622   12.134  1.00 45.66  ? 526 LYS A CD  1 
ATOM   653 C  CE  . LYS A 1 117 ? 0.492   6.922   12.206  1.00 51.28  ? 526 LYS A CE  1 
ATOM   654 N  NZ  . LYS A 1 117 ? -0.094  7.891   11.228  1.00 54.99  ? 526 LYS A NZ  1 
ATOM   655 N  N   . LEU A 1 118 ? 0.840   1.045   10.310  1.00 35.30  ? 527 LEU A N   1 
ATOM   656 C  CA  . LEU A 1 118 ? 0.853   -0.166  11.031  1.00 36.14  ? 527 LEU A CA  1 
ATOM   657 C  C   . LEU A 1 118 ? 0.516   0.121   12.501  1.00 40.39  ? 527 LEU A C   1 
ATOM   658 O  O   . LEU A 1 118 ? 0.551   1.277   12.951  1.00 39.12  ? 527 LEU A O   1 
ATOM   659 C  CB  . LEU A 1 118 ? 2.210   -0.820  10.926  1.00 36.61  ? 527 LEU A CB  1 
ATOM   660 C  CG  . LEU A 1 118 ? 2.730   -0.977  9.528   1.00 38.59  ? 527 LEU A CG  1 
ATOM   661 C  CD1 . LEU A 1 118 ? 4.088   -1.672  9.553   1.00 40.88  ? 527 LEU A CD1 1 
ATOM   662 C  CD2 . LEU A 1 118 ? 1.715   -1.709  8.672   1.00 38.29  ? 527 LEU A CD2 1 
ATOM   663 N  N   . ASP A 1 119 ? 0.210   -0.965  13.223  1.00 45.19  ? 528 ASP A N   1 
ATOM   664 C  CA  . ASP A 1 119 ? 0.084   -1.010  14.686  1.00 47.72  ? 528 ASP A CA  1 
ATOM   665 C  C   . ASP A 1 119 ? 1.046   -0.085  15.414  1.00 45.31  ? 528 ASP A C   1 
ATOM   666 O  O   . ASP A 1 119 ? 0.657   0.748   16.241  1.00 48.60  ? 528 ASP A O   1 
ATOM   667 C  CB  . ASP A 1 119 ? 0.415   -2.439  15.155  1.00 55.72  ? 528 ASP A CB  1 
ATOM   668 C  CG  . ASP A 1 119 ? -0.757  -3.404  15.035  1.00 60.40  ? 528 ASP A CG  1 
ATOM   669 O  OD1 . ASP A 1 119 ? -1.899  -2.961  14.743  1.00 68.78  ? 528 ASP A OD1 1 
ATOM   670 O  OD2 . ASP A 1 119 ? -0.517  -4.615  15.260  1.00 59.39  ? 528 ASP A OD2 1 
ATOM   671 N  N   . ASP A 1 120 ? 2.325   -0.256  15.105  1.00 39.30  ? 529 ASP A N   1 
ATOM   672 C  CA  . ASP A 1 120 ? 3.368   0.451   15.808  1.00 35.68  ? 529 ASP A CA  1 
ATOM   673 C  C   . ASP A 1 120 ? 3.585   1.875   15.323  1.00 36.28  ? 529 ASP A C   1 
ATOM   674 O  O   . ASP A 1 120 ? 4.589   2.465   15.696  1.00 36.33  ? 529 ASP A O   1 
ATOM   675 C  CB  . ASP A 1 120 ? 4.691   -0.328  15.715  1.00 33.00  ? 529 ASP A CB  1 
ATOM   676 C  CG  . ASP A 1 120 ? 5.270   -0.354  14.327  1.00 35.65  ? 529 ASP A CG  1 
ATOM   677 O  OD1 . ASP A 1 120 ? 4.691   0.221   13.376  1.00 38.70  ? 529 ASP A OD1 1 
ATOM   678 O  OD2 . ASP A 1 120 ? 6.334   -0.965  14.163  1.00 36.12  ? 529 ASP A OD2 1 
ATOM   679 N  N   . GLY A 1 121 ? 2.714   2.407   14.451  1.00 35.18  ? 530 GLY A N   1 
ATOM   680 C  CA  . GLY A 1 121 ? 2.864   3.788   13.943  1.00 33.94  ? 530 GLY A CA  1 
ATOM   681 C  C   . GLY A 1 121 ? 3.618   3.980   12.622  1.00 31.50  ? 530 GLY A C   1 
ATOM   682 O  O   . GLY A 1 121 ? 3.605   5.065   12.045  1.00 32.14  ? 530 GLY A O   1 
ATOM   683 N  N   . THR A 1 122 ? 4.241   2.932   12.111  1.00 28.08  ? 531 THR A N   1 
ATOM   684 C  CA  . THR A 1 122 ? 4.953   3.029   10.851  1.00 26.69  ? 531 THR A CA  1 
ATOM   685 C  C   . THR A 1 122 ? 4.003   3.382   9.733   1.00 28.02  ? 531 THR A C   1 
ATOM   686 O  O   . THR A 1 122 ? 2.853   2.930   9.715   1.00 30.17  ? 531 THR A O   1 
ATOM   687 C  CB  . THR A 1 122 ? 5.609   1.706   10.472  1.00 27.60  ? 531 THR A CB  1 
ATOM   688 O  OG1 . THR A 1 122 ? 6.265   1.142   11.607  1.00 28.11  ? 531 THR A OG1 1 
ATOM   689 C  CG2 . THR A 1 122 ? 6.623   1.907   9.401   1.00 29.05  ? 531 THR A CG2 1 
ATOM   690 N  N   . THR A 1 123 ? 4.487   4.206   8.800   1.00 26.92  ? 532 THR A N   1 
ATOM   691 C  CA  . THR A 1 123 ? 3.694   4.638   7.685   1.00 22.44  ? 532 THR A CA  1 
ATOM   692 C  C   . THR A 1 123 ? 3.710   3.534   6.684   1.00 22.28  ? 532 THR A C   1 
ATOM   693 O  O   . THR A 1 123 ? 4.753   3.017   6.340   1.00 20.03  ? 532 THR A O   1 
ATOM   694 C  CB  . THR A 1 123 ? 4.251   5.937   7.100   1.00 21.30  ? 532 THR A CB  1 
ATOM   695 O  OG1 . THR A 1 123 ? 4.036   6.950   8.062   1.00 24.83  ? 532 THR A OG1 1 
ATOM   696 C  CG2 . THR A 1 123 ? 3.534   6.378   5.853   1.00 20.35  ? 532 THR A CG2 1 
ATOM   697 N  N   . LEU A 1 124 ? 2.518   3.206   6.208   1.00 24.23  ? 533 LEU A N   1 
ATOM   698 C  CA  . LEU A 1 124 ? 2.306   2.214   5.144   1.00 24.56  ? 533 LEU A CA  1 
ATOM   699 C  C   . LEU A 1 124 ? 1.639   2.867   3.915   1.00 24.74  ? 533 LEU A C   1 
ATOM   700 O  O   . LEU A 1 124 ? 0.638   3.512   4.051   1.00 23.37  ? 533 LEU A O   1 
ATOM   701 C  CB  . LEU A 1 124 ? 1.426   1.123   5.674   1.00 23.42  ? 533 LEU A CB  1 
ATOM   702 C  CG  . LEU A 1 124 ? 0.938   0.105   4.699   1.00 24.87  ? 533 LEU A CG  1 
ATOM   703 C  CD1 . LEU A 1 124 ? 2.089   -0.787  4.255   1.00 27.07  ? 533 LEU A CD1 1 
ATOM   704 C  CD2 . LEU A 1 124 ? -0.172  -0.692  5.366   1.00 24.84  ? 533 LEU A CD2 1 
ATOM   705 N  N   . PHE A 1 125 ? 2.219   2.693   2.726   1.00 24.42  ? 534 PHE A N   1 
ATOM   706 C  CA  . PHE A 1 125 ? 1.747   3.365   1.552   1.00 23.52  ? 534 PHE A CA  1 
ATOM   707 C  C   . PHE A 1 125 ? 1.053   2.321   0.725   1.00 22.23  ? 534 PHE A C   1 
ATOM   708 O  O   . PHE A 1 125 ? 1.502   1.191   0.632   1.00 21.89  ? 534 PHE A O   1 
ATOM   709 C  CB  . PHE A 1 125 ? 2.912   3.927   0.727   1.00 24.91  ? 534 PHE A CB  1 
ATOM   710 C  CG  . PHE A 1 125 ? 3.700   4.992   1.420   1.00 27.29  ? 534 PHE A CG  1 
ATOM   711 C  CD1 . PHE A 1 125 ? 3.285   6.333   1.376   1.00 27.66  ? 534 PHE A CD1 1 
ATOM   712 C  CD2 . PHE A 1 125 ? 4.879   4.676   2.103   1.00 27.30  ? 534 PHE A CD2 1 
ATOM   713 C  CE1 . PHE A 1 125 ? 4.027   7.317   2.014   1.00 29.94  ? 534 PHE A CE1 1 
ATOM   714 C  CE2 . PHE A 1 125 ? 5.601   5.672   2.744   1.00 26.77  ? 534 PHE A CE2 1 
ATOM   715 C  CZ  . PHE A 1 125 ? 5.185   6.976   2.701   1.00 26.59  ? 534 PHE A CZ  1 
ATOM   716 N  N   . LEU A 1 126 ? 0.009   2.733   0.056   1.00 19.87  ? 535 LEU A N   1 
ATOM   717 C  CA  . LEU A 1 126 ? -0.771  1.825   -0.691  1.00 19.22  ? 535 LEU A CA  1 
ATOM   718 C  C   . LEU A 1 126 ? -0.599  2.241   -2.111  1.00 19.56  ? 535 LEU A C   1 
ATOM   719 O  O   . LEU A 1 126 ? -1.157  3.289   -2.528  1.00 18.76  ? 535 LEU A O   1 
ATOM   720 C  CB  . LEU A 1 126 ? -2.222  1.976   -0.299  1.00 18.58  ? 535 LEU A CB  1 
ATOM   721 C  CG  . LEU A 1 126 ? -2.467  1.748   1.160   1.00 19.21  ? 535 LEU A CG  1 
ATOM   722 C  CD1 . LEU A 1 126 ? -3.939  2.029   1.443   1.00 19.79  ? 535 LEU A CD1 1 
ATOM   723 C  CD2 . LEU A 1 126 ? -2.073  0.325   1.593   1.00 19.39  ? 535 LEU A CD2 1 
ATOM   724 N  N   . VAL A 1 127 ? 0.141   1.431   -2.852  1.00 19.31  ? 536 VAL A N   1 
ATOM   725 C  CA  . VAL A 1 127 ? 0.609   1.836   -4.146  1.00 21.58  ? 536 VAL A CA  1 
ATOM   726 C  C   . VAL A 1 127 ? -0.126  1.012   -5.181  1.00 22.61  ? 536 VAL A C   1 
ATOM   727 O  O   . VAL A 1 127 ? -0.020  -0.193  -5.149  1.00 23.49  ? 536 VAL A O   1 
ATOM   728 C  CB  . VAL A 1 127 ? 2.156   1.599   -4.287  1.00 21.87  ? 536 VAL A CB  1 
ATOM   729 C  CG1 . VAL A 1 127 ? 2.702   2.120   -5.618  1.00 20.37  ? 536 VAL A CG1 1 
ATOM   730 C  CG2 . VAL A 1 127 ? 2.915   2.255   -3.156  1.00 21.72  ? 536 VAL A CG2 1 
ATOM   731 N  N   . PRO A 1 128 ? -0.821  1.656   -6.128  1.00 25.23  ? 537 PRO A N   1 
ATOM   732 C  CA  . PRO A 1 128 ? -1.528  0.887   -7.152  1.00 27.55  ? 537 PRO A CA  1 
ATOM   733 C  C   . PRO A 1 128 ? -0.582  0.601   -8.301  1.00 27.81  ? 537 PRO A C   1 
ATOM   734 O  O   . PRO A 1 128 ? 0.535   1.067   -8.283  1.00 27.94  ? 537 PRO A O   1 
ATOM   735 C  CB  . PRO A 1 128 ? -2.651  1.842   -7.607  1.00 26.76  ? 537 PRO A CB  1 
ATOM   736 C  CG  . PRO A 1 128 ? -2.003  3.204   -7.495  1.00 27.42  ? 537 PRO A CG  1 
ATOM   737 C  CD  . PRO A 1 128 ? -0.912  3.103   -6.410  1.00 27.22  ? 537 PRO A CD  1 
ATOM   738 N  N   . PRO A 1 129 ? -1.020  -0.185  -9.282  1.00 29.42  ? 538 PRO A N   1 
ATOM   739 C  CA  . PRO A 1 129 ? -0.201  -0.483  -10.462 1.00 28.86  ? 538 PRO A CA  1 
ATOM   740 C  C   . PRO A 1 129 ? 0.061   0.735   -11.323 1.00 29.74  ? 538 PRO A C   1 
ATOM   741 O  O   . PRO A 1 129 ? -0.867  1.498   -11.579 1.00 31.23  ? 538 PRO A O   1 
ATOM   742 C  CB  . PRO A 1 129 ? -1.065  -1.463  -11.234 1.00 29.79  ? 538 PRO A CB  1 
ATOM   743 C  CG  . PRO A 1 129 ? -1.931  -2.128  -10.205 1.00 30.27  ? 538 PRO A CG  1 
ATOM   744 C  CD  . PRO A 1 129 ? -2.129  -1.142  -9.092  1.00 27.93  ? 538 PRO A CD  1 
ATOM   745 N  N   . SER A 1 130 ? 1.313   0.902   -11.761 1.00 31.49  ? 539 SER A N   1 
ATOM   746 C  CA  . SER A 1 130 ? 1.750   1.997   -12.631 1.00 33.35  ? 539 SER A CA  1 
ATOM   747 C  C   . SER A 1 130 ? 3.250   1.843   -12.916 1.00 35.77  ? 539 SER A C   1 
ATOM   748 O  O   . SER A 1 130 ? 3.891   1.016   -12.299 1.00 35.71  ? 539 SER A O   1 
ATOM   749 C  CB  . SER A 1 130 ? 1.504   3.357   -11.965 1.00 31.80  ? 539 SER A CB  1 
ATOM   750 O  OG  . SER A 1 130 ? 2.216   3.419   -10.722 1.00 35.16  ? 539 SER A OG  1 
ATOM   751 N  N   . ASP A 1 131 ? 3.784   2.660   -13.830 1.00 39.23  ? 540 ASP A N   1 
ATOM   752 C  CA  . ASP A 1 131 ? 5.223   2.790   -14.099 1.00 39.75  ? 540 ASP A CA  1 
ATOM   753 C  C   . ASP A 1 131 ? 6.090   2.995   -12.866 1.00 35.83  ? 540 ASP A C   1 
ATOM   754 O  O   . ASP A 1 131 ? 7.280   2.654   -12.824 1.00 32.04  ? 540 ASP A O   1 
ATOM   755 C  CB  . ASP A 1 131 ? 5.458   4.035   -14.918 1.00 46.51  ? 540 ASP A CB  1 
ATOM   756 C  CG  . ASP A 1 131 ? 4.582   4.110   -16.088 1.00 51.84  ? 540 ASP A CG  1 
ATOM   757 O  OD1 . ASP A 1 131 ? 4.393   3.043   -16.684 1.00 54.45  ? 540 ASP A OD1 1 
ATOM   758 O  OD2 . ASP A 1 131 ? 4.080   5.216   -16.390 1.00 60.08  ? 540 ASP A OD2 1 
ATOM   759 N  N   . PHE A 1 132 ? 5.514   3.639   -11.886 1.00 29.86  ? 541 PHE A N   1 
ATOM   760 C  CA  . PHE A 1 132 ? 6.243   3.927   -10.691 1.00 30.00  ? 541 PHE A CA  1 
ATOM   761 C  C   . PHE A 1 132 ? 6.848   2.673   -10.038 1.00 32.07  ? 541 PHE A C   1 
ATOM   762 O  O   . PHE A 1 132 ? 7.878   2.721   -9.334  1.00 33.22  ? 541 PHE A O   1 
ATOM   763 C  CB  . PHE A 1 132 ? 5.260   4.599   -9.752  1.00 31.50  ? 541 PHE A CB  1 
ATOM   764 C  CG  . PHE A 1 132 ? 5.822   4.939   -8.429  1.00 32.37  ? 541 PHE A CG  1 
ATOM   765 C  CD1 . PHE A 1 132 ? 5.786   4.023   -7.395  1.00 32.61  ? 541 PHE A CD1 1 
ATOM   766 C  CD2 . PHE A 1 132 ? 6.390   6.189   -8.208  1.00 34.55  ? 541 PHE A CD2 1 
ATOM   767 C  CE1 . PHE A 1 132 ? 6.331   4.337   -6.161  1.00 34.69  ? 541 PHE A CE1 1 
ATOM   768 C  CE2 . PHE A 1 132 ? 6.919   6.518   -6.965  1.00 33.40  ? 541 PHE A CE2 1 
ATOM   769 C  CZ  . PHE A 1 132 ? 6.904   5.595   -5.947  1.00 32.93  ? 541 PHE A CZ  1 
ATOM   770 N  N   . LEU A 1 133 ? 6.184   1.542   -10.233 1.00 30.20  ? 542 LEU A N   1 
ATOM   771 C  CA  . LEU A 1 133 ? 6.586   0.331   -9.596  1.00 28.74  ? 542 LEU A CA  1 
ATOM   772 C  C   . LEU A 1 133 ? 7.894   -0.145  -10.199 1.00 30.46  ? 542 LEU A C   1 
ATOM   773 O  O   . LEU A 1 133 ? 8.756   -0.659  -9.476  1.00 32.40  ? 542 LEU A O   1 
ATOM   774 C  CB  . LEU A 1 133 ? 5.514   -0.742  -9.794  1.00 30.00  ? 542 LEU A CB  1 
ATOM   775 C  CG  . LEU A 1 133 ? 4.166   -0.697  -9.064  1.00 29.36  ? 542 LEU A CG  1 
ATOM   776 C  CD1 . LEU A 1 133 ? 3.254   -1.859  -9.444  1.00 28.06  ? 542 LEU A CD1 1 
ATOM   777 C  CD2 . LEU A 1 133 ? 4.419   -0.704  -7.562  1.00 30.33  ? 542 LEU A CD2 1 
ATOM   778 N  N   . THR A 1 134 ? 8.026   -0.009  -11.523 1.00 28.76  ? 543 THR A N   1 
ATOM   779 C  CA  . THR A 1 134 ? 9.239   -0.454  -12.234 1.00 28.70  ? 543 THR A CA  1 
ATOM   780 C  C   . THR A 1 134 ? 10.320  0.634   -12.286 1.00 28.99  ? 543 THR A C   1 
ATOM   781 O  O   . THR A 1 134 ? 11.435  0.323   -12.030 1.00 27.11  ? 543 THR A O   1 
ATOM   782 C  CB  . THR A 1 134 ? 8.929   -0.962  -13.662 1.00 26.63  ? 543 THR A CB  1 
ATOM   783 O  OG1 . THR A 1 134 ? 7.967   -0.123  -14.218 1.00 25.72  ? 543 THR A OG1 1 
ATOM   784 C  CG2 . THR A 1 134 ? 8.297   -2.365  -13.655 1.00 27.62  ? 543 THR A CG2 1 
ATOM   785 N  N   . ASP A 1 135 ? 9.977   1.889   -12.589 1.00 31.74  ? 544 ASP A N   1 
ATOM   786 C  CA  . ASP A 1 135 ? 10.949  2.981   -12.696 1.00 34.39  ? 544 ASP A CA  1 
ATOM   787 C  C   . ASP A 1 135 ? 11.595  3.409   -11.373 1.00 37.57  ? 544 ASP A C   1 
ATOM   788 O  O   . ASP A 1 135 ? 12.798  3.656   -11.321 1.00 41.36  ? 544 ASP A O   1 
ATOM   789 C  CB  . ASP A 1 135 ? 10.314  4.227   -13.282 1.00 35.70  ? 544 ASP A CB  1 
ATOM   790 C  CG  . ASP A 1 135 ? 9.579   3.960   -14.578 1.00 38.11  ? 544 ASP A CG  1 
ATOM   791 O  OD1 . ASP A 1 135 ? 9.784   2.894   -15.185 1.00 37.70  ? 544 ASP A OD1 1 
ATOM   792 O  OD2 . ASP A 1 135 ? 8.763   4.818   -14.963 1.00 40.96  ? 544 ASP A OD2 1 
ATOM   793 N  N   . VAL A 1 136 ? 10.790  3.514   -10.322 1.00 36.95  ? 545 VAL A N   1 
ATOM   794 C  CA  . VAL A 1 136 ? 11.233  4.030   -9.028  1.00 33.05  ? 545 VAL A CA  1 
ATOM   795 C  C   . VAL A 1 136 ? 11.474  2.887   -8.040  1.00 33.30  ? 545 VAL A C   1 
ATOM   796 O  O   . VAL A 1 136 ? 12.609  2.645   -7.639  1.00 45.56  ? 545 VAL A O   1 
ATOM   797 C  CB  . VAL A 1 136 ? 10.212  5.067   -8.503  1.00 32.62  ? 545 VAL A CB  1 
ATOM   798 C  CG1 . VAL A 1 136 ? 10.561  5.589   -7.132  1.00 31.18  ? 545 VAL A CG1 1 
ATOM   799 C  CG2 . VAL A 1 136 ? 10.082  6.216   -9.479  1.00 31.43  ? 545 VAL A CG2 1 
ATOM   800 N  N   . LEU A 1 137 ? 10.464  2.146   -7.641  1.00 31.62  ? 546 LEU A N   1 
ATOM   801 C  CA  . LEU A 1 137 ? 10.768  1.061   -6.710  1.00 33.84  ? 546 LEU A CA  1 
ATOM   802 C  C   . LEU A 1 137 ? 11.580  -0.053  -7.309  1.00 31.66  ? 546 LEU A C   1 
ATOM   803 O  O   . LEU A 1 137 ? 12.075  -0.876  -6.574  1.00 33.98  ? 546 LEU A O   1 
ATOM   804 C  CB  . LEU A 1 137 ? 9.515   0.392   -6.143  1.00 39.57  ? 546 LEU A CB  1 
ATOM   805 C  CG  . LEU A 1 137 ? 8.358   1.205   -5.562  1.00 42.80  ? 546 LEU A CG  1 
ATOM   806 C  CD1 . LEU A 1 137 ? 7.431   0.217   -4.855  1.00 41.95  ? 546 LEU A CD1 1 
ATOM   807 C  CD2 . LEU A 1 137 ? 8.837   2.332   -4.642  1.00 44.26  ? 546 LEU A CD2 1 
ATOM   808 N  N   . GLN A 1 138 ? 11.638  -0.133  -8.635  1.00 30.58  ? 547 GLN A N   1 
ATOM   809 C  CA  . GLN A 1 138 ? 12.389  -1.184  -9.360  1.00 28.83  ? 547 GLN A CA  1 
ATOM   810 C  C   . GLN A 1 138 ? 12.012  -2.559  -8.873  1.00 28.33  ? 547 GLN A C   1 
ATOM   811 O  O   . GLN A 1 138 ? 12.847  -3.310  -8.366  1.00 30.98  ? 547 GLN A O   1 
ATOM   812 C  CB  . GLN A 1 138 ? 13.907  -0.951  -9.321  1.00 27.10  ? 547 GLN A CB  1 
ATOM   813 C  CG  . GLN A 1 138 ? 14.269  0.508   -9.517  1.00 29.14  ? 547 GLN A CG  1 
ATOM   814 C  CD  . GLN A 1 138 ? 15.759  0.782   -9.413  1.00 29.97  ? 547 GLN A CD  1 
ATOM   815 O  OE1 . GLN A 1 138 ? 16.573  0.079   -10.014 1.00 29.58  ? 547 GLN A OE1 1 
ATOM   816 N  NE2 . GLN A 1 138 ? 16.120  1.808   -8.654  1.00 28.94  ? 547 GLN A NE2 1 
ATOM   817 N  N   . VAL A 1 139 ? 10.726  -2.862  -9.012  1.00 27.71  ? 548 VAL A N   1 
ATOM   818 C  CA  . VAL A 1 139 ? 10.213  -4.190  -8.759  1.00 27.03  ? 548 VAL A CA  1 
ATOM   819 C  C   . VAL A 1 139 ? 9.321   -4.571  -9.869  1.00 28.50  ? 548 VAL A C   1 
ATOM   820 O  O   . VAL A 1 139 ? 8.874   -3.730  -10.689 1.00 25.15  ? 548 VAL A O   1 
ATOM   821 C  CB  . VAL A 1 139 ? 9.380   -4.337  -7.460  1.00 27.70  ? 548 VAL A CB  1 
ATOM   822 C  CG1 . VAL A 1 139 ? 10.230  -4.100  -6.206  1.00 27.78  ? 548 VAL A CG1 1 
ATOM   823 C  CG2 . VAL A 1 139 ? 8.167   -3.441  -7.464  1.00 27.40  ? 548 VAL A CG2 1 
ATOM   824 N  N   . THR A 1 140 ? 9.096   -5.873  -9.893  1.00 30.90  ? 549 THR A N   1 
ATOM   825 C  CA  . THR A 1 140 ? 8.205   -6.456  -10.823 1.00 35.56  ? 549 THR A CA  1 
ATOM   826 C  C   . THR A 1 140 ? 6.845   -5.825  -10.651 1.00 35.25  ? 549 THR A C   1 
ATOM   827 O  O   . THR A 1 140 ? 6.395   -5.542  -9.538  1.00 39.53  ? 549 THR A O   1 
ATOM   828 C  CB  . THR A 1 140 ? 8.157   -7.964  -10.608 1.00 38.48  ? 549 THR A CB  1 
ATOM   829 O  OG1 . THR A 1 140 ? 9.434   -8.475  -11.018 1.00 44.81  ? 549 THR A OG1 1 
ATOM   830 C  CG2 . THR A 1 140 ? 6.982   -8.626  -11.421 1.00 36.85  ? 549 THR A CG2 1 
ATOM   831 N  N   . ARG A 1 141 ? 6.203   -5.574  -11.768 1.00 32.46  ? 550 ARG A N   1 
ATOM   832 C  CA  . ARG A 1 141 ? 4.913   -4.986  -11.742 1.00 30.87  ? 550 ARG A CA  1 
ATOM   833 C  C   . ARG A 1 141 ? 3.874   -6.061  -11.855 1.00 31.02  ? 550 ARG A C   1 
ATOM   834 O  O   . ARG A 1 141 ? 4.031   -7.016  -12.577 1.00 30.34  ? 550 ARG A O   1 
ATOM   835 C  CB  . ARG A 1 141 ? 4.758   -4.037  -12.892 1.00 31.11  ? 550 ARG A CB  1 
ATOM   836 C  CG  . ARG A 1 141 ? 3.312   -3.710  -13.144 1.00 30.41  ? 550 ARG A CG  1 
ATOM   837 C  CD  . ARG A 1 141 ? 3.257   -2.412  -13.844 1.00 30.02  ? 550 ARG A CD  1 
ATOM   838 N  NE  . ARG A 1 141 ? 1.909   -2.086  -14.140 1.00 31.05  ? 550 ARG A NE  1 
ATOM   839 C  CZ  . ARG A 1 141 ? 1.543   -1.003  -14.792 1.00 33.67  ? 550 ARG A CZ  1 
ATOM   840 N  NH1 . ARG A 1 141 ? 2.444   -0.132  -15.233 1.00 37.09  ? 550 ARG A NH1 1 
ATOM   841 N  NH2 . ARG A 1 141 ? 0.261   -0.798  -14.993 1.00 33.30  ? 550 ARG A NH2 1 
ATOM   842 N  N   . GLN A 1 142 ? 2.788   -5.846  -11.132 1.00 33.89  ? 551 GLN A N   1 
ATOM   843 C  CA  . GLN A 1 142 ? 1.669   -6.757  -11.015 1.00 30.70  ? 551 GLN A CA  1 
ATOM   844 C  C   . GLN A 1 142 ? 0.407   -5.925  -10.867 1.00 29.61  ? 551 GLN A C   1 
ATOM   845 O  O   . GLN A 1 142 ? 0.436   -4.882  -10.243 1.00 25.84  ? 551 GLN A O   1 
ATOM   846 C  CB  . GLN A 1 142 ? 1.796   -7.573  -9.755  1.00 27.30  ? 551 GLN A CB  1 
ATOM   847 C  CG  . GLN A 1 142 ? 2.902   -8.585  -9.750  1.00 26.76  ? 551 GLN A CG  1 
ATOM   848 C  CD  . GLN A 1 142 ? 2.677   -9.642  -8.636  1.00 26.34  ? 551 GLN A CD  1 
ATOM   849 O  OE1 . GLN A 1 142 ? 3.603   -10.258 -8.181  1.00 28.66  ? 551 GLN A OE1 1 
ATOM   850 N  NE2 . GLN A 1 142 ? 1.458   -9.823  -8.209  1.00 24.91  ? 551 GLN A NE2 1 
ATOM   851 N  N   . GLU A 1 143 ? -0.706  -6.434  -11.385 1.00 31.55  ? 552 GLU A N   1 
ATOM   852 C  CA  . GLU A 1 143 ? -1.995  -5.781  -11.239 1.00 31.82  ? 552 GLU A CA  1 
ATOM   853 C  C   . GLU A 1 143 ? -2.526  -6.098  -9.830  1.00 30.65  ? 552 GLU A C   1 
ATOM   854 O  O   . GLU A 1 143 ? -3.431  -6.902  -9.669  1.00 32.59  ? 552 GLU A O   1 
ATOM   855 C  CB  . GLU A 1 143 ? -2.945  -6.235  -12.366 1.00 31.90  ? 552 GLU A CB  1 
ATOM   856 C  CG  . GLU A 1 143 ? -4.006  -5.205  -12.768 1.00 34.52  ? 552 GLU A CG  1 
ATOM   857 C  CD  . GLU A 1 143 ? -3.445  -3.808  -13.128 1.00 37.70  ? 552 GLU A CD  1 
ATOM   858 O  OE1 . GLU A 1 143 ? -2.265  -3.620  -13.601 1.00 35.75  ? 552 GLU A OE1 1 
ATOM   859 O  OE2 . GLU A 1 143 ? -4.228  -2.864  -12.918 1.00 41.18  ? 552 GLU A OE2 1 
ATOM   860 N  N   . ARG A 1 144 ? -1.897  -5.494  -8.825  1.00 27.63  ? 553 ARG A N   1 
ATOM   861 C  CA  . ARG A 1 144 ? -2.183  -5.717  -7.411  1.00 26.78  ? 553 ARG A CA  1 
ATOM   862 C  C   . ARG A 1 144 ? -1.902  -4.453  -6.633  1.00 26.10  ? 553 ARG A C   1 
ATOM   863 O  O   . ARG A 1 144 ? -1.148  -3.604  -7.097  1.00 31.71  ? 553 ARG A O   1 
ATOM   864 C  CB  . ARG A 1 144 ? -1.260  -6.760  -6.800  1.00 27.26  ? 553 ARG A CB  1 
ATOM   865 C  CG  . ARG A 1 144 ? -1.381  -8.140  -7.370  1.00 27.85  ? 553 ARG A CG  1 
ATOM   866 C  CD  . ARG A 1 144 ? -2.775  -8.766  -7.178  1.00 27.97  ? 553 ARG A CD  1 
ATOM   867 N  NE  . ARG A 1 144 ? -2.726  -10.137 -7.664  1.00 24.90  ? 553 ARG A NE  1 
ATOM   868 C  CZ  . ARG A 1 144 ? -2.940  -10.466 -8.915  1.00 23.85  ? 553 ARG A CZ  1 
ATOM   869 N  NH1 . ARG A 1 144 ? -3.277  -9.559  -9.820  1.00 24.36  ? 553 ARG A NH1 1 
ATOM   870 N  NH2 . ARG A 1 144 ? -2.818  -11.713 -9.262  1.00 24.12  ? 553 ARG A NH2 1 
ATOM   871 N  N   . LEU A 1 145 ? -2.496  -4.311  -5.463  1.00 23.50  ? 554 LEU A N   1 
ATOM   872 C  CA  . LEU A 1 145 ? -2.210  -3.175  -4.633  1.00 23.93  ? 554 LEU A CA  1 
ATOM   873 C  C   . LEU A 1 145 ? -0.995  -3.561  -3.789  1.00 24.64  ? 554 LEU A C   1 
ATOM   874 O  O   . LEU A 1 145 ? -0.964  -4.642  -3.208  1.00 27.53  ? 554 LEU A O   1 
ATOM   875 C  CB  . LEU A 1 145 ? -3.407  -2.870  -3.750  1.00 23.30  ? 554 LEU A CB  1 
ATOM   876 C  CG  . LEU A 1 145 ? -3.354  -1.641  -2.821  1.00 22.95  ? 554 LEU A CG  1 
ATOM   877 C  CD1 . LEU A 1 145 ? -3.297  -0.355  -3.631  1.00 22.31  ? 554 LEU A CD1 1 
ATOM   878 C  CD2 . LEU A 1 145 ? -4.540  -1.562  -1.824  1.00 22.20  ? 554 LEU A CD2 1 
ATOM   879 N  N   . TYR A 1 146 ? 0.017   -2.714  -3.734  1.00 24.08  ? 555 TYR A N   1 
ATOM   880 C  CA  . TYR A 1 146 ? 1.191   -3.023  -2.914  1.00 23.95  ? 555 TYR A CA  1 
ATOM   881 C  C   . TYR A 1 146 ? 1.145   -2.223  -1.642  1.00 22.76  ? 555 TYR A C   1 
ATOM   882 O  O   . TYR A 1 146 ? 0.856   -1.040  -1.671  1.00 22.23  ? 555 TYR A O   1 
ATOM   883 C  CB  . TYR A 1 146 ? 2.457   -2.618  -3.627  1.00 24.28  ? 555 TYR A CB  1 
ATOM   884 C  CG  . TYR A 1 146 ? 2.814   -3.365  -4.889  1.00 23.07  ? 555 TYR A CG  1 
ATOM   885 C  CD1 . TYR A 1 146 ? 1.942   -3.461  -5.955  1.00 22.37  ? 555 TYR A CD1 1 
ATOM   886 C  CD2 . TYR A 1 146 ? 4.087   -3.886  -5.043  1.00 23.92  ? 555 TYR A CD2 1 
ATOM   887 C  CE1 . TYR A 1 146 ? 2.324   -4.123  -7.123  1.00 23.95  ? 555 TYR A CE1 1 
ATOM   888 C  CE2 . TYR A 1 146 ? 4.475   -4.543  -6.197  1.00 25.36  ? 555 TYR A CE2 1 
ATOM   889 C  CZ  . TYR A 1 146 ? 3.600   -4.648  -7.245  1.00 24.35  ? 555 TYR A CZ  1 
ATOM   890 O  OH  . TYR A 1 146 ? 4.038   -5.279  -8.380  1.00 24.27  ? 555 TYR A OH  1 
ATOM   891 N  N   . GLY A 1 147 ? 1.390   -2.888  -0.533  1.00 22.53  ? 556 GLY A N   1 
ATOM   892 C  CA  . GLY A 1 147 ? 1.677   -2.217  0.716   1.00 22.21  ? 556 GLY A CA  1 
ATOM   893 C  C   . GLY A 1 147 ? 3.184   -2.069  0.785   1.00 22.59  ? 556 GLY A C   1 
ATOM   894 O  O   . GLY A 1 147 ? 3.901   -3.075  0.593   1.00 23.16  ? 556 GLY A O   1 
ATOM   895 N  N   . VAL A 1 148 ? 3.652   -0.837  1.064   1.00 22.08  ? 557 VAL A N   1 
ATOM   896 C  CA  . VAL A 1 148 ? 5.059   -0.475  1.003   1.00 21.76  ? 557 VAL A CA  1 
ATOM   897 C  C   . VAL A 1 148 ? 5.460   0.296   2.227   1.00 22.48  ? 557 VAL A C   1 
ATOM   898 O  O   . VAL A 1 148 ? 4.817   1.280   2.571   1.00 24.65  ? 557 VAL A O   1 
ATOM   899 C  CB  . VAL A 1 148 ? 5.352   0.399   -0.200  1.00 23.32  ? 557 VAL A CB  1 
ATOM   900 C  CG1 . VAL A 1 148 ? 6.843   0.448   -0.439  1.00 22.99  ? 557 VAL A CG1 1 
ATOM   901 C  CG2 . VAL A 1 148 ? 4.650   -0.136  -1.461  1.00 25.64  ? 557 VAL A CG2 1 
ATOM   902 N  N   . VAL A 1 149 ? 6.506   -0.169  2.899   1.00 23.28  ? 558 VAL A N   1 
ATOM   903 C  CA  . VAL A 1 149 ? 7.116   0.504   4.038   1.00 23.67  ? 558 VAL A CA  1 
ATOM   904 C  C   . VAL A 1 149 ? 8.543   0.884   3.662   1.00 25.93  ? 558 VAL A C   1 
ATOM   905 O  O   . VAL A 1 149 ? 9.290   0.078   3.117   1.00 28.94  ? 558 VAL A O   1 
ATOM   906 C  CB  . VAL A 1 149 ? 7.207   -0.420  5.246   1.00 24.87  ? 558 VAL A CB  1 
ATOM   907 C  CG1 . VAL A 1 149 ? 8.079   0.183   6.381   1.00 25.60  ? 558 VAL A CG1 1 
ATOM   908 C  CG2 . VAL A 1 149 ? 5.807   -0.709  5.746   1.00 25.83  ? 558 VAL A CG2 1 
ATOM   909 N  N   . LEU A 1 150 ? 8.907   2.119   3.942   1.00 25.83  ? 559 LEU A N   1 
ATOM   910 C  CA  . LEU A 1 150 ? 10.208  2.642   3.627   1.00 25.98  ? 559 LEU A CA  1 
ATOM   911 C  C   . LEU A 1 150 ? 10.910  2.864   4.912   1.00 26.54  ? 559 LEU A C   1 
ATOM   912 O  O   . LEU A 1 150 ? 10.336  3.400   5.848   1.00 25.83  ? 559 LEU A O   1 
ATOM   913 C  CB  . LEU A 1 150 ? 10.086  3.973   2.907   1.00 24.56  ? 559 LEU A CB  1 
ATOM   914 C  CG  . LEU A 1 150 ? 9.424   3.881   1.568   1.00 24.67  ? 559 LEU A CG  1 
ATOM   915 C  CD1 . LEU A 1 150 ? 9.693   5.149   0.797   1.00 24.55  ? 559 LEU A CD1 1 
ATOM   916 C  CD2 . LEU A 1 150 ? 9.909   2.694   0.745   1.00 25.65  ? 559 LEU A CD2 1 
ATOM   917 N  N   . LYS A 1 151 ? 12.153  2.438   4.972   1.00 28.91  ? 560 LYS A N   1 
ATOM   918 C  CA  . LYS A 1 151 ? 12.955  2.642   6.165   1.00 32.20  ? 560 LYS A CA  1 
ATOM   919 C  C   . LYS A 1 151 ? 13.941  3.729   5.758   1.00 26.97  ? 560 LYS A C   1 
ATOM   920 O  O   . LYS A 1 151 ? 14.667  3.576   4.806   1.00 27.28  ? 560 LYS A O   1 
ATOM   921 C  CB  . LYS A 1 151 ? 13.635  1.318   6.589   1.00 39.06  ? 560 LYS A CB  1 
ATOM   922 C  CG  . LYS A 1 151 ? 13.485  0.926   8.068   1.00 48.69  ? 560 LYS A CG  1 
ATOM   923 C  CD  . LYS A 1 151 ? 14.785  0.305   8.673   1.00 55.49  ? 560 LYS A CD  1 
ATOM   924 C  CE  . LYS A 1 151 ? 15.302  1.039   9.934   1.00 56.52  ? 560 LYS A CE  1 
ATOM   925 N  NZ  . LYS A 1 151 ? 15.178  2.546   9.854   1.00 53.59  ? 560 LYS A NZ  1 
ATOM   926 N  N   . LEU A 1 152 ? 13.915  4.859   6.421   1.00 25.38  ? 561 LEU A N   1 
ATOM   927 C  CA  . LEU A 1 152 ? 14.859  5.902   6.117   1.00 25.04  ? 561 LEU A CA  1 
ATOM   928 C  C   . LEU A 1 152 ? 16.071  5.824   7.022   1.00 24.21  ? 561 LEU A C   1 
ATOM   929 O  O   . LEU A 1 152 ? 16.106  5.060   7.975   1.00 23.28  ? 561 LEU A O   1 
ATOM   930 C  CB  . LEU A 1 152 ? 14.194  7.233   6.257   1.00 26.80  ? 561 LEU A CB  1 
ATOM   931 C  CG  . LEU A 1 152 ? 13.110  7.447   5.203   1.00 32.92  ? 561 LEU A CG  1 
ATOM   932 C  CD1 . LEU A 1 152 ? 12.173  8.577   5.645   1.00 38.16  ? 561 LEU A CD1 1 
ATOM   933 C  CD2 . LEU A 1 152 ? 13.656  7.781   3.843   1.00 32.39  ? 561 LEU A CD2 1 
ATOM   934 N  N   . PRO A 1 153 ? 17.109  6.582   6.704   1.00 26.21  ? 562 PRO A N   1 
ATOM   935 C  CA  . PRO A 1 153 ? 18.289  6.370   7.545   1.00 28.26  ? 562 PRO A CA  1 
ATOM   936 C  C   . PRO A 1 153 ? 17.998  6.808   8.951   1.00 28.38  ? 562 PRO A C   1 
ATOM   937 O  O   . PRO A 1 153 ? 17.303  7.791   9.135   1.00 32.85  ? 562 PRO A O   1 
ATOM   938 C  CB  . PRO A 1 153 ? 19.307  7.301   6.915   1.00 28.52  ? 562 PRO A CB  1 
ATOM   939 C  CG  . PRO A 1 153 ? 18.850  7.450   5.482   1.00 26.12  ? 562 PRO A CG  1 
ATOM   940 C  CD  . PRO A 1 153 ? 17.385  7.555   5.620   1.00 25.64  ? 562 PRO A CD  1 
ATOM   941 N  N   . PRO A 1 154 ? 18.484  6.083   9.939   1.00 27.46  ? 563 PRO A N   1 
ATOM   942 C  CA  . PRO A 1 154 ? 18.365  6.566   11.315  1.00 28.45  ? 563 PRO A CA  1 
ATOM   943 C  C   . PRO A 1 154 ? 19.338  7.687   11.615  1.00 28.38  ? 563 PRO A C   1 
ATOM   944 O  O   . PRO A 1 154 ? 20.267  7.900   10.846  1.00 30.63  ? 563 PRO A O   1 
ATOM   945 C  CB  . PRO A 1 154 ? 18.755  5.371   12.147  1.00 28.47  ? 563 PRO A CB  1 
ATOM   946 C  CG  . PRO A 1 154 ? 18.565  4.211   11.244  1.00 29.39  ? 563 PRO A CG  1 
ATOM   947 C  CD  . PRO A 1 154 ? 18.898  4.692   9.878   1.00 28.87  ? 563 PRO A CD  1 
ATOM   948 N  N   . PRO A 1 155 ? 19.158  8.369   12.755  1.00 26.71  ? 564 PRO A N   1 
ATOM   949 C  CA  . PRO A 1 155 ? 20.157  9.343   13.222  1.00 27.21  ? 564 PRO A CA  1 
ATOM   950 C  C   . PRO A 1 155 ? 21.551  8.731   13.487  1.00 28.98  ? 564 PRO A C   1 
ATOM   951 O  O   . PRO A 1 155 ? 21.663  7.516   13.791  1.00 29.01  ? 564 PRO A O   1 
ATOM   952 C  CB  . PRO A 1 155 ? 19.559  9.833   14.541  1.00 26.58  ? 564 PRO A CB  1 
ATOM   953 C  CG  . PRO A 1 155 ? 18.145  9.336   14.582  1.00 25.89  ? 564 PRO A CG  1 
ATOM   954 C  CD  . PRO A 1 155 ? 18.169  8.074   13.802  1.00 25.46  ? 564 PRO A CD  1 
ATOM   955 N  N   . ALA A 1 156 ? 22.597  9.559   13.377  1.00 32.07  ? 565 ALA A N   1 
ATOM   956 C  CA  . ALA A 1 156 ? 24.000  9.151   13.729  1.00 32.19  ? 565 ALA A CA  1 
ATOM   957 C  C   . ALA A 1 156 ? 24.073  8.313   15.060  1.00 34.15  ? 565 ALA A C   1 
ATOM   958 O  O   . ALA A 1 156 ? 24.497  7.149   15.062  1.00 31.60  ? 565 ALA A O   1 
ATOM   959 C  CB  . ALA A 1 156 ? 24.894  10.395  13.825  1.00 29.60  ? 565 ALA A CB  1 
# 
